data_3WF3
#
_entry.id   3WF3
#
_cell.length_a   94.960
_cell.length_b   115.888
_cell.length_c   140.284
_cell.angle_alpha   90.00
_cell.angle_beta   92.23
_cell.angle_gamma   90.00
#
_symmetry.space_group_name_H-M   'P 1 21 1'
#
loop_
_entity.id
_entity.type
_entity.pdbx_description
1 polymer Beta-galactosidase
2 non-polymer 2-acetamido-2-deoxy-beta-D-glucopyranose
3 non-polymer beta-D-galactopyranose
4 non-polymer 'CHLORIDE ION'
5 non-polymer 'SULFATE ION'
6 non-polymer 1,2-ETHANEDIOL
7 water water
#
_entity_poly.entity_id   1
_entity_poly.type   'polypeptide(L)'
_entity_poly.pdbx_seq_one_letter_code
;EAEAYVEFHHHHHHDYKDDDDKTSLRNATQRMFEIDYSRDSFLKDGQPFRYTSGSIHYSRVPRFYWKDRLLKMKMAGLNA
IQTYVPWNFHEPWPGQYQFSEDHDVEYFLRLAHELGLLVILRPGPYICAEWEMGGLPAWLLEKESILLRSSDPDYLAAVD
KWLGVLLPKMKPLLYQNGGPVITVQVENEYGSYFACDFDYLRFLQKRFRHHLGDDVVLFTTDGAHKTFLKCGALQGLYTT
VDFGTGSNITDAFLSQRKCEPKGPLINSEFYTGWLDHWGQPHSTIKTEAVASSLYDILARGASVNLYMFIGGTNFAYWNG
ANSPYAAQPTSYDYDAPLSEAGDLTEKYFALRNIIQKFEKVPEGPIPPSTPKFAYGKVTLEKLKTVGAALDILCPSGPIK
SLYPLTFIQVKQHYGFVLYRTTLPQDCSNPAPLSSPLNGVHDRAYVAVDGIPQGVLERNNVITLNITGKAGATLDLLVEN
MGRVNYGAYINDFKGLVSNLTLSSNILTDWTIFPLDTEDAVRSHLGGWGHRDSGHHDEAWAHNSSNYTLPAFYMGNFSIP
SGIPDLPQDTFIQFPGWTKGQVWINGFNLGRYWPARGPQLTLFVPQHILMTSAPNTITVLELEWAPCSSDDPELCAVTFV
DRPVIGSSVTYDHPSKPVEKRLMPPPPQKNKDSWLDHV
;
_entity_poly.pdbx_strand_id   A,B,C,D
#
loop_
_chem_comp.id
_chem_comp.type
_chem_comp.name
_chem_comp.formula
CL non-polymer 'CHLORIDE ION' 'Cl -1'
EDO non-polymer 1,2-ETHANEDIOL 'C2 H6 O2'
GAL D-saccharide, beta linking beta-D-galactopyranose 'C6 H12 O6'
NAG D-saccharide, beta linking 2-acetamido-2-deoxy-beta-D-glucopyranose 'C8 H15 N O6'
SO4 non-polymer 'SULFATE ION' 'O4 S -2'
#
# COMPACT_ATOMS: atom_id res chain seq x y z
N GLN A 30 0.25 -34.41 30.38
CA GLN A 30 1.66 -34.35 29.91
C GLN A 30 1.88 -35.18 28.64
N ARG A 31 2.43 -34.50 27.63
CA ARG A 31 2.57 -35.08 26.30
C ARG A 31 3.93 -35.71 26.14
N MET A 32 3.94 -36.85 25.47
CA MET A 32 5.15 -37.68 25.30
C MET A 32 5.37 -38.02 23.83
N PHE A 33 6.63 -37.89 23.40
CA PHE A 33 7.08 -38.48 22.17
C PHE A 33 8.43 -39.19 22.34
N GLU A 34 8.53 -40.44 21.90
CA GLU A 34 9.69 -41.28 22.17
C GLU A 34 9.84 -42.39 21.13
N ILE A 35 11.05 -42.88 20.94
CA ILE A 35 11.32 -44.13 20.23
C ILE A 35 11.01 -45.31 21.17
N ASP A 36 10.19 -46.27 20.73
CA ASP A 36 10.04 -47.55 21.42
C ASP A 36 10.95 -48.58 20.77
N TYR A 37 12.03 -48.87 21.45
CA TYR A 37 12.98 -49.84 20.98
C TYR A 37 12.44 -51.28 20.94
N SER A 38 11.72 -51.72 21.98
CA SER A 38 11.17 -53.11 21.96
C SER A 38 10.34 -53.38 20.69
N ARG A 39 9.57 -52.39 20.25
CA ARG A 39 8.60 -52.62 19.14
C ARG A 39 8.95 -51.93 17.83
N ASP A 40 10.17 -51.42 17.73
CA ASP A 40 10.64 -50.80 16.49
C ASP A 40 9.70 -49.68 16.01
N SER A 41 9.29 -48.85 16.94
CA SER A 41 8.19 -47.91 16.69
C SER A 41 8.40 -46.58 17.42
N PHE A 42 7.69 -45.56 16.98
CA PHE A 42 7.60 -44.34 17.77
C PHE A 42 6.39 -44.48 18.70
N LEU A 43 6.47 -43.88 19.88
CA LEU A 43 5.29 -43.76 20.73
C LEU A 43 4.88 -42.31 20.90
N LYS A 44 3.62 -42.02 20.56
CA LYS A 44 3.04 -40.70 20.74
C LYS A 44 1.94 -40.74 21.80
N ASP A 45 2.19 -40.10 22.93
CA ASP A 45 1.28 -40.18 24.06
C ASP A 45 0.93 -41.65 24.36
N GLY A 46 1.95 -42.49 24.43
CA GLY A 46 1.76 -43.93 24.66
C GLY A 46 1.27 -44.79 23.49
N GLN A 47 0.84 -44.16 22.38
CA GLN A 47 0.30 -44.87 21.21
C GLN A 47 1.35 -45.04 20.13
N PRO A 48 1.28 -46.14 19.39
CA PRO A 48 2.19 -46.34 18.28
C PRO A 48 2.04 -45.22 17.26
N PHE A 49 3.17 -44.77 16.73
CA PHE A 49 3.14 -43.72 15.75
C PHE A 49 4.20 -43.97 14.68
N ARG A 50 3.89 -43.69 13.42
CA ARG A 50 4.93 -43.33 12.43
C ARG A 50 4.48 -42.19 11.53
N TYR A 51 5.47 -41.50 10.95
CA TYR A 51 5.17 -40.32 10.19
C TYR A 51 5.39 -40.46 8.73
N THR A 52 4.56 -39.75 8.00
CA THR A 52 4.69 -39.60 6.56
C THR A 52 4.82 -38.11 6.35
N SER A 53 6.04 -37.66 6.06
CA SER A 53 6.37 -36.24 6.14
C SER A 53 6.71 -35.71 4.78
N GLY A 54 6.77 -34.39 4.73
CA GLY A 54 7.09 -33.69 3.51
C GLY A 54 8.00 -32.53 3.86
N SER A 55 9.05 -32.36 3.10
CA SER A 55 9.97 -31.22 3.33
C SER A 55 9.36 -29.94 2.71
N ILE A 56 9.33 -28.90 3.53
CA ILE A 56 9.04 -27.51 3.13
C ILE A 56 10.05 -26.63 3.83
N HIS A 57 10.74 -25.80 3.06
CA HIS A 57 11.71 -24.83 3.59
C HIS A 57 11.08 -23.45 3.70
N TYR A 58 10.81 -22.99 4.94
CA TYR A 58 10.11 -21.70 5.12
C TYR A 58 10.87 -20.51 4.54
N SER A 59 12.20 -20.64 4.35
CA SER A 59 13.05 -19.58 3.74
C SER A 59 12.99 -19.49 2.22
N ARG A 60 12.32 -20.48 1.62
CA ARG A 60 12.11 -20.60 0.18
C ARG A 60 10.64 -20.43 -0.27
N VAL A 61 9.78 -20.09 0.69
CA VAL A 61 8.38 -19.76 0.45
C VAL A 61 8.11 -18.45 1.16
N PRO A 62 7.55 -17.47 0.43
CA PRO A 62 7.13 -16.28 1.17
C PRO A 62 6.05 -16.58 2.22
N ARG A 63 6.11 -15.92 3.37
CA ARG A 63 5.15 -16.14 4.48
C ARG A 63 3.67 -15.99 4.06
N PHE A 64 3.43 -15.07 3.14
CA PHE A 64 2.13 -14.86 2.56
C PHE A 64 1.58 -16.17 2.17
N TYR A 65 2.39 -17.12 1.64
CA TYR A 65 1.87 -18.41 1.16
C TYR A 65 2.17 -19.61 2.11
N TRP A 66 2.68 -19.36 3.29
CA TRP A 66 3.06 -20.50 4.17
C TRP A 66 1.88 -21.38 4.41
N LYS A 67 0.74 -20.78 4.74
CA LYS A 67 -0.49 -21.53 5.07
C LYS A 67 -1.04 -22.31 3.92
N ASP A 68 -1.02 -21.69 2.74
CA ASP A 68 -1.41 -22.33 1.53
C ASP A 68 -0.66 -23.65 1.27
N ARG A 69 0.67 -23.58 1.36
CA ARG A 69 1.51 -24.76 1.08
C ARG A 69 1.31 -25.82 2.19
N LEU A 70 1.35 -25.37 3.44
CA LEU A 70 1.16 -26.28 4.57
C LEU A 70 -0.20 -26.94 4.53
N LEU A 71 -1.24 -26.22 4.15
CA LEU A 71 -2.57 -26.84 4.01
C LEU A 71 -2.61 -27.84 2.87
N LYS A 72 -2.05 -27.53 1.69
CA LYS A 72 -1.99 -28.52 0.62
C LYS A 72 -1.18 -29.74 1.07
N MET A 73 -0.15 -29.51 1.88
CA MET A 73 0.66 -30.64 2.39
C MET A 73 -0.20 -31.56 3.28
N LYS A 74 -1.03 -30.97 4.12
CA LYS A 74 -1.95 -31.74 4.94
C LYS A 74 -2.99 -32.58 4.14
N MET A 75 -3.52 -31.98 3.09
CA MET A 75 -4.60 -32.59 2.36
C MET A 75 -4.08 -33.75 1.53
N ALA A 76 -2.79 -33.74 1.27
CA ALA A 76 -2.13 -34.85 0.65
C ALA A 76 -2.04 -36.11 1.55
N GLY A 77 -2.30 -35.97 2.84
CA GLY A 77 -2.21 -37.08 3.77
C GLY A 77 -0.97 -37.13 4.63
N LEU A 78 -0.11 -36.12 4.54
CA LEU A 78 1.06 -36.01 5.42
C LEU A 78 0.64 -35.63 6.83
N ASN A 79 1.26 -36.25 7.82
CA ASN A 79 0.91 -35.92 9.20
C ASN A 79 2.02 -35.11 9.89
N ALA A 80 3.11 -34.89 9.16
CA ALA A 80 4.18 -34.01 9.65
C ALA A 80 4.81 -33.27 8.49
N ILE A 81 5.57 -32.24 8.81
CA ILE A 81 6.45 -31.63 7.85
C ILE A 81 7.87 -31.55 8.41
N GLN A 82 8.81 -31.43 7.51
CA GLN A 82 10.22 -31.34 7.88
C GLN A 82 10.78 -30.07 7.27
N THR A 83 11.54 -29.31 8.06
CA THR A 83 12.21 -28.09 7.56
C THR A 83 13.62 -27.93 8.09
N TYR A 84 14.37 -27.06 7.42
CA TYR A 84 15.74 -26.73 7.83
C TYR A 84 15.77 -25.29 8.40
N VAL A 85 16.60 -25.01 9.38
CA VAL A 85 16.77 -23.64 9.87
C VAL A 85 18.09 -23.19 9.36
N PRO A 86 18.09 -22.26 8.37
CA PRO A 86 19.37 -21.83 7.83
C PRO A 86 19.93 -20.71 8.71
N TRP A 87 21.03 -21.01 9.38
CA TRP A 87 21.69 -20.10 10.29
C TRP A 87 21.90 -18.71 9.63
N ASN A 88 22.49 -18.71 8.44
CA ASN A 88 22.80 -17.51 7.72
C ASN A 88 21.55 -16.72 7.32
N PHE A 89 20.39 -17.35 7.29
CA PHE A 89 19.12 -16.67 7.02
C PHE A 89 18.67 -15.85 8.26
N HIS A 90 19.13 -16.25 9.45
CA HIS A 90 18.74 -15.61 10.73
C HIS A 90 19.83 -14.78 11.45
N GLU A 91 21.11 -14.97 11.13
CA GLU A 91 22.17 -14.18 11.77
C GLU A 91 23.15 -13.68 10.70
N PRO A 92 22.73 -12.72 9.87
CA PRO A 92 23.62 -12.25 8.81
C PRO A 92 24.89 -11.50 9.31
N TRP A 93 24.89 -10.97 10.54
CA TRP A 93 26.15 -10.57 11.23
C TRP A 93 26.13 -10.98 12.68
N PRO A 94 27.31 -11.21 13.27
CA PRO A 94 27.22 -11.82 14.60
C PRO A 94 26.40 -10.96 15.56
N GLY A 95 25.35 -11.55 16.13
CA GLY A 95 24.58 -10.92 17.13
C GLY A 95 23.56 -9.96 16.56
N GLN A 96 23.35 -9.97 15.24
CA GLN A 96 22.25 -9.25 14.67
C GLN A 96 21.26 -10.24 14.01
N TYR A 97 20.09 -10.40 14.61
CA TYR A 97 19.17 -11.47 14.30
C TYR A 97 17.95 -11.03 13.50
N GLN A 98 17.44 -11.94 12.66
CA GLN A 98 16.19 -11.75 11.87
C GLN A 98 15.26 -12.91 12.20
N PHE A 99 14.24 -12.60 13.01
CA PHE A 99 13.16 -13.58 13.34
C PHE A 99 11.74 -13.09 13.03
N SER A 100 11.64 -12.07 12.16
CA SER A 100 10.33 -11.48 11.80
C SER A 100 10.04 -11.57 10.33
N GLU A 101 8.77 -11.55 9.99
CA GLU A 101 8.26 -11.50 8.59
C GLU A 101 8.57 -12.85 7.92
N ASP A 102 9.35 -12.85 6.82
CA ASP A 102 9.66 -14.10 6.10
C ASP A 102 10.71 -14.90 6.84
N HIS A 103 11.29 -14.33 7.90
CA HIS A 103 12.27 -15.03 8.73
C HIS A 103 11.67 -15.57 10.04
N ASP A 104 10.36 -15.55 10.17
CA ASP A 104 9.73 -15.87 11.45
C ASP A 104 9.50 -17.37 11.63
N VAL A 105 10.57 -18.09 11.91
CA VAL A 105 10.50 -19.54 12.05
C VAL A 105 9.56 -19.94 13.17
N GLU A 106 9.48 -19.16 14.24
CA GLU A 106 8.52 -19.48 15.31
C GLU A 106 7.04 -19.51 14.82
N TYR A 107 6.65 -18.48 14.12
CA TYR A 107 5.30 -18.44 13.54
C TYR A 107 5.03 -19.55 12.55
N PHE A 108 5.99 -19.83 11.68
CA PHE A 108 5.84 -20.93 10.74
C PHE A 108 5.49 -22.20 11.51
N LEU A 109 6.25 -22.51 12.56
CA LEU A 109 6.03 -23.72 13.34
C LEU A 109 4.69 -23.70 14.06
N ARG A 110 4.26 -22.54 14.54
CA ARG A 110 2.89 -22.42 15.11
C ARG A 110 1.82 -22.67 14.08
N LEU A 111 2.02 -22.16 12.87
CA LEU A 111 1.10 -22.41 11.75
C LEU A 111 0.99 -23.89 11.43
N ALA A 112 2.13 -24.57 11.33
CA ALA A 112 2.04 -26.04 11.17
C ALA A 112 1.23 -26.67 12.31
N HIS A 113 1.39 -26.22 13.54
CA HIS A 113 0.71 -26.88 14.70
C HIS A 113 -0.80 -26.65 14.65
N GLU A 114 -1.20 -25.41 14.34
CA GLU A 114 -2.61 -25.07 14.17
C GLU A 114 -3.32 -25.90 13.10
N LEU A 115 -2.59 -26.36 12.09
CA LEU A 115 -3.17 -27.22 11.08
C LEU A 115 -3.13 -28.70 11.43
N GLY A 116 -2.68 -29.05 12.64
CA GLY A 116 -2.63 -30.45 13.07
C GLY A 116 -1.47 -31.24 12.47
N LEU A 117 -0.44 -30.57 12.00
CA LEU A 117 0.78 -31.20 11.51
C LEU A 117 1.86 -31.21 12.60
N LEU A 118 2.65 -32.27 12.60
CA LEU A 118 3.83 -32.33 13.44
C LEU A 118 5.04 -31.82 12.67
N VAL A 119 6.13 -31.56 13.37
CA VAL A 119 7.34 -31.03 12.74
C VAL A 119 8.60 -31.80 13.08
N ILE A 120 9.35 -32.12 12.05
CA ILE A 120 10.71 -32.62 12.18
C ILE A 120 11.64 -31.44 11.90
N LEU A 121 12.33 -31.00 12.94
CA LEU A 121 13.16 -29.82 12.83
C LEU A 121 14.57 -30.20 12.54
N ARG A 122 15.14 -29.54 11.56
CA ARG A 122 16.54 -29.69 11.24
C ARG A 122 17.30 -28.35 11.33
N PRO A 123 17.89 -28.05 12.51
CA PRO A 123 18.50 -26.80 12.76
C PRO A 123 20.02 -26.77 12.53
N GLY A 124 20.57 -27.84 11.98
CA GLY A 124 21.93 -27.75 11.48
C GLY A 124 22.91 -27.98 12.62
N PRO A 125 23.94 -27.14 12.73
CA PRO A 125 24.08 -25.81 12.17
C PRO A 125 24.44 -25.73 10.70
N TYR A 126 24.81 -26.87 10.08
CA TYR A 126 25.01 -26.96 8.63
C TYR A 126 23.83 -27.73 8.14
N ILE A 127 23.21 -27.20 7.08
CA ILE A 127 22.05 -27.89 6.46
C ILE A 127 22.23 -28.42 5.01
N CYS A 128 23.33 -28.04 4.34
CA CYS A 128 23.55 -28.37 2.94
C CYS A 128 22.50 -27.68 2.04
N ALA A 129 21.52 -28.43 1.51
CA ALA A 129 20.25 -27.86 1.10
C ALA A 129 20.30 -26.99 -0.15
N GLU A 130 21.39 -27.03 -0.93
CA GLU A 130 21.56 -26.17 -2.13
C GLU A 130 21.32 -24.70 -1.74
N TRP A 131 21.77 -24.37 -0.53
CA TRP A 131 21.57 -23.04 0.07
C TRP A 131 22.97 -22.47 0.32
N GLU A 132 23.12 -21.16 0.16
CA GLU A 132 24.44 -20.51 0.28
C GLU A 132 25.25 -21.12 1.43
N MET A 133 26.44 -21.64 1.15
CA MET A 133 27.37 -22.14 2.18
C MET A 133 26.76 -23.15 3.15
N GLY A 134 25.75 -23.86 2.65
CA GLY A 134 25.02 -24.88 3.40
C GLY A 134 24.44 -24.32 4.67
N GLY A 135 24.02 -23.08 4.59
CA GLY A 135 23.42 -22.40 5.73
C GLY A 135 24.39 -21.71 6.68
N LEU A 136 25.70 -21.94 6.58
CA LEU A 136 26.66 -21.38 7.56
C LEU A 136 26.94 -19.93 7.22
N PRO A 137 27.06 -19.08 8.23
CA PRO A 137 27.29 -17.69 7.86
C PRO A 137 28.73 -17.40 7.36
N ALA A 138 28.80 -16.52 6.36
CA ALA A 138 30.00 -16.22 5.64
C ALA A 138 31.02 -15.52 6.53
N TRP A 139 30.53 -14.75 7.48
CA TRP A 139 31.36 -14.10 8.46
C TRP A 139 32.13 -15.07 9.37
N LEU A 140 31.82 -16.36 9.31
CA LEU A 140 32.68 -17.35 9.94
C LEU A 140 34.05 -17.41 9.29
N LEU A 141 34.13 -16.94 8.04
CA LEU A 141 35.39 -16.97 7.31
C LEU A 141 36.36 -15.82 7.64
N GLU A 142 35.98 -14.91 8.53
CA GLU A 142 36.91 -13.84 8.97
C GLU A 142 38.14 -14.45 9.67
N LYS A 143 37.97 -15.63 10.24
CA LYS A 143 39.10 -16.51 10.53
C LYS A 143 39.40 -17.30 9.26
N GLU A 144 40.43 -16.91 8.51
CA GLU A 144 40.78 -17.50 7.20
C GLU A 144 40.98 -18.99 7.28
N SER A 145 41.57 -19.46 8.38
CA SER A 145 41.91 -20.90 8.50
C SER A 145 40.89 -21.71 9.23
N ILE A 146 39.71 -21.16 9.50
CA ILE A 146 38.69 -21.91 10.23
C ILE A 146 38.48 -23.25 9.54
N LEU A 147 38.43 -24.33 10.30
CA LEU A 147 37.94 -25.59 9.77
C LEU A 147 36.45 -25.70 10.18
N LEU A 148 35.56 -25.46 9.22
CA LEU A 148 34.12 -25.57 9.41
C LEU A 148 33.71 -26.99 9.72
N ARG A 149 32.61 -27.11 10.46
CA ARG A 149 32.03 -28.43 10.83
C ARG A 149 33.06 -29.35 11.56
N SER A 150 33.77 -28.77 12.54
CA SER A 150 34.80 -29.46 13.33
C SER A 150 34.83 -28.86 14.75
N SER A 151 35.76 -29.33 15.59
CA SER A 151 35.93 -28.78 16.94
C SER A 151 36.84 -27.53 16.94
N ASP A 152 37.26 -27.05 15.77
CA ASP A 152 37.86 -25.73 15.69
C ASP A 152 37.16 -24.86 16.74
N PRO A 153 37.92 -24.28 17.69
CA PRO A 153 37.29 -23.59 18.81
C PRO A 153 36.56 -22.34 18.41
N ASP A 154 36.95 -21.76 17.31
CA ASP A 154 36.29 -20.57 16.82
C ASP A 154 34.94 -20.97 16.17
N TYR A 155 34.90 -22.07 15.42
CA TYR A 155 33.64 -22.58 14.85
C TYR A 155 32.64 -22.98 15.95
N LEU A 156 33.15 -23.68 16.96
CA LEU A 156 32.35 -24.08 18.10
C LEU A 156 31.80 -22.90 18.87
N ALA A 157 32.61 -21.89 19.15
CA ALA A 157 32.07 -20.79 19.93
C ALA A 157 30.91 -20.10 19.15
N ALA A 158 31.04 -19.93 17.83
CA ALA A 158 29.99 -19.27 17.05
C ALA A 158 28.75 -20.18 17.05
N VAL A 159 28.93 -21.46 16.77
CA VAL A 159 27.82 -22.39 16.83
C VAL A 159 27.13 -22.27 18.18
N ASP A 160 27.92 -22.15 19.25
CA ASP A 160 27.34 -22.26 20.57
C ASP A 160 26.47 -21.03 20.81
N LYS A 161 26.96 -19.87 20.41
CA LYS A 161 26.19 -18.62 20.61
C LYS A 161 24.87 -18.70 19.77
N TRP A 162 24.92 -19.23 18.54
CA TRP A 162 23.71 -19.44 17.71
C TRP A 162 22.74 -20.40 18.35
N LEU A 163 23.25 -21.53 18.81
CA LEU A 163 22.37 -22.42 19.55
C LEU A 163 21.72 -21.76 20.81
N GLY A 164 22.44 -20.89 21.53
CA GLY A 164 21.88 -20.17 22.74
C GLY A 164 20.73 -19.22 22.40
N VAL A 165 20.66 -18.80 21.15
CA VAL A 165 19.62 -17.90 20.66
C VAL A 165 18.48 -18.68 20.08
N LEU A 166 18.79 -19.70 19.26
CA LEU A 166 17.78 -20.44 18.52
C LEU A 166 17.04 -21.44 19.34
N LEU A 167 17.80 -22.25 20.08
CA LEU A 167 17.21 -23.37 20.76
C LEU A 167 16.21 -23.00 21.87
N PRO A 168 16.48 -21.93 22.65
CA PRO A 168 15.45 -21.55 23.62
C PRO A 168 14.10 -21.16 23.00
N LYS A 169 14.13 -20.61 21.78
CA LYS A 169 12.91 -20.32 21.04
C LYS A 169 12.21 -21.59 20.55
N MET A 170 12.99 -22.64 20.23
CA MET A 170 12.41 -23.95 19.81
C MET A 170 11.85 -24.77 20.99
N LYS A 171 12.29 -24.46 22.22
CA LYS A 171 11.91 -25.33 23.38
C LYS A 171 10.39 -25.37 23.66
N PRO A 172 9.70 -24.21 23.71
CA PRO A 172 8.28 -24.36 23.93
C PRO A 172 7.50 -24.99 22.75
N LEU A 173 8.15 -25.10 21.59
CA LEU A 173 7.54 -25.72 20.42
C LEU A 173 7.77 -27.24 20.37
N LEU A 174 8.51 -27.78 21.34
CA LEU A 174 8.71 -29.24 21.42
C LEU A 174 7.41 -29.92 21.76
N TYR A 175 7.24 -31.11 21.23
CA TYR A 175 5.96 -31.77 21.41
C TYR A 175 5.55 -31.83 22.88
N GLN A 176 6.53 -32.14 23.74
CA GLN A 176 6.27 -32.42 25.14
C GLN A 176 5.91 -31.12 25.88
N ASN A 177 6.11 -29.97 25.24
CA ASN A 177 5.76 -28.69 25.86
C ASN A 177 4.56 -28.07 25.19
N GLY A 178 3.87 -28.82 24.34
CA GLY A 178 2.61 -28.34 23.72
C GLY A 178 2.68 -27.90 22.27
N GLY A 179 3.87 -27.93 21.69
CA GLY A 179 4.14 -27.64 20.29
C GLY A 179 4.16 -28.87 19.36
N PRO A 180 4.52 -28.67 18.08
CA PRO A 180 4.53 -29.70 17.04
C PRO A 180 5.84 -30.44 16.83
N VAL A 181 6.95 -29.96 17.40
CA VAL A 181 8.25 -30.60 17.15
C VAL A 181 8.40 -31.92 17.92
N ILE A 182 8.44 -33.03 17.15
CA ILE A 182 8.62 -34.38 17.67
C ILE A 182 10.07 -34.92 17.59
N THR A 183 10.79 -34.58 16.54
CA THR A 183 12.18 -35.02 16.40
C THR A 183 13.05 -33.86 15.91
N VAL A 184 14.32 -33.93 16.22
CA VAL A 184 15.24 -32.87 15.85
C VAL A 184 16.50 -33.45 15.30
N GLN A 185 16.93 -32.99 14.12
CA GLN A 185 18.13 -33.52 13.51
C GLN A 185 19.36 -32.79 13.95
N VAL A 186 20.41 -33.53 14.35
CA VAL A 186 21.72 -32.94 14.61
C VAL A 186 22.66 -33.02 13.43
N GLU A 187 23.17 -31.86 13.00
CA GLU A 187 24.03 -31.69 11.82
C GLU A 187 23.27 -32.17 10.59
N ASN A 188 23.98 -32.47 9.51
CA ASN A 188 23.34 -32.94 8.31
C ASN A 188 24.29 -33.80 7.49
N GLU A 189 24.06 -35.10 7.45
CA GLU A 189 24.97 -36.01 6.76
C GLU A 189 26.43 -35.69 7.07
N TYR A 190 26.74 -35.55 8.35
CA TYR A 190 28.11 -35.36 8.75
C TYR A 190 29.03 -36.49 8.24
N GLY A 191 28.46 -37.67 7.95
CA GLY A 191 29.21 -38.81 7.44
C GLY A 191 29.80 -38.59 6.09
N SER A 192 29.27 -37.61 5.35
CA SER A 192 29.79 -37.25 4.02
C SER A 192 31.00 -36.30 4.00
N TYR A 193 31.25 -35.61 5.12
CA TYR A 193 32.31 -34.62 5.24
C TYR A 193 33.65 -35.27 5.62
N PHE A 194 34.77 -34.65 5.27
CA PHE A 194 36.06 -35.31 5.44
C PHE A 194 36.52 -35.38 6.89
N ALA A 195 36.13 -34.40 7.70
CA ALA A 195 36.76 -34.18 8.97
C ALA A 195 36.60 -35.33 9.99
N CYS A 196 35.42 -35.91 10.05
CA CYS A 196 35.15 -37.00 10.95
C CYS A 196 35.47 -36.62 12.40
N ASP A 197 35.00 -35.45 12.80
CA ASP A 197 35.33 -34.94 14.11
C ASP A 197 34.20 -35.31 15.06
N PHE A 198 34.37 -36.41 15.79
CA PHE A 198 33.31 -36.94 16.70
C PHE A 198 33.19 -36.01 17.94
N ASP A 199 34.23 -35.24 18.23
CA ASP A 199 34.09 -34.32 19.33
C ASP A 199 33.00 -33.34 18.93
N TYR A 200 33.02 -32.93 17.66
CA TYR A 200 32.08 -31.93 17.12
C TYR A 200 30.70 -32.35 17.42
N LEU A 201 30.38 -33.59 17.01
CA LEU A 201 29.06 -34.13 17.13
C LEU A 201 28.64 -34.27 18.58
N ARG A 202 29.58 -34.66 19.44
CA ARG A 202 29.30 -34.75 20.89
C ARG A 202 28.95 -33.38 21.48
N PHE A 203 29.65 -32.34 21.04
CA PHE A 203 29.41 -30.98 21.53
C PHE A 203 28.00 -30.48 21.17
N LEU A 204 27.61 -30.74 19.92
CA LEU A 204 26.25 -30.43 19.46
C LEU A 204 25.20 -31.17 20.30
N GLN A 205 25.37 -32.47 20.47
CA GLN A 205 24.46 -33.25 21.31
C GLN A 205 24.31 -32.67 22.73
N LYS A 206 25.43 -32.33 23.34
CA LYS A 206 25.45 -31.80 24.70
C LYS A 206 24.62 -30.53 24.73
N ARG A 207 24.86 -29.67 23.74
CA ARG A 207 24.23 -28.38 23.63
C ARG A 207 22.77 -28.49 23.26
N PHE A 208 22.43 -29.37 22.33
CA PHE A 208 21.02 -29.57 22.02
C PHE A 208 20.34 -30.05 23.32
N ARG A 209 20.98 -30.98 24.02
CA ARG A 209 20.43 -31.44 25.32
C ARG A 209 20.27 -30.31 26.33
N HIS A 210 21.28 -29.47 26.47
CA HIS A 210 21.24 -28.41 27.43
C HIS A 210 20.00 -27.55 27.17
N HIS A 211 19.79 -27.14 25.93
CA HIS A 211 18.73 -26.20 25.61
C HIS A 211 17.34 -26.81 25.53
N LEU A 212 17.26 -28.01 24.93
CA LEU A 212 15.98 -28.70 24.69
C LEU A 212 15.52 -29.71 25.74
N GLY A 213 16.43 -30.24 26.54
CA GLY A 213 16.04 -31.19 27.60
C GLY A 213 16.45 -32.59 27.19
N ASP A 214 16.12 -33.57 28.02
CA ASP A 214 16.62 -34.94 27.84
C ASP A 214 15.65 -35.85 27.10
N ASP A 215 14.39 -35.42 26.95
CA ASP A 215 13.34 -36.23 26.31
C ASP A 215 13.27 -36.10 24.77
N VAL A 216 13.56 -34.92 24.23
CA VAL A 216 13.44 -34.74 22.78
C VAL A 216 14.26 -35.78 22.02
N VAL A 217 13.61 -36.41 21.04
CA VAL A 217 14.28 -37.37 20.11
C VAL A 217 15.28 -36.66 19.17
N LEU A 218 16.59 -36.91 19.37
CA LEU A 218 17.65 -36.38 18.51
C LEU A 218 18.13 -37.44 17.53
N PHE A 219 18.27 -37.07 16.24
CA PHE A 219 18.62 -38.05 15.23
C PHE A 219 19.64 -37.52 14.26
N THR A 220 20.24 -38.39 13.45
CA THR A 220 21.15 -38.00 12.36
C THR A 220 20.61 -38.55 11.04
N THR A 221 21.13 -38.07 9.93
CA THR A 221 20.73 -38.61 8.65
C THR A 221 21.99 -38.74 7.85
N ASP A 222 22.13 -39.87 7.19
CA ASP A 222 23.33 -40.06 6.41
C ASP A 222 22.93 -40.94 5.25
N GLY A 223 23.76 -40.97 4.21
CA GLY A 223 23.56 -41.84 3.07
C GLY A 223 23.48 -43.26 3.58
N ALA A 224 22.71 -44.09 2.87
CA ALA A 224 22.41 -45.45 3.29
C ALA A 224 23.56 -46.42 2.92
N HIS A 225 24.72 -46.21 3.53
CA HIS A 225 25.88 -47.06 3.25
C HIS A 225 26.84 -46.87 4.39
N LYS A 226 27.50 -47.97 4.76
CA LYS A 226 28.38 -47.99 5.91
C LYS A 226 29.49 -46.96 5.84
N THR A 227 30.00 -46.71 4.62
CA THR A 227 31.02 -45.69 4.43
C THR A 227 30.54 -44.27 4.83
N PHE A 228 29.23 -43.99 4.76
CA PHE A 228 28.70 -42.69 5.20
C PHE A 228 28.33 -42.72 6.66
N LEU A 229 27.84 -43.87 7.12
CA LEU A 229 27.38 -44.00 8.49
C LEU A 229 28.54 -44.04 9.47
N LYS A 230 29.71 -44.48 9.02
CA LYS A 230 30.92 -44.54 9.86
C LYS A 230 31.16 -43.25 10.68
N CYS A 231 31.17 -42.11 9.99
CA CYS A 231 31.49 -40.82 10.61
C CYS A 231 30.27 -39.97 10.92
N GLY A 232 29.11 -40.37 10.42
CA GLY A 232 27.88 -39.66 10.69
C GLY A 232 27.16 -40.08 11.95
N ALA A 233 27.35 -41.32 12.38
CA ALA A 233 26.53 -41.89 13.47
C ALA A 233 27.12 -41.61 14.86
N LEU A 234 26.29 -41.40 15.87
CA LEU A 234 26.78 -41.11 17.20
C LEU A 234 25.90 -41.80 18.21
N GLN A 235 26.51 -42.50 19.18
CA GLN A 235 25.81 -42.96 20.38
C GLN A 235 24.93 -41.86 20.96
N GLY A 236 23.68 -42.18 21.25
CA GLY A 236 22.79 -41.21 21.88
C GLY A 236 21.90 -40.48 20.86
N LEU A 237 22.33 -40.41 19.60
CA LEU A 237 21.53 -39.84 18.50
C LEU A 237 21.05 -40.98 17.55
N TYR A 238 19.75 -41.07 17.31
CA TYR A 238 19.18 -42.13 16.49
C TYR A 238 19.61 -41.97 15.02
N THR A 239 20.04 -43.08 14.41
CA THR A 239 20.63 -43.09 13.08
C THR A 239 19.57 -43.38 12.03
N THR A 240 19.28 -42.38 11.18
CA THR A 240 18.37 -42.54 10.04
C THR A 240 19.20 -42.41 8.79
N VAL A 241 18.62 -42.88 7.68
CA VAL A 241 19.24 -42.91 6.35
C VAL A 241 18.43 -42.00 5.39
N ASP A 242 19.01 -41.73 4.23
CA ASP A 242 18.25 -41.18 3.10
C ASP A 242 18.61 -41.93 1.83
N PHE A 243 17.65 -41.97 0.91
CA PHE A 243 17.78 -42.61 -0.41
C PHE A 243 16.52 -42.31 -1.24
N GLY A 244 16.70 -42.34 -2.55
CA GLY A 244 15.63 -42.03 -3.48
C GLY A 244 15.24 -43.22 -4.31
N THR A 245 14.70 -42.93 -5.48
CA THR A 245 13.98 -43.95 -6.24
C THR A 245 14.92 -44.89 -6.98
N GLY A 246 16.21 -44.58 -7.03
CA GLY A 246 17.17 -45.47 -7.67
C GLY A 246 17.85 -46.42 -6.69
N SER A 247 17.47 -46.38 -5.42
CA SER A 247 18.09 -47.26 -4.44
C SER A 247 17.27 -48.52 -4.17
N ASN A 248 17.94 -49.59 -3.81
CA ASN A 248 17.27 -50.81 -3.39
C ASN A 248 16.79 -50.63 -1.97
N ILE A 249 15.48 -50.69 -1.72
CA ILE A 249 14.94 -50.35 -0.39
C ILE A 249 15.45 -51.22 0.76
N THR A 250 15.46 -52.53 0.52
CA THR A 250 16.04 -53.51 1.48
C THR A 250 17.49 -53.22 1.90
N ASP A 251 18.38 -53.00 0.92
CA ASP A 251 19.81 -52.68 1.25
C ASP A 251 19.95 -51.43 2.12
N ALA A 252 19.19 -50.40 1.77
CA ALA A 252 19.27 -49.12 2.44
C ALA A 252 18.83 -49.26 3.90
N PHE A 253 17.71 -49.93 4.15
CA PHE A 253 17.20 -50.11 5.51
C PHE A 253 18.05 -51.09 6.34
N LEU A 254 18.72 -52.05 5.65
CA LEU A 254 19.70 -52.92 6.31
C LEU A 254 20.89 -52.11 6.74
N SER A 255 21.22 -51.09 5.96
CA SER A 255 22.35 -50.24 6.30
C SER A 255 21.99 -49.50 7.57
N GLN A 256 20.73 -49.07 7.70
CA GLN A 256 20.30 -48.38 8.90
C GLN A 256 20.26 -49.34 10.10
N ARG A 257 19.71 -50.53 9.87
CA ARG A 257 19.56 -51.58 10.89
C ARG A 257 20.89 -52.00 11.51
N LYS A 258 21.96 -51.96 10.70
CA LYS A 258 23.31 -52.22 11.20
C LYS A 258 23.73 -51.24 12.29
N CYS A 259 23.27 -49.99 12.21
CA CYS A 259 23.60 -48.97 13.22
C CYS A 259 22.55 -48.85 14.31
N GLU A 260 21.29 -49.18 14.00
CA GLU A 260 20.19 -49.20 14.97
C GLU A 260 19.40 -50.50 14.85
N PRO A 261 19.79 -51.54 15.60
CA PRO A 261 19.11 -52.83 15.44
C PRO A 261 17.66 -52.75 15.89
N LYS A 262 17.35 -51.81 16.79
CA LYS A 262 15.99 -51.64 17.30
C LYS A 262 15.55 -50.18 17.13
N GLY A 263 14.25 -50.02 16.90
CA GLY A 263 13.63 -48.73 16.70
C GLY A 263 13.05 -48.61 15.30
N PRO A 264 12.41 -47.47 15.00
CA PRO A 264 11.78 -47.35 13.68
C PRO A 264 12.73 -47.31 12.46
N LEU A 265 12.23 -47.82 11.33
CA LEU A 265 12.89 -47.54 10.05
C LEU A 265 12.53 -46.09 9.65
N ILE A 266 13.53 -45.29 9.30
CA ILE A 266 13.35 -43.85 8.91
C ILE A 266 14.18 -43.57 7.68
N ASN A 267 13.54 -43.16 6.58
CA ASN A 267 14.21 -42.48 5.46
C ASN A 267 13.95 -41.01 5.63
N SER A 268 14.96 -40.23 6.00
CA SER A 268 14.72 -38.81 6.29
C SER A 268 14.64 -37.92 5.03
N GLU A 269 15.13 -38.43 3.90
CA GLU A 269 15.11 -37.68 2.63
C GLU A 269 14.91 -38.68 1.51
N PHE A 270 13.64 -38.96 1.26
CA PHE A 270 13.26 -39.73 0.13
C PHE A 270 13.03 -38.76 -1.06
N TYR A 271 13.92 -38.82 -2.03
CA TYR A 271 13.95 -37.78 -3.09
C TYR A 271 12.81 -37.91 -4.09
N THR A 272 12.00 -36.85 -4.17
CA THR A 272 10.85 -36.79 -5.04
C THR A 272 11.25 -36.22 -6.37
N GLY A 273 12.46 -35.67 -6.41
CA GLY A 273 13.02 -34.99 -7.55
C GLY A 273 14.52 -34.83 -7.37
N TRP A 274 15.08 -33.75 -7.88
CA TRP A 274 16.52 -33.51 -7.72
C TRP A 274 16.85 -32.05 -7.99
N LEU A 275 18.07 -31.67 -7.61
CA LEU A 275 18.54 -30.28 -7.84
C LEU A 275 18.96 -29.98 -9.28
N ASP A 276 18.99 -28.70 -9.63
CA ASP A 276 19.51 -28.25 -10.94
C ASP A 276 20.86 -27.52 -10.83
N HIS A 277 21.47 -27.30 -11.97
CA HIS A 277 22.52 -26.34 -12.09
C HIS A 277 22.36 -25.49 -13.33
N TRP A 278 22.77 -24.22 -13.26
CA TRP A 278 22.72 -23.40 -14.45
C TRP A 278 23.43 -24.15 -15.57
N GLY A 279 22.89 -24.14 -16.77
CA GLY A 279 23.58 -24.77 -17.87
C GLY A 279 23.35 -26.27 -18.08
N GLN A 280 22.64 -26.93 -17.19
CA GLN A 280 22.41 -28.34 -17.31
C GLN A 280 20.94 -28.42 -17.48
N PRO A 281 20.41 -29.50 -18.11
CA PRO A 281 18.95 -29.70 -18.14
C PRO A 281 18.26 -29.83 -16.75
N HIS A 282 17.00 -29.42 -16.70
CA HIS A 282 16.15 -29.49 -15.51
C HIS A 282 15.95 -30.95 -15.06
N SER A 283 16.31 -31.23 -13.81
CA SER A 283 16.15 -32.59 -13.25
C SER A 283 14.68 -32.89 -13.11
N THR A 284 14.28 -34.12 -13.49
CA THR A 284 12.95 -34.66 -13.21
C THR A 284 13.06 -36.11 -12.75
N ILE A 285 12.05 -36.58 -12.01
CA ILE A 285 11.96 -37.96 -11.62
C ILE A 285 10.50 -38.31 -11.83
N LYS A 286 10.26 -39.40 -12.52
CA LYS A 286 8.91 -39.85 -12.85
C LYS A 286 7.97 -40.07 -11.67
N THR A 287 6.74 -39.57 -11.83
CA THR A 287 5.68 -39.80 -10.87
C THR A 287 5.56 -41.27 -10.43
N GLU A 288 5.65 -42.19 -11.39
CA GLU A 288 5.49 -43.61 -11.07
C GLU A 288 6.64 -44.15 -10.23
N ALA A 289 7.86 -43.70 -10.49
CA ALA A 289 8.97 -44.15 -9.67
C ALA A 289 8.82 -43.67 -8.21
N VAL A 290 8.39 -42.42 -8.05
CA VAL A 290 8.22 -41.87 -6.67
C VAL A 290 7.07 -42.57 -5.95
N ALA A 291 5.99 -42.81 -6.69
CA ALA A 291 4.81 -43.41 -6.09
C ALA A 291 5.10 -44.85 -5.64
N SER A 292 5.80 -45.60 -6.48
CA SER A 292 6.06 -47.00 -6.19
C SER A 292 7.03 -47.17 -5.05
N SER A 293 8.10 -46.39 -5.06
CA SER A 293 9.06 -46.43 -3.94
C SER A 293 8.36 -45.98 -2.66
N LEU A 294 7.56 -44.92 -2.71
CA LEU A 294 6.83 -44.46 -1.51
C LEU A 294 5.92 -45.58 -0.96
N TYR A 295 5.24 -46.30 -1.86
CA TYR A 295 4.40 -47.43 -1.47
C TYR A 295 5.23 -48.48 -0.74
N ASP A 296 6.39 -48.82 -1.30
CA ASP A 296 7.28 -49.84 -0.69
C ASP A 296 7.85 -49.44 0.67
N ILE A 297 8.26 -48.19 0.80
CA ILE A 297 8.75 -47.71 2.07
C ILE A 297 7.64 -47.77 3.13
N LEU A 298 6.43 -47.34 2.76
CA LEU A 298 5.34 -47.21 3.75
C LEU A 298 4.94 -48.59 4.24
N ALA A 299 4.88 -49.53 3.30
CA ALA A 299 4.52 -50.92 3.55
C ALA A 299 5.47 -51.63 4.53
N ARG A 300 6.71 -51.15 4.67
CA ARG A 300 7.65 -51.70 5.68
C ARG A 300 7.38 -51.11 7.06
N GLY A 301 6.46 -50.17 7.14
CA GLY A 301 6.15 -49.57 8.42
C GLY A 301 7.08 -48.43 8.77
N ALA A 302 7.97 -48.06 7.85
CA ALA A 302 8.96 -46.99 8.05
C ALA A 302 8.36 -45.58 8.10
N SER A 303 9.00 -44.70 8.88
CA SER A 303 8.73 -43.29 8.80
C SER A 303 9.49 -42.73 7.61
N VAL A 304 8.88 -41.84 6.84
CA VAL A 304 9.49 -41.35 5.64
C VAL A 304 9.24 -39.85 5.48
N ASN A 305 10.29 -39.14 5.14
CA ASN A 305 10.13 -37.81 4.67
C ASN A 305 10.41 -37.60 3.18
N LEU A 306 9.43 -37.01 2.50
CA LEU A 306 9.56 -36.58 1.10
C LEU A 306 10.41 -35.30 0.90
N TYR A 307 11.59 -35.44 0.31
CA TYR A 307 12.46 -34.27 0.06
C TYR A 307 12.49 -34.03 -1.47
N MET A 308 12.03 -32.90 -2.03
CA MET A 308 11.23 -31.84 -1.45
C MET A 308 9.76 -32.16 -1.72
N PHE A 309 8.89 -31.75 -0.81
CA PHE A 309 7.48 -31.80 -1.12
C PHE A 309 7.03 -30.52 -1.81
N ILE A 310 7.50 -29.38 -1.32
CA ILE A 310 7.54 -28.18 -2.14
C ILE A 310 8.96 -27.59 -2.04
N GLY A 311 9.53 -27.26 -3.19
CA GLY A 311 10.86 -26.71 -3.26
C GLY A 311 10.83 -25.18 -3.07
N GLY A 312 10.09 -24.45 -3.94
CA GLY A 312 10.06 -22.97 -3.83
C GLY A 312 11.23 -22.34 -4.58
N THR A 313 11.77 -21.29 -3.99
CA THR A 313 12.67 -20.35 -4.63
C THR A 313 13.80 -19.88 -3.74
N ASN A 314 14.96 -19.78 -4.35
CA ASN A 314 16.15 -19.17 -3.78
C ASN A 314 16.15 -17.70 -4.23
N PHE A 315 15.48 -16.88 -3.42
CA PHE A 315 15.31 -15.49 -3.69
C PHE A 315 16.64 -14.86 -3.38
N ALA A 316 16.87 -13.68 -3.94
CA ALA A 316 18.08 -12.87 -3.66
C ALA A 316 19.34 -13.64 -4.04
N TYR A 317 20.21 -13.98 -3.09
CA TYR A 317 21.50 -14.65 -3.34
C TYR A 317 21.65 -15.92 -2.51
N TRP A 318 20.53 -16.54 -2.20
CA TRP A 318 20.51 -17.66 -1.29
C TRP A 318 20.88 -18.97 -1.90
N ASN A 319 20.95 -19.09 -3.22
CA ASN A 319 21.29 -20.40 -3.80
C ASN A 319 22.69 -20.85 -3.36
N GLY A 320 22.96 -22.13 -3.51
CA GLY A 320 24.32 -22.66 -3.22
C GLY A 320 24.97 -23.10 -4.53
N ALA A 321 25.96 -23.99 -4.41
CA ALA A 321 26.72 -24.50 -5.53
C ALA A 321 27.42 -25.78 -5.13
N ASN A 322 27.85 -26.54 -6.15
CA ASN A 322 28.70 -27.69 -5.98
C ASN A 322 30.06 -27.49 -6.59
N SER A 323 30.94 -28.40 -6.19
CA SER A 323 32.32 -28.39 -6.58
C SER A 323 32.47 -29.63 -7.46
N PRO A 324 33.12 -29.50 -8.61
CA PRO A 324 33.78 -28.31 -9.11
C PRO A 324 32.75 -27.26 -9.52
N TYR A 325 33.13 -25.99 -9.43
CA TYR A 325 32.15 -24.94 -9.18
C TYR A 325 31.02 -24.98 -10.20
N ALA A 326 29.82 -25.25 -9.71
CA ALA A 326 28.59 -25.21 -10.51
C ALA A 326 27.44 -24.69 -9.63
N ALA A 327 26.93 -23.49 -9.94
CA ALA A 327 25.84 -22.94 -9.10
C ALA A 327 24.48 -23.52 -9.46
N GLN A 328 23.67 -23.69 -8.43
CA GLN A 328 22.28 -23.99 -8.57
C GLN A 328 21.54 -22.70 -8.94
N PRO A 329 20.49 -22.83 -9.74
CA PRO A 329 19.81 -21.60 -10.19
C PRO A 329 18.87 -21.03 -9.10
N THR A 330 18.11 -20.01 -9.49
CA THR A 330 17.07 -19.40 -8.62
C THR A 330 15.86 -20.35 -8.27
N SER A 331 15.26 -20.96 -9.26
CA SER A 331 14.17 -21.91 -8.95
C SER A 331 14.67 -23.08 -8.11
N TYR A 332 13.90 -23.46 -7.09
CA TYR A 332 14.08 -24.73 -6.44
C TYR A 332 12.83 -25.57 -6.66
N ASP A 333 12.20 -25.40 -7.83
CA ASP A 333 11.03 -26.20 -8.13
C ASP A 333 11.26 -27.71 -7.77
N TYR A 334 12.44 -28.20 -8.08
CA TYR A 334 12.96 -29.52 -7.63
C TYR A 334 12.19 -30.64 -8.31
N ASP A 335 11.26 -30.29 -9.20
CA ASP A 335 10.22 -31.25 -9.74
C ASP A 335 9.40 -31.85 -8.63
N ALA A 336 9.27 -31.11 -7.55
CA ALA A 336 8.51 -31.57 -6.35
C ALA A 336 7.00 -31.74 -6.64
N PRO A 337 6.29 -32.55 -5.84
CA PRO A 337 4.83 -32.76 -6.01
C PRO A 337 4.08 -31.44 -6.05
N LEU A 338 4.48 -30.48 -5.20
CA LEU A 338 4.02 -29.07 -5.32
C LEU A 338 5.06 -28.31 -6.11
N SER A 339 4.65 -27.62 -7.17
CA SER A 339 5.57 -26.86 -7.96
C SER A 339 6.09 -25.63 -7.26
N GLU A 340 7.07 -25.01 -7.88
CA GLU A 340 7.62 -23.79 -7.31
C GLU A 340 6.55 -22.82 -6.73
N ALA A 341 5.52 -22.56 -7.54
CA ALA A 341 4.47 -21.59 -7.18
C ALA A 341 3.36 -22.23 -6.33
N GLY A 342 3.58 -23.45 -5.88
CA GLY A 342 2.62 -24.18 -5.04
C GLY A 342 1.54 -24.93 -5.81
N ASP A 343 1.71 -25.16 -7.11
CA ASP A 343 0.64 -25.82 -7.88
C ASP A 343 0.56 -27.29 -7.55
N LEU A 344 -0.68 -27.80 -7.60
CA LEU A 344 -0.96 -29.20 -7.45
C LEU A 344 -0.64 -29.89 -8.77
N THR A 345 0.22 -30.88 -8.74
CA THR A 345 0.63 -31.55 -9.97
C THR A 345 0.13 -32.98 -9.96
N GLU A 346 0.32 -33.64 -11.10
CA GLU A 346 0.00 -35.06 -11.23
C GLU A 346 0.71 -35.81 -10.16
N LYS A 347 1.94 -35.41 -9.87
CA LYS A 347 2.76 -36.11 -8.90
C LYS A 347 2.13 -35.98 -7.51
N TYR A 348 1.57 -34.82 -7.22
CA TYR A 348 0.94 -34.56 -5.92
C TYR A 348 -0.19 -35.58 -5.71
N PHE A 349 -1.06 -35.68 -6.71
CA PHE A 349 -2.23 -36.49 -6.61
C PHE A 349 -1.85 -37.94 -6.57
N ALA A 350 -0.87 -38.35 -7.36
CA ALA A 350 -0.46 -39.78 -7.37
C ALA A 350 0.08 -40.15 -5.98
N LEU A 351 0.83 -39.24 -5.35
CA LEU A 351 1.39 -39.54 -4.03
C LEU A 351 0.32 -39.54 -2.95
N ARG A 352 -0.60 -38.57 -3.02
CA ARG A 352 -1.75 -38.58 -2.16
C ARG A 352 -2.46 -39.94 -2.22
N ASN A 353 -2.57 -40.51 -3.42
CA ASN A 353 -3.27 -41.81 -3.65
C ASN A 353 -2.48 -42.95 -3.02
N ILE A 354 -1.17 -42.85 -3.11
CA ILE A 354 -0.34 -43.81 -2.42
C ILE A 354 -0.66 -43.76 -0.92
N ILE A 355 -0.58 -42.57 -0.32
CA ILE A 355 -0.78 -42.40 1.11
C ILE A 355 -2.16 -42.89 1.56
N GLN A 356 -3.20 -42.55 0.78
CA GLN A 356 -4.56 -43.10 1.02
C GLN A 356 -4.65 -44.61 1.29
N LYS A 357 -3.72 -45.38 0.78
CA LYS A 357 -3.76 -46.84 0.93
C LYS A 357 -3.40 -47.26 2.36
N PHE A 358 -2.71 -46.37 3.07
CA PHE A 358 -2.26 -46.61 4.42
C PHE A 358 -3.04 -45.83 5.47
N GLU A 359 -3.48 -44.61 5.14
CA GLU A 359 -4.18 -43.75 6.12
C GLU A 359 -5.42 -43.10 5.49
N LYS A 360 -6.34 -42.64 6.34
CA LYS A 360 -7.52 -41.87 5.91
C LYS A 360 -7.09 -40.42 5.77
N VAL A 361 -6.97 -39.98 4.53
CA VAL A 361 -6.57 -38.63 4.22
C VAL A 361 -7.70 -37.66 4.53
N PRO A 362 -7.41 -36.40 4.90
CA PRO A 362 -8.46 -35.43 5.17
C PRO A 362 -9.49 -35.28 4.04
N GLU A 363 -10.72 -35.04 4.48
CA GLU A 363 -11.86 -34.87 3.60
C GLU A 363 -11.99 -33.44 3.17
N GLY A 364 -12.70 -33.23 2.07
CA GLY A 364 -12.93 -31.90 1.57
C GLY A 364 -12.02 -31.49 0.42
N PRO A 365 -12.43 -30.46 -0.30
CA PRO A 365 -11.60 -29.97 -1.39
C PRO A 365 -10.22 -29.38 -0.95
N ILE A 366 -9.27 -29.53 -1.88
CA ILE A 366 -7.92 -29.07 -1.73
C ILE A 366 -7.81 -27.60 -2.17
N PRO A 367 -7.11 -26.78 -1.40
CA PRO A 367 -6.87 -25.42 -1.84
C PRO A 367 -6.13 -25.42 -3.20
N PRO A 368 -6.54 -24.56 -4.12
CA PRO A 368 -6.07 -24.78 -5.46
C PRO A 368 -4.70 -24.14 -5.75
N SER A 369 -4.17 -24.54 -6.89
CA SER A 369 -3.17 -23.84 -7.61
C SER A 369 -3.64 -22.39 -7.75
N THR A 370 -2.73 -21.47 -7.45
CA THR A 370 -3.06 -20.07 -7.54
C THR A 370 -3.25 -19.66 -8.99
N PRO A 371 -4.07 -18.65 -9.21
CA PRO A 371 -4.27 -18.04 -10.53
C PRO A 371 -3.00 -17.34 -10.97
N LYS A 372 -2.64 -17.52 -12.25
CA LYS A 372 -1.49 -16.80 -12.77
C LYS A 372 -1.93 -15.80 -13.85
N PHE A 373 -1.21 -14.69 -13.94
CA PHE A 373 -1.63 -13.58 -14.81
C PHE A 373 -0.46 -13.10 -15.67
N ALA A 374 -0.68 -13.02 -16.98
CA ALA A 374 0.31 -12.47 -17.90
C ALA A 374 0.10 -10.98 -17.98
N TYR A 375 0.80 -10.19 -17.14
CA TYR A 375 0.72 -8.75 -17.25
C TYR A 375 1.28 -8.18 -18.57
N GLY A 376 1.99 -9.00 -19.37
CA GLY A 376 2.45 -8.61 -20.69
C GLY A 376 3.86 -8.03 -20.71
N LYS A 377 4.15 -7.20 -21.71
CA LYS A 377 5.45 -6.53 -21.86
C LYS A 377 5.53 -5.22 -21.08
N VAL A 378 6.64 -4.99 -20.38
CA VAL A 378 6.88 -3.79 -19.69
C VAL A 378 8.24 -3.26 -20.14
N THR A 379 8.27 -2.06 -20.71
CA THR A 379 9.51 -1.45 -21.20
C THR A 379 10.36 -1.00 -20.03
N LEU A 380 11.66 -1.15 -20.16
CA LEU A 380 12.59 -0.57 -19.19
C LEU A 380 13.42 0.45 -19.89
N GLU A 381 14.08 1.30 -19.10
CA GLU A 381 15.13 2.14 -19.63
C GLU A 381 16.25 2.17 -18.64
N LYS A 382 17.43 2.39 -19.19
CA LYS A 382 18.67 2.44 -18.43
C LYS A 382 18.72 3.67 -17.54
N LEU A 383 19.01 3.48 -16.28
CA LEU A 383 19.00 4.57 -15.34
C LEU A 383 20.41 5.06 -15.12
N LYS A 384 21.31 4.13 -14.76
CA LYS A 384 22.73 4.45 -14.52
C LYS A 384 23.56 3.16 -14.63
N THR A 385 24.81 3.31 -15.06
CA THR A 385 25.77 2.24 -14.95
C THR A 385 26.11 2.04 -13.47
N VAL A 386 26.64 0.87 -13.16
CA VAL A 386 27.16 0.57 -11.81
C VAL A 386 28.24 1.57 -11.48
N GLY A 387 29.14 1.85 -12.43
CA GLY A 387 30.26 2.77 -12.14
C GLY A 387 29.78 4.19 -11.79
N ALA A 388 28.64 4.59 -12.37
CA ALA A 388 28.11 5.90 -12.12
C ALA A 388 27.30 5.97 -10.84
N ALA A 389 26.87 4.81 -10.34
CA ALA A 389 26.07 4.73 -9.13
C ALA A 389 26.94 4.41 -7.89
N LEU A 390 28.26 4.57 -8.00
CA LEU A 390 29.13 4.08 -6.95
C LEU A 390 28.96 4.83 -5.64
N ASP A 391 28.70 6.14 -5.75
CA ASP A 391 28.48 7.01 -4.57
C ASP A 391 27.30 6.43 -3.78
N ILE A 392 26.24 6.06 -4.48
CA ILE A 392 25.08 5.50 -3.79
C ILE A 392 25.29 4.04 -3.32
N LEU A 393 25.97 3.21 -4.12
CA LEU A 393 26.26 1.82 -3.73
C LEU A 393 27.27 1.69 -2.62
N CYS A 394 28.15 2.67 -2.50
CA CYS A 394 29.26 2.60 -1.53
C CYS A 394 29.38 3.92 -0.76
N PRO A 395 28.37 4.23 0.05
CA PRO A 395 28.26 5.55 0.62
C PRO A 395 29.28 5.82 1.70
N SER A 396 29.81 4.78 2.35
CA SER A 396 30.98 4.99 3.24
C SER A 396 32.34 4.97 2.58
N GLY A 397 32.40 4.82 1.26
CA GLY A 397 33.67 4.87 0.57
C GLY A 397 34.42 3.54 0.57
N PRO A 398 35.47 3.45 -0.27
CA PRO A 398 36.15 2.21 -0.58
C PRO A 398 37.25 1.87 0.40
N ILE A 399 37.68 0.61 0.36
CA ILE A 399 38.85 0.10 1.11
C ILE A 399 40.04 -0.01 0.16
N LYS A 400 41.15 0.63 0.51
CA LYS A 400 42.37 0.66 -0.32
C LYS A 400 43.25 -0.46 0.14
N SER A 401 43.83 -1.20 -0.82
CA SER A 401 44.70 -2.34 -0.47
C SER A 401 45.77 -2.57 -1.55
N LEU A 402 46.93 -3.01 -1.11
CA LEU A 402 48.06 -3.26 -2.00
C LEU A 402 47.72 -4.40 -2.97
N TYR A 403 47.29 -5.51 -2.40
CA TYR A 403 46.81 -6.69 -3.13
C TYR A 403 45.30 -6.78 -2.93
N PRO A 404 44.60 -7.54 -3.77
CA PRO A 404 43.17 -7.62 -3.60
C PRO A 404 42.75 -8.26 -2.30
N LEU A 405 41.56 -7.87 -1.85
CA LEU A 405 40.93 -8.44 -0.67
C LEU A 405 39.73 -9.19 -1.05
N THR A 406 39.39 -10.17 -0.24
CA THR A 406 38.21 -10.98 -0.54
C THR A 406 36.90 -10.33 -0.08
N PHE A 407 35.77 -10.86 -0.50
CA PHE A 407 34.44 -10.43 -0.03
C PHE A 407 34.42 -10.35 1.49
N ILE A 408 34.91 -11.39 2.13
CA ILE A 408 34.85 -11.48 3.59
C ILE A 408 35.66 -10.36 4.24
N GLN A 409 36.85 -10.10 3.72
CA GLN A 409 37.71 -9.03 4.31
C GLN A 409 37.17 -7.61 4.20
N VAL A 410 36.26 -7.42 3.26
CA VAL A 410 35.77 -6.14 2.89
C VAL A 410 34.35 -6.07 3.48
N LYS A 411 34.00 -7.05 4.30
CA LYS A 411 32.75 -7.07 5.06
C LYS A 411 31.53 -7.09 4.16
N GLN A 412 31.65 -7.71 2.99
CA GLN A 412 30.48 -8.10 2.18
C GLN A 412 30.39 -9.60 1.96
N HIS A 413 29.18 -10.15 2.10
CA HIS A 413 29.01 -11.57 1.97
C HIS A 413 28.35 -12.01 0.68
N TYR A 414 27.39 -11.23 0.17
CA TYR A 414 26.56 -11.64 -0.95
C TYR A 414 26.52 -10.54 -2.00
N GLY A 415 26.22 -10.88 -3.25
CA GLY A 415 26.08 -9.88 -4.32
C GLY A 415 27.40 -9.56 -4.98
N PHE A 416 27.75 -8.27 -5.00
CA PHE A 416 28.80 -7.78 -5.91
C PHE A 416 29.72 -6.79 -5.27
N VAL A 417 31.00 -6.87 -5.65
CA VAL A 417 32.03 -5.96 -5.12
C VAL A 417 32.84 -5.46 -6.31
N LEU A 418 33.10 -4.15 -6.35
CA LEU A 418 33.87 -3.59 -7.47
C LEU A 418 35.33 -3.46 -7.08
N TYR A 419 36.20 -3.99 -7.89
CA TYR A 419 37.63 -3.88 -7.65
C TYR A 419 38.23 -2.92 -8.72
N ARG A 420 38.94 -1.88 -8.31
CA ARG A 420 39.42 -0.84 -9.24
C ARG A 420 40.92 -0.63 -9.09
N THR A 421 41.64 -0.58 -10.23
CA THR A 421 43.00 -0.15 -10.24
C THR A 421 43.33 0.66 -11.48
N THR A 422 44.61 0.98 -11.62
CA THR A 422 45.08 1.69 -12.79
C THR A 422 46.07 0.83 -13.62
N LEU A 423 46.00 0.92 -14.95
CA LEU A 423 46.94 0.18 -15.81
C LEU A 423 48.33 0.78 -15.65
N PRO A 424 49.33 -0.06 -15.30
CA PRO A 424 50.73 0.39 -15.06
C PRO A 424 51.57 0.40 -16.31
N GLN A 425 50.91 0.27 -17.46
CA GLN A 425 51.58 0.23 -18.75
C GLN A 425 50.55 0.57 -19.79
N ASP A 426 51.02 0.98 -20.95
CA ASP A 426 50.13 1.29 -22.01
C ASP A 426 49.78 -0.04 -22.63
N CYS A 427 48.50 -0.22 -22.94
CA CYS A 427 48.00 -1.45 -23.50
C CYS A 427 47.25 -1.14 -24.78
N SER A 428 47.87 -0.36 -25.66
CA SER A 428 47.29 -0.12 -26.96
C SER A 428 47.23 -1.44 -27.75
N ASN A 429 48.21 -2.32 -27.54
CA ASN A 429 48.11 -3.69 -28.04
C ASN A 429 47.56 -4.58 -26.93
N PRO A 430 46.62 -5.48 -27.27
CA PRO A 430 45.92 -6.28 -26.27
C PRO A 430 46.88 -7.02 -25.35
N ALA A 431 46.83 -6.74 -24.05
CA ALA A 431 47.63 -7.45 -23.07
C ALA A 431 46.78 -8.36 -22.20
N PRO A 432 47.36 -9.49 -21.77
CA PRO A 432 46.63 -10.46 -21.02
C PRO A 432 46.37 -10.03 -19.59
N LEU A 433 45.09 -9.91 -19.20
CA LEU A 433 44.71 -9.80 -17.78
C LEU A 433 44.37 -11.19 -17.27
N SER A 434 45.03 -11.63 -16.22
CA SER A 434 44.88 -13.02 -15.78
C SER A 434 44.92 -13.14 -14.25
N SER A 435 44.31 -14.23 -13.78
CA SER A 435 44.39 -14.69 -12.40
C SER A 435 45.04 -16.06 -12.47
N PRO A 436 46.38 -16.10 -12.40
CA PRO A 436 47.09 -17.39 -12.61
C PRO A 436 46.65 -18.52 -11.69
N LEU A 437 46.25 -18.24 -10.45
CA LEU A 437 45.79 -19.32 -9.59
C LEU A 437 44.26 -19.53 -9.67
N ASN A 438 43.61 -18.96 -10.70
CA ASN A 438 42.19 -19.23 -10.87
C ASN A 438 41.35 -18.77 -9.67
N GLY A 439 41.60 -17.54 -9.21
CA GLY A 439 40.96 -16.95 -8.06
C GLY A 439 40.02 -15.76 -8.34
N VAL A 440 39.27 -15.87 -9.43
CA VAL A 440 38.13 -15.00 -9.68
C VAL A 440 36.94 -15.80 -9.21
N HIS A 441 36.45 -15.52 -8.01
CA HIS A 441 35.39 -16.32 -7.42
C HIS A 441 34.17 -15.40 -7.32
N ASP A 442 33.30 -15.44 -8.33
CA ASP A 442 33.14 -16.47 -9.34
C ASP A 442 33.08 -15.94 -10.78
N ARG A 443 32.73 -14.68 -10.96
CA ARG A 443 32.66 -14.07 -12.29
C ARG A 443 33.07 -12.59 -12.19
N ALA A 444 33.85 -12.09 -13.17
CA ALA A 444 34.20 -10.69 -13.17
C ALA A 444 33.80 -10.08 -14.46
N TYR A 445 33.07 -8.99 -14.40
CA TYR A 445 32.72 -8.18 -15.55
C TYR A 445 33.75 -7.00 -15.63
N VAL A 446 34.57 -7.05 -16.66
CA VAL A 446 35.77 -6.20 -16.72
C VAL A 446 35.59 -5.00 -17.65
N ALA A 447 35.96 -3.82 -17.17
CA ALA A 447 35.90 -2.63 -18.02
C ALA A 447 37.18 -1.79 -17.87
N VAL A 448 37.51 -1.05 -18.91
CA VAL A 448 38.73 -0.22 -18.92
C VAL A 448 38.30 1.11 -19.46
N ASP A 449 38.42 2.15 -18.61
CA ASP A 449 37.83 3.47 -18.86
C ASP A 449 36.40 3.40 -19.41
N GLY A 450 35.56 2.61 -18.76
CA GLY A 450 34.16 2.44 -19.23
C GLY A 450 33.93 1.71 -20.53
N ILE A 451 34.95 1.02 -21.06
CA ILE A 451 34.75 0.18 -22.22
C ILE A 451 34.77 -1.28 -21.77
N PRO A 452 33.66 -2.01 -21.99
CA PRO A 452 33.66 -3.36 -21.46
C PRO A 452 34.67 -4.21 -22.23
N GLN A 453 35.40 -5.05 -21.53
CA GLN A 453 36.41 -5.91 -22.13
C GLN A 453 35.95 -7.39 -22.22
N GLY A 454 34.86 -7.75 -21.56
CA GLY A 454 34.39 -9.13 -21.47
C GLY A 454 34.50 -9.70 -20.05
N VAL A 455 34.68 -11.00 -19.95
CA VAL A 455 34.48 -11.69 -18.67
C VAL A 455 35.60 -12.64 -18.24
N LEU A 456 35.89 -12.67 -16.94
CA LEU A 456 36.68 -13.74 -16.37
C LEU A 456 35.76 -14.62 -15.53
N GLU A 457 36.09 -15.89 -15.49
CA GLU A 457 35.18 -16.91 -15.00
C GLU A 457 35.92 -17.96 -14.24
N ARG A 458 35.47 -18.23 -13.02
CA ARG A 458 36.05 -19.28 -12.25
C ARG A 458 36.06 -20.58 -13.07
N ASN A 459 37.27 -21.16 -13.19
CA ASN A 459 37.50 -22.46 -13.85
C ASN A 459 37.42 -22.47 -15.36
N ASN A 460 36.84 -21.48 -15.99
CA ASN A 460 36.66 -21.53 -17.43
C ASN A 460 37.56 -20.62 -18.25
N VAL A 461 37.77 -19.43 -17.74
CA VAL A 461 38.50 -18.41 -18.46
C VAL A 461 39.23 -17.61 -17.39
N ILE A 462 40.50 -17.89 -17.22
CA ILE A 462 41.28 -17.15 -16.23
C ILE A 462 42.12 -16.03 -16.86
N THR A 463 41.97 -15.87 -18.16
CA THR A 463 42.66 -14.80 -18.86
C THR A 463 41.77 -14.14 -19.87
N LEU A 464 41.90 -12.84 -19.97
CA LEU A 464 41.12 -12.00 -20.86
C LEU A 464 42.02 -10.87 -21.38
N ASN A 465 42.08 -10.69 -22.68
CA ASN A 465 42.90 -9.61 -23.23
C ASN A 465 42.21 -8.25 -23.14
N ILE A 466 42.95 -7.25 -22.66
CA ILE A 466 42.42 -5.94 -22.56
C ILE A 466 43.26 -4.96 -23.36
N THR A 467 42.60 -3.87 -23.75
CA THR A 467 43.31 -2.69 -24.23
C THR A 467 42.93 -1.41 -23.46
N GLY A 468 43.78 -0.40 -23.58
CA GLY A 468 43.57 0.92 -23.01
C GLY A 468 44.90 1.58 -22.80
N LYS A 469 44.89 2.85 -22.39
CA LYS A 469 46.14 3.60 -22.21
C LYS A 469 46.69 3.33 -20.84
N ALA A 470 47.96 3.70 -20.69
CA ALA A 470 48.62 3.73 -19.43
C ALA A 470 47.77 4.58 -18.50
N GLY A 471 47.57 4.17 -17.25
CA GLY A 471 46.84 5.01 -16.30
C GLY A 471 45.29 5.05 -16.42
N ALA A 472 44.76 4.26 -17.36
CA ALA A 472 43.34 3.96 -17.43
C ALA A 472 42.84 3.19 -16.23
N THR A 473 41.57 3.39 -15.94
CA THR A 473 40.93 2.75 -14.82
C THR A 473 40.42 1.37 -15.23
N LEU A 474 40.99 0.36 -14.56
CA LEU A 474 40.58 -1.04 -14.77
C LEU A 474 39.57 -1.40 -13.67
N ASP A 475 38.36 -1.76 -14.09
CA ASP A 475 37.29 -2.16 -13.18
C ASP A 475 36.97 -3.63 -13.38
N LEU A 476 36.97 -4.41 -12.28
CA LEU A 476 36.34 -5.72 -12.25
C LEU A 476 35.18 -5.77 -11.24
N LEU A 477 33.98 -5.97 -11.79
CA LEU A 477 32.77 -6.18 -11.00
C LEU A 477 32.68 -7.63 -10.75
N VAL A 478 32.90 -8.02 -9.51
CA VAL A 478 32.96 -9.46 -9.19
C VAL A 478 31.71 -9.93 -8.48
N GLU A 479 31.15 -11.04 -8.97
CA GLU A 479 29.87 -11.63 -8.46
C GLU A 479 30.14 -12.90 -7.67
N ASN A 480 29.62 -12.95 -6.45
CA ASN A 480 29.48 -14.19 -5.72
C ASN A 480 28.24 -14.94 -6.28
N MET A 481 28.48 -16.07 -6.95
CA MET A 481 27.41 -16.83 -7.62
C MET A 481 26.76 -17.88 -6.68
N GLY A 482 27.29 -17.97 -5.47
CA GLY A 482 26.85 -18.92 -4.49
C GLY A 482 28.02 -19.70 -3.89
N ARG A 483 28.10 -19.69 -2.58
CA ARG A 483 29.09 -20.47 -1.83
C ARG A 483 28.76 -21.93 -1.87
N VAL A 484 29.78 -22.71 -2.20
CA VAL A 484 29.59 -24.14 -2.19
C VAL A 484 29.00 -24.58 -0.85
N ASN A 485 27.99 -25.45 -0.96
CA ASN A 485 27.18 -25.93 0.13
C ASN A 485 27.37 -27.44 0.44
N TYR A 486 28.28 -28.11 -0.29
CA TYR A 486 28.59 -29.51 -0.07
C TYR A 486 29.99 -29.88 -0.51
N GLY A 487 30.63 -30.73 0.26
CA GLY A 487 31.99 -31.18 -0.05
C GLY A 487 32.96 -30.50 0.90
N ALA A 488 34.24 -30.66 0.59
CA ALA A 488 35.31 -30.15 1.44
C ALA A 488 35.47 -28.64 1.34
N TYR A 489 35.03 -28.07 0.21
CA TYR A 489 35.33 -26.71 -0.14
C TYR A 489 34.21 -25.70 0.13
N ILE A 490 33.53 -25.85 1.28
CA ILE A 490 32.48 -24.90 1.70
C ILE A 490 33.08 -23.58 2.29
N ASN A 491 34.39 -23.57 2.59
CA ASN A 491 35.13 -22.35 3.00
C ASN A 491 35.55 -21.56 1.77
N ASP A 492 34.55 -20.97 1.14
CA ASP A 492 34.63 -20.46 -0.20
C ASP A 492 34.43 -18.95 -0.02
N PHE A 493 35.53 -18.21 0.12
CA PHE A 493 35.55 -16.82 0.60
C PHE A 493 34.81 -15.78 -0.30
N LYS A 494 35.20 -15.82 -1.57
CA LYS A 494 34.66 -15.04 -2.72
C LYS A 494 35.38 -13.77 -3.01
N GLY A 495 35.25 -13.35 -4.28
CA GLY A 495 35.87 -12.15 -4.80
C GLY A 495 37.16 -12.51 -5.53
N LEU A 496 38.09 -11.55 -5.58
CA LEU A 496 39.43 -11.83 -6.06
C LEU A 496 40.23 -12.41 -4.87
N VAL A 497 40.38 -13.72 -4.86
CA VAL A 497 40.98 -14.41 -3.72
C VAL A 497 42.46 -14.70 -3.95
N SER A 498 42.99 -14.29 -5.07
CA SER A 498 44.40 -14.34 -5.30
C SER A 498 44.70 -13.21 -6.26
N ASN A 499 45.98 -13.04 -6.61
CA ASN A 499 46.41 -11.91 -7.42
C ASN A 499 45.92 -11.89 -8.86
N LEU A 500 45.88 -10.71 -9.46
CA LEU A 500 45.72 -10.59 -10.89
C LEU A 500 47.06 -10.14 -11.41
N THR A 501 47.37 -10.57 -12.63
CA THR A 501 48.49 -10.06 -13.38
C THR A 501 48.10 -9.45 -14.70
N LEU A 502 48.89 -8.51 -15.18
CA LEU A 502 48.73 -8.01 -16.48
C LEU A 502 50.08 -8.20 -17.16
N SER A 503 50.09 -8.86 -18.31
CA SER A 503 51.34 -9.17 -19.00
C SER A 503 52.33 -9.85 -18.03
N SER A 504 51.79 -10.75 -17.21
CA SER A 504 52.55 -11.56 -16.28
C SER A 504 52.95 -10.82 -14.98
N ASN A 505 52.72 -9.50 -14.88
CA ASN A 505 53.18 -8.78 -13.69
C ASN A 505 52.01 -8.46 -12.78
N ILE A 506 52.19 -8.76 -11.49
CA ILE A 506 51.11 -8.60 -10.51
C ILE A 506 50.68 -7.15 -10.46
N LEU A 507 49.38 -6.93 -10.58
CA LEU A 507 48.82 -5.62 -10.50
C LEU A 507 48.61 -5.28 -9.04
N THR A 508 49.14 -4.13 -8.62
CA THR A 508 48.95 -3.67 -7.26
C THR A 508 48.17 -2.39 -7.25
N ASP A 509 47.80 -1.99 -6.02
CA ASP A 509 47.21 -0.70 -5.67
C ASP A 509 45.73 -0.65 -6.00
N TRP A 510 44.94 -1.27 -5.12
CA TRP A 510 43.55 -1.54 -5.34
C TRP A 510 42.61 -0.66 -4.54
N THR A 511 41.50 -0.26 -5.16
CA THR A 511 40.45 0.48 -4.51
C THR A 511 39.17 -0.37 -4.65
N ILE A 512 38.60 -0.76 -3.51
CA ILE A 512 37.62 -1.86 -3.47
C ILE A 512 36.33 -1.36 -2.84
N PHE A 513 35.25 -1.40 -3.60
CA PHE A 513 33.99 -0.86 -3.20
C PHE A 513 33.03 -2.00 -2.97
N PRO A 514 32.69 -2.30 -1.71
CA PRO A 514 31.53 -3.14 -1.37
C PRO A 514 30.25 -2.44 -1.87
N LEU A 515 29.33 -3.19 -2.50
CA LEU A 515 28.17 -2.55 -3.14
C LEU A 515 26.90 -2.94 -2.35
N ASP A 516 26.27 -1.90 -1.79
CA ASP A 516 25.02 -2.04 -1.05
C ASP A 516 23.89 -1.98 -2.06
N THR A 517 23.86 -2.99 -2.90
CA THR A 517 22.91 -3.04 -4.00
C THR A 517 21.49 -3.00 -3.52
N GLU A 518 21.22 -3.67 -2.40
CA GLU A 518 19.83 -3.82 -1.95
C GLU A 518 19.26 -2.46 -1.49
N ASP A 519 20.05 -1.69 -0.73
CA ASP A 519 19.62 -0.37 -0.25
C ASP A 519 19.42 0.57 -1.42
N ALA A 520 20.37 0.52 -2.36
CA ALA A 520 20.40 1.44 -3.46
C ALA A 520 19.22 1.22 -4.36
N VAL A 521 18.91 -0.05 -4.60
CA VAL A 521 17.69 -0.38 -5.32
C VAL A 521 16.45 0.09 -4.58
N ARG A 522 16.37 -0.11 -3.26
CA ARG A 522 15.18 0.38 -2.51
C ARG A 522 15.06 1.89 -2.50
N SER A 523 16.16 2.62 -2.61
CA SER A 523 16.13 4.07 -2.80
C SER A 523 16.06 4.58 -4.29
N HIS A 524 15.89 3.67 -5.26
CA HIS A 524 15.97 4.02 -6.70
C HIS A 524 17.26 4.81 -7.01
N LEU A 525 18.37 4.24 -6.54
CA LEU A 525 19.71 4.83 -6.65
C LEU A 525 19.74 6.26 -6.11
N GLY A 526 19.05 6.51 -5.01
CA GLY A 526 19.11 7.83 -4.36
C GLY A 526 17.97 8.75 -4.76
N GLY A 527 17.32 8.41 -5.88
CA GLY A 527 16.26 9.23 -6.44
C GLY A 527 15.07 9.51 -5.55
N TRP A 528 14.76 8.58 -4.63
CA TRP A 528 13.66 8.70 -3.66
C TRP A 528 14.11 9.15 -2.26
N GLY A 529 15.35 9.56 -2.08
CA GLY A 529 15.80 9.98 -0.74
C GLY A 529 16.05 8.80 0.14
N HIS A 530 16.14 9.05 1.43
CA HIS A 530 16.51 8.04 2.42
C HIS A 530 15.62 8.05 3.66
N ARG A 531 14.46 8.68 3.53
CA ARG A 531 13.43 8.49 4.52
C ARG A 531 12.90 7.07 4.49
N ASN A 546 30.22 -9.71 -27.71
CA ASN A 546 30.03 -8.26 -27.44
C ASN A 546 29.27 -7.98 -26.11
N TYR A 547 29.59 -6.89 -25.42
CA TYR A 547 29.11 -6.65 -24.03
C TYR A 547 28.69 -5.20 -23.84
N THR A 548 27.87 -4.93 -22.84
CA THR A 548 27.62 -3.56 -22.33
C THR A 548 28.06 -3.46 -20.88
N LEU A 549 28.28 -2.22 -20.42
CA LEU A 549 28.65 -1.98 -19.03
C LEU A 549 27.57 -2.41 -18.09
N PRO A 550 27.94 -3.11 -17.01
CA PRO A 550 26.93 -3.40 -16.02
C PRO A 550 26.15 -2.13 -15.57
N ALA A 551 24.83 -2.24 -15.56
CA ALA A 551 23.96 -1.10 -15.38
C ALA A 551 22.56 -1.54 -14.87
N PHE A 552 21.82 -0.58 -14.32
CA PHE A 552 20.51 -0.76 -13.70
C PHE A 552 19.50 -0.22 -14.69
N TYR A 553 18.48 -1.00 -15.03
CA TYR A 553 17.47 -0.61 -15.98
C TYR A 553 16.14 -0.67 -15.25
N MET A 554 15.30 0.34 -15.39
CA MET A 554 14.08 0.44 -14.57
C MET A 554 12.88 0.69 -15.39
N GLY A 555 11.73 0.15 -14.98
CA GLY A 555 10.49 0.42 -15.67
C GLY A 555 9.33 0.16 -14.71
N ASN A 556 8.21 0.80 -14.98
CA ASN A 556 7.03 0.73 -14.12
C ASN A 556 5.86 0.06 -14.86
N PHE A 557 5.00 -0.59 -14.11
CA PHE A 557 3.70 -0.96 -14.62
C PHE A 557 2.67 -0.88 -13.51
N SER A 558 1.45 -0.61 -13.92
CA SER A 558 0.33 -0.43 -13.02
C SER A 558 -0.69 -1.54 -13.11
N ILE A 559 -1.44 -1.71 -12.02
CA ILE A 559 -2.38 -2.73 -11.89
C ILE A 559 -3.55 -2.09 -11.21
N PRO A 560 -4.75 -2.28 -11.78
CA PRO A 560 -5.92 -1.58 -11.26
C PRO A 560 -6.37 -2.05 -9.88
N SER A 561 -6.88 -1.09 -9.10
CA SER A 561 -7.48 -1.39 -7.78
C SER A 561 -8.95 -1.78 -7.96
N GLY A 562 -9.57 -2.28 -6.89
CA GLY A 562 -10.99 -2.65 -6.91
C GLY A 562 -11.34 -3.87 -7.71
N ILE A 563 -10.33 -4.61 -8.17
CA ILE A 563 -10.49 -5.89 -8.89
C ILE A 563 -10.12 -7.10 -7.97
N PRO A 564 -11.11 -7.89 -7.59
CA PRO A 564 -10.90 -8.90 -6.51
C PRO A 564 -9.85 -9.88 -6.88
N ASP A 565 -9.70 -10.15 -8.18
CA ASP A 565 -8.70 -11.13 -8.56
C ASP A 565 -7.39 -10.56 -9.09
N LEU A 566 -7.09 -9.29 -8.81
CA LEU A 566 -5.75 -8.70 -9.13
C LEU A 566 -5.21 -7.93 -7.91
N PRO A 567 -3.92 -8.05 -7.66
CA PRO A 567 -2.95 -8.78 -8.46
C PRO A 567 -2.95 -10.29 -8.31
N GLN A 568 -2.34 -10.92 -9.29
CA GLN A 568 -2.12 -12.35 -9.25
C GLN A 568 -0.66 -12.64 -9.43
N ASP A 569 -0.28 -13.84 -8.97
CA ASP A 569 1.07 -14.37 -9.26
C ASP A 569 1.37 -14.29 -10.75
N THR A 570 2.66 -14.18 -11.04
CA THR A 570 3.16 -14.20 -12.39
C THR A 570 4.59 -14.74 -12.50
N PHE A 571 5.06 -14.76 -13.74
CA PHE A 571 6.39 -15.24 -14.10
C PHE A 571 6.99 -14.24 -15.02
N ILE A 572 8.22 -13.83 -14.69
CA ILE A 572 8.94 -12.81 -15.48
C ILE A 572 10.04 -13.50 -16.28
N GLN A 573 10.20 -12.96 -17.49
CA GLN A 573 10.99 -13.57 -18.56
C GLN A 573 11.83 -12.41 -19.14
N PHE A 574 13.03 -12.70 -19.64
CA PHE A 574 13.96 -11.67 -20.05
C PHE A 574 14.49 -11.92 -21.48
N PRO A 575 13.59 -12.00 -22.48
CA PRO A 575 14.05 -12.18 -23.84
C PRO A 575 15.06 -11.11 -24.25
N GLY A 576 16.23 -11.51 -24.71
CA GLY A 576 17.30 -10.59 -25.18
C GLY A 576 18.29 -10.10 -24.13
N TRP A 577 17.95 -10.25 -22.86
CA TRP A 577 18.90 -9.94 -21.80
C TRP A 577 19.88 -11.13 -21.69
N THR A 578 20.78 -11.14 -20.72
CA THR A 578 21.85 -12.12 -20.73
C THR A 578 22.01 -12.72 -19.36
N LYS A 579 22.52 -11.95 -18.43
CA LYS A 579 22.70 -12.41 -17.07
C LYS A 579 22.60 -11.24 -16.11
N GLY A 580 21.86 -11.44 -15.03
CA GLY A 580 21.69 -10.39 -14.01
C GLY A 580 20.80 -10.76 -12.82
N GLN A 581 20.52 -9.70 -12.04
CA GLN A 581 19.64 -9.70 -10.86
C GLN A 581 18.38 -8.84 -11.12
N VAL A 582 17.25 -9.28 -10.58
CA VAL A 582 15.99 -8.56 -10.77
C VAL A 582 15.24 -8.33 -9.48
N TRP A 583 14.65 -7.13 -9.39
CA TRP A 583 13.90 -6.69 -8.21
C TRP A 583 12.55 -6.18 -8.67
N ILE A 584 11.46 -6.47 -7.92
CA ILE A 584 10.23 -5.73 -8.13
C ILE A 584 9.86 -5.03 -6.80
N ASN A 585 9.56 -3.73 -6.89
CA ASN A 585 9.39 -2.87 -5.69
C ASN A 585 10.41 -3.17 -4.63
N GLY A 586 11.66 -3.33 -5.06
CA GLY A 586 12.75 -3.57 -4.13
C GLY A 586 12.83 -4.95 -3.54
N PHE A 587 12.00 -5.91 -4.00
CA PHE A 587 12.11 -7.30 -3.52
C PHE A 587 12.96 -8.05 -4.50
N ASN A 588 14.04 -8.66 -3.99
CA ASN A 588 15.01 -9.26 -4.87
C ASN A 588 14.51 -10.67 -5.20
N LEU A 589 14.08 -10.85 -6.44
CA LEU A 589 13.47 -12.10 -6.92
C LEU A 589 14.49 -13.21 -7.18
N GLY A 590 15.75 -12.77 -7.32
CA GLY A 590 16.89 -13.60 -7.65
C GLY A 590 17.59 -13.27 -8.96
N ARG A 591 18.29 -14.29 -9.46
CA ARG A 591 19.12 -14.16 -10.64
C ARG A 591 18.46 -14.74 -11.88
N TYR A 592 18.64 -14.07 -13.00
CA TYR A 592 18.21 -14.59 -14.26
C TYR A 592 19.46 -14.86 -15.09
N TRP A 593 19.35 -15.83 -15.99
CA TRP A 593 20.45 -16.19 -16.86
C TRP A 593 19.90 -16.99 -18.04
N PRO A 594 19.07 -16.34 -18.89
CA PRO A 594 18.51 -17.01 -20.06
C PRO A 594 19.54 -17.47 -21.07
N ALA A 595 20.67 -16.80 -21.14
CA ALA A 595 21.80 -17.31 -21.90
C ALA A 595 22.22 -18.76 -21.54
N ARG A 596 21.94 -19.25 -20.33
CA ARG A 596 22.39 -20.61 -19.98
C ARG A 596 21.24 -21.55 -19.75
N GLY A 597 20.13 -21.10 -19.13
CA GLY A 597 19.07 -22.01 -18.75
C GLY A 597 19.48 -22.96 -17.61
N PRO A 598 18.59 -23.92 -17.27
CA PRO A 598 17.35 -24.31 -17.89
C PRO A 598 16.20 -23.33 -17.58
N GLN A 599 16.40 -22.55 -16.50
CA GLN A 599 15.40 -21.59 -16.08
C GLN A 599 15.37 -20.36 -16.95
N LEU A 600 14.26 -20.10 -17.62
CA LEU A 600 14.03 -18.79 -18.30
C LEU A 600 13.13 -17.86 -17.45
N THR A 601 12.06 -18.35 -16.87
CA THR A 601 11.25 -17.43 -16.06
C THR A 601 11.63 -17.41 -14.56
N LEU A 602 11.37 -16.29 -13.91
CA LEU A 602 11.45 -16.25 -12.46
C LEU A 602 10.03 -16.08 -11.90
N PHE A 603 9.78 -16.78 -10.79
CA PHE A 603 8.49 -16.73 -10.13
C PHE A 603 8.34 -15.36 -9.40
N VAL A 604 7.17 -14.73 -9.57
CA VAL A 604 6.80 -13.47 -8.94
C VAL A 604 5.52 -13.64 -8.13
N PRO A 605 5.64 -13.71 -6.79
CA PRO A 605 4.47 -13.85 -5.92
C PRO A 605 3.67 -12.56 -5.89
N GLN A 606 2.36 -12.69 -5.87
CA GLN A 606 1.48 -11.53 -6.03
C GLN A 606 1.59 -10.45 -4.93
N HIS A 607 2.01 -10.85 -3.71
CA HIS A 607 1.97 -9.91 -2.56
C HIS A 607 2.98 -8.81 -2.59
N ILE A 608 4.04 -8.95 -3.36
CA ILE A 608 4.91 -7.82 -3.53
C ILE A 608 4.41 -6.82 -4.61
N LEU A 609 3.30 -7.14 -5.27
CA LEU A 609 2.75 -6.26 -6.36
C LEU A 609 1.74 -5.36 -5.71
N MET A 610 1.56 -4.19 -6.27
CA MET A 610 0.73 -3.18 -5.64
C MET A 610 -0.30 -2.71 -6.70
N THR A 611 -1.49 -2.29 -6.25
CA THR A 611 -2.49 -1.60 -7.12
C THR A 611 -2.57 -0.07 -6.99
N SER A 612 -3.12 0.57 -8.02
CA SER A 612 -2.97 2.02 -8.30
C SER A 612 -1.50 2.58 -8.40
N ALA A 613 -0.74 2.46 -7.30
CA ALA A 613 0.69 2.84 -7.21
C ALA A 613 1.60 2.07 -8.17
N PRO A 614 2.51 2.76 -8.89
CA PRO A 614 3.27 2.02 -9.88
C PRO A 614 4.29 1.02 -9.32
N ASN A 615 4.33 -0.15 -9.93
CA ASN A 615 5.27 -1.23 -9.58
C ASN A 615 6.62 -1.04 -10.30
N THR A 616 7.71 -0.93 -9.53
CA THR A 616 9.00 -0.54 -10.12
C THR A 616 9.87 -1.78 -10.29
N ILE A 617 10.18 -2.10 -11.56
CA ILE A 617 11.06 -3.22 -11.90
C ILE A 617 12.45 -2.66 -12.06
N THR A 618 13.39 -3.25 -11.35
CA THR A 618 14.76 -2.91 -11.53
C THR A 618 15.51 -4.14 -12.07
N VAL A 619 16.21 -3.99 -13.18
CA VAL A 619 17.06 -5.07 -13.65
C VAL A 619 18.54 -4.62 -13.62
N LEU A 620 19.39 -5.38 -12.91
CA LEU A 620 20.84 -5.18 -13.05
C LEU A 620 21.38 -6.19 -14.08
N GLU A 621 21.65 -5.71 -15.30
CA GLU A 621 22.20 -6.53 -16.37
C GLU A 621 23.71 -6.47 -16.30
N LEU A 622 24.37 -7.63 -16.28
CA LEU A 622 25.84 -7.70 -16.09
C LEU A 622 26.65 -7.78 -17.37
N GLU A 623 26.05 -8.29 -18.45
CA GLU A 623 26.84 -8.72 -19.59
C GLU A 623 26.39 -8.06 -20.88
N TRP A 624 25.09 -8.11 -21.17
CA TRP A 624 24.59 -7.45 -22.38
C TRP A 624 23.12 -7.19 -22.31
N ALA A 625 22.73 -5.93 -22.52
CA ALA A 625 21.34 -5.51 -22.40
C ALA A 625 20.81 -5.15 -23.80
N PRO A 626 19.56 -5.52 -24.11
CA PRO A 626 18.98 -5.29 -25.43
C PRO A 626 18.41 -3.88 -25.65
N CYS A 627 19.23 -2.87 -25.44
CA CYS A 627 18.73 -1.56 -25.10
C CYS A 627 19.56 -0.41 -25.76
N SER A 628 20.42 -0.70 -26.72
CA SER A 628 21.12 0.39 -27.38
C SER A 628 20.18 0.91 -28.44
N SER A 629 19.95 0.08 -29.46
CA SER A 629 19.21 0.42 -30.69
C SER A 629 18.04 1.40 -30.54
N ASP A 630 17.55 1.87 -31.68
CA ASP A 630 16.47 2.84 -31.70
C ASP A 630 15.12 2.13 -31.78
N ASP A 631 14.97 1.06 -31.00
CA ASP A 631 13.67 0.46 -30.73
C ASP A 631 13.59 0.20 -29.22
N PRO A 632 12.96 1.14 -28.46
CA PRO A 632 12.82 1.08 -27.01
C PRO A 632 11.98 -0.09 -26.59
N GLU A 633 11.18 -0.63 -27.52
CA GLU A 633 10.35 -1.82 -27.29
CA GLU A 633 10.36 -1.81 -27.25
C GLU A 633 11.22 -3.08 -27.10
N LEU A 634 12.46 -3.06 -27.58
CA LEU A 634 13.30 -4.21 -27.34
C LEU A 634 13.80 -4.18 -25.90
N CYS A 635 13.94 -2.99 -25.30
CA CYS A 635 14.42 -2.86 -23.95
C CYS A 635 13.25 -3.01 -23.02
N ALA A 636 12.97 -4.28 -22.71
CA ALA A 636 11.75 -4.67 -22.03
C ALA A 636 11.83 -6.09 -21.39
N VAL A 637 10.97 -6.34 -20.42
CA VAL A 637 10.73 -7.67 -19.89
C VAL A 637 9.27 -8.06 -20.16
N THR A 638 8.93 -9.31 -19.96
CA THR A 638 7.61 -9.82 -20.23
C THR A 638 7.13 -10.70 -19.11
N PHE A 639 5.89 -10.49 -18.69
CA PHE A 639 5.30 -11.32 -17.67
C PHE A 639 4.35 -12.30 -18.34
N VAL A 640 4.55 -13.58 -18.03
CA VAL A 640 3.74 -14.67 -18.59
C VAL A 640 3.06 -15.49 -17.45
N ASP A 641 2.23 -16.44 -17.84
CA ASP A 641 1.32 -17.12 -16.89
C ASP A 641 1.61 -18.64 -16.68
N ARG A 642 2.63 -19.13 -17.37
CA ARG A 642 3.18 -20.46 -17.16
C ARG A 642 4.70 -20.35 -16.97
N PRO A 643 5.27 -21.14 -16.06
CA PRO A 643 6.72 -21.15 -15.86
C PRO A 643 7.47 -21.78 -17.02
N VAL A 644 8.70 -21.36 -17.28
CA VAL A 644 9.62 -22.08 -18.19
C VAL A 644 10.92 -22.28 -17.40
N ILE A 645 10.97 -23.39 -16.67
CA ILE A 645 12.13 -23.80 -15.88
C ILE A 645 12.83 -25.05 -16.45
N GLY A 646 12.32 -25.52 -17.60
CA GLY A 646 12.70 -26.82 -18.16
C GLY A 646 13.14 -26.73 -19.60
N SER A 647 14.09 -25.81 -19.85
CA SER A 647 14.51 -25.43 -21.20
C SER A 647 15.80 -26.12 -21.68
N SER A 648 15.90 -26.23 -23.02
CA SER A 648 17.03 -26.89 -23.69
C SER A 648 18.39 -26.66 -23.03
N GLN B 30 31.07 -11.82 32.08
CA GLN B 30 29.58 -11.84 32.10
C GLN B 30 29.02 -10.55 32.73
N ARG B 31 27.99 -9.98 32.13
CA ARG B 31 27.43 -8.72 32.58
C ARG B 31 26.70 -8.89 33.92
N MET B 32 26.70 -7.82 34.71
CA MET B 32 26.25 -7.89 36.09
C MET B 32 25.48 -6.63 36.45
N PHE B 33 24.29 -6.83 37.00
CA PHE B 33 23.52 -5.75 37.56
C PHE B 33 23.00 -6.18 38.91
N GLU B 34 23.15 -5.35 39.92
CA GLU B 34 22.74 -5.72 41.26
C GLU B 34 22.58 -4.49 42.17
N ILE B 35 21.90 -4.73 43.28
CA ILE B 35 21.78 -3.71 44.29
C ILE B 35 23.05 -3.81 45.10
N ASP B 36 23.71 -2.66 45.26
CA ASP B 36 24.80 -2.53 46.21
C ASP B 36 24.21 -2.07 47.51
N TYR B 37 24.08 -2.99 48.45
CA TYR B 37 23.64 -2.65 49.78
C TYR B 37 24.73 -1.88 50.61
N SER B 38 26.01 -2.00 50.23
CA SER B 38 27.09 -1.24 50.91
C SER B 38 27.10 0.28 50.66
N ARG B 39 26.56 0.70 49.53
CA ARG B 39 26.60 2.11 49.15
C ARG B 39 25.24 2.64 48.76
N ASP B 40 24.17 1.95 49.14
CA ASP B 40 22.83 2.45 48.87
C ASP B 40 22.66 2.89 47.40
N SER B 41 23.03 2.00 46.50
CA SER B 41 23.15 2.33 45.08
C SER B 41 22.92 1.07 44.31
N PHE B 42 23.09 1.15 43.00
CA PHE B 42 23.12 -0.04 42.17
C PHE B 42 24.57 -0.18 41.73
N LEU B 43 24.94 -1.37 41.28
CA LEU B 43 26.25 -1.57 40.63
C LEU B 43 26.01 -2.22 39.30
N LYS B 44 26.58 -1.66 38.25
CA LYS B 44 26.42 -2.23 36.92
C LYS B 44 27.80 -2.52 36.39
N ASP B 45 28.06 -3.78 36.10
CA ASP B 45 29.41 -4.28 35.86
C ASP B 45 30.45 -3.65 36.80
N GLY B 46 30.15 -3.68 38.10
CA GLY B 46 31.06 -3.20 39.14
C GLY B 46 31.10 -1.71 39.42
N GLN B 47 30.46 -0.89 38.59
CA GLN B 47 30.51 0.55 38.77
C GLN B 47 29.24 1.02 39.45
N PRO B 48 29.32 2.11 40.24
CA PRO B 48 28.10 2.74 40.75
C PRO B 48 27.13 3.13 39.65
N PHE B 49 25.83 2.98 39.90
CA PHE B 49 24.84 3.34 38.88
C PHE B 49 23.54 3.82 39.50
N ARG B 50 22.96 4.88 38.97
CA ARG B 50 21.57 5.20 39.30
C ARG B 50 20.86 5.60 38.06
N TYR B 51 19.57 5.31 38.03
CA TYR B 51 18.82 5.56 36.81
C TYR B 51 17.91 6.76 36.94
N THR B 52 17.77 7.43 35.80
CA THR B 52 16.81 8.50 35.59
C THR B 52 15.98 8.04 34.41
N SER B 53 14.76 7.62 34.70
CA SER B 53 13.98 6.82 33.76
C SER B 53 12.74 7.65 33.43
N GLY B 54 12.14 7.33 32.30
CA GLY B 54 10.79 7.80 31.98
C GLY B 54 9.93 6.62 31.60
N SER B 55 8.63 6.74 31.84
CA SER B 55 7.63 5.73 31.44
C SER B 55 7.16 5.93 30.00
N ILE B 56 7.15 4.83 29.23
CA ILE B 56 6.58 4.76 27.89
C ILE B 56 5.93 3.40 27.77
N HIS B 57 4.66 3.41 27.35
CA HIS B 57 3.87 2.19 27.18
C HIS B 57 3.81 1.82 25.71
N TYR B 58 4.54 0.77 25.34
CA TYR B 58 4.56 0.30 23.92
C TYR B 58 3.17 0.04 23.35
N SER B 59 2.23 -0.33 24.21
CA SER B 59 0.86 -0.62 23.76
C SER B 59 0.02 0.64 23.48
N ARG B 60 0.55 1.78 23.84
CA ARG B 60 -0.08 3.08 23.65
C ARG B 60 0.58 3.93 22.55
N VAL B 61 1.67 3.44 21.96
CA VAL B 61 2.31 4.11 20.86
C VAL B 61 2.36 3.17 19.67
N PRO B 62 1.99 3.66 18.48
CA PRO B 62 2.28 2.81 17.33
C PRO B 62 3.75 2.36 17.18
N ARG B 63 3.99 1.13 16.76
CA ARG B 63 5.33 0.70 16.55
C ARG B 63 6.10 1.60 15.56
N PHE B 64 5.39 2.10 14.55
CA PHE B 64 5.94 3.07 13.61
C PHE B 64 6.70 4.17 14.29
N TYR B 65 6.16 4.63 15.41
CA TYR B 65 6.83 5.68 16.19
C TYR B 65 7.63 5.23 17.43
N TRP B 66 7.86 3.97 17.68
CA TRP B 66 8.62 3.62 18.90
C TRP B 66 10.02 4.25 18.89
N LYS B 67 10.77 4.08 17.80
CA LYS B 67 12.09 4.74 17.69
C LYS B 67 12.09 6.28 17.93
N ASP B 68 11.16 7.00 17.31
CA ASP B 68 11.01 8.44 17.52
C ASP B 68 10.84 8.83 18.98
N ARG B 69 9.88 8.22 19.69
CA ARG B 69 9.65 8.48 21.12
C ARG B 69 10.88 8.14 21.96
N LEU B 70 11.43 6.96 21.71
CA LEU B 70 12.59 6.49 22.51
C LEU B 70 13.81 7.36 22.34
N LEU B 71 14.11 7.80 21.11
CA LEU B 71 15.27 8.71 20.84
C LEU B 71 15.10 10.11 21.51
N LYS B 72 13.84 10.58 21.52
CA LYS B 72 13.45 11.80 22.18
C LYS B 72 13.67 11.65 23.68
N MET B 73 13.29 10.49 24.20
CA MET B 73 13.54 10.14 25.61
C MET B 73 15.05 10.18 25.94
N LYS B 74 15.85 9.51 25.12
CA LYS B 74 17.31 9.49 25.27
C LYS B 74 17.92 10.90 25.24
N MET B 75 17.44 11.73 24.32
CA MET B 75 18.00 13.09 24.19
C MET B 75 17.61 14.00 25.39
N ALA B 76 16.56 13.67 26.12
CA ALA B 76 16.28 14.39 27.36
C ALA B 76 17.34 14.04 28.43
N GLY B 77 18.20 13.06 28.17
CA GLY B 77 19.14 12.59 29.22
C GLY B 77 18.69 11.44 30.07
N LEU B 78 17.58 10.79 29.72
CA LEU B 78 17.17 9.57 30.45
C LEU B 78 18.11 8.45 30.11
N ASN B 79 18.50 7.62 31.08
CA ASN B 79 19.34 6.50 30.75
C ASN B 79 18.61 5.19 30.86
N ALA B 80 17.34 5.28 31.18
CA ALA B 80 16.51 4.11 31.16
C ALA B 80 15.13 4.54 30.80
N ILE B 81 14.33 3.56 30.38
CA ILE B 81 12.90 3.66 30.27
C ILE B 81 12.26 2.51 31.04
N GLN B 82 11.01 2.77 31.37
CA GLN B 82 10.23 1.89 32.16
C GLN B 82 8.96 1.71 31.36
N THR B 83 8.51 0.44 31.29
CA THR B 83 7.28 0.04 30.60
C THR B 83 6.48 -1.10 31.30
N TYR B 84 5.19 -1.18 30.97
CA TYR B 84 4.25 -2.19 31.46
C TYR B 84 3.95 -3.23 30.34
N VAL B 85 3.89 -4.51 30.70
CA VAL B 85 3.41 -5.56 29.82
C VAL B 85 1.94 -5.86 30.16
N PRO B 86 0.99 -5.39 29.33
CA PRO B 86 -0.38 -5.58 29.62
C PRO B 86 -0.77 -6.99 29.12
N TRP B 87 -1.11 -7.90 30.06
CA TRP B 87 -1.37 -9.33 29.75
C TRP B 87 -2.52 -9.46 28.74
N ASN B 88 -3.56 -8.66 28.90
CA ASN B 88 -4.66 -8.73 27.99
C ASN B 88 -4.34 -8.25 26.59
N PHE B 89 -3.28 -7.47 26.44
CA PHE B 89 -2.81 -7.01 25.17
C PHE B 89 -2.09 -8.11 24.38
N HIS B 90 -1.49 -9.09 25.09
CA HIS B 90 -0.84 -10.24 24.47
C HIS B 90 -1.59 -11.58 24.50
N GLU B 91 -2.53 -11.78 25.42
CA GLU B 91 -3.34 -13.00 25.46
C GLU B 91 -4.83 -12.72 25.46
N PRO B 92 -5.37 -12.36 24.31
CA PRO B 92 -6.80 -12.06 24.28
C PRO B 92 -7.73 -13.27 24.55
N TRP B 93 -7.31 -14.50 24.21
CA TRP B 93 -7.97 -15.74 24.67
C TRP B 93 -6.96 -16.73 25.22
N PRO B 94 -7.40 -17.60 26.13
CA PRO B 94 -6.37 -18.49 26.68
C PRO B 94 -5.71 -19.31 25.57
N GLY B 95 -4.40 -19.19 25.45
CA GLY B 95 -3.66 -19.95 24.45
C GLY B 95 -3.50 -19.28 23.10
N GLN B 96 -4.17 -18.15 22.84
CA GLN B 96 -3.90 -17.37 21.66
C GLN B 96 -3.07 -16.15 22.01
N TYR B 97 -1.91 -16.05 21.37
CA TYR B 97 -0.91 -15.08 21.74
C TYR B 97 -0.69 -14.05 20.63
N GLN B 98 -0.45 -12.79 21.02
CA GLN B 98 -0.14 -11.68 20.11
C GLN B 98 1.18 -11.00 20.56
N PHE B 99 2.24 -11.23 19.80
CA PHE B 99 3.56 -10.70 20.07
C PHE B 99 4.18 -10.14 18.80
N SER B 100 3.34 -9.76 17.83
CA SER B 100 3.84 -9.35 16.50
C SER B 100 3.40 -7.94 16.22
N GLU B 101 4.13 -7.23 15.36
CA GLU B 101 3.79 -5.89 14.89
C GLU B 101 3.64 -4.95 16.10
N ASP B 102 2.51 -4.28 16.30
CA ASP B 102 2.37 -3.39 17.46
C ASP B 102 2.41 -4.13 18.84
N HIS B 103 2.44 -5.46 18.83
CA HIS B 103 2.45 -6.25 20.07
C HIS B 103 3.83 -6.82 20.34
N ASP B 104 4.82 -6.48 19.53
CA ASP B 104 6.17 -7.04 19.67
C ASP B 104 6.98 -6.42 20.80
N VAL B 105 6.61 -6.75 22.04
CA VAL B 105 7.35 -6.29 23.20
C VAL B 105 8.85 -6.67 23.13
N GLU B 106 9.17 -7.82 22.56
CA GLU B 106 10.58 -8.25 22.45
C GLU B 106 11.35 -7.22 21.60
N TYR B 107 10.78 -6.90 20.43
CA TYR B 107 11.37 -5.86 19.57
C TYR B 107 11.46 -4.53 20.26
N PHE B 108 10.44 -4.14 20.98
CA PHE B 108 10.46 -2.85 21.64
C PHE B 108 11.66 -2.77 22.57
N LEU B 109 11.88 -3.82 23.36
CA LEU B 109 13.00 -3.88 24.28
C LEU B 109 14.36 -3.82 23.56
N ARG B 110 14.48 -4.50 22.43
CA ARG B 110 15.72 -4.51 21.63
C ARG B 110 15.99 -3.14 21.08
N LEU B 111 14.93 -2.47 20.64
CA LEU B 111 15.06 -1.12 20.14
C LEU B 111 15.59 -0.19 21.24
N ALA B 112 14.95 -0.22 22.42
CA ALA B 112 15.47 0.54 23.56
C ALA B 112 17.01 0.33 23.73
N HIS B 113 17.44 -0.92 23.67
CA HIS B 113 18.81 -1.35 23.96
C HIS B 113 19.79 -0.90 22.88
N GLU B 114 19.35 -1.00 21.61
CA GLU B 114 20.16 -0.47 20.50
C GLU B 114 20.36 1.03 20.61
N LEU B 115 19.43 1.73 21.22
CA LEU B 115 19.64 3.16 21.49
C LEU B 115 20.45 3.40 22.74
N GLY B 116 20.87 2.33 23.43
CA GLY B 116 21.69 2.48 24.63
C GLY B 116 20.85 2.85 25.83
N LEU B 117 19.57 2.49 25.85
CA LEU B 117 18.73 2.66 27.02
C LEU B 117 18.58 1.36 27.73
N LEU B 118 18.58 1.43 29.05
CA LEU B 118 18.26 0.26 29.85
C LEU B 118 16.75 0.28 30.10
N VAL B 119 16.21 -0.84 30.52
CA VAL B 119 14.80 -0.99 30.78
C VAL B 119 14.51 -1.43 32.21
N ILE B 120 13.52 -0.76 32.79
CA ILE B 120 12.86 -1.28 33.97
C ILE B 120 11.56 -1.89 33.48
N LEU B 121 11.39 -3.17 33.71
CA LEU B 121 10.27 -3.91 33.12
C LEU B 121 9.22 -4.20 34.17
N ARG B 122 7.98 -3.85 33.86
CA ARG B 122 6.87 -4.04 34.77
C ARG B 122 5.77 -4.95 34.21
N PRO B 123 5.92 -6.26 34.40
CA PRO B 123 5.02 -7.27 33.78
C PRO B 123 3.72 -7.69 34.52
N GLY B 124 3.38 -7.05 35.63
CA GLY B 124 2.11 -7.33 36.27
C GLY B 124 2.13 -8.57 37.17
N PRO B 125 1.16 -9.52 37.01
CA PRO B 125 0.18 -9.65 35.92
C PRO B 125 -0.84 -8.55 35.91
N TYR B 126 -0.97 -7.84 37.04
CA TYR B 126 -1.76 -6.61 37.15
C TYR B 126 -0.86 -5.37 37.11
N ILE B 127 -1.22 -4.42 36.23
CA ILE B 127 -0.45 -3.20 36.05
C ILE B 127 -1.23 -1.89 36.31
N CYS B 128 -2.55 -1.98 36.56
CA CYS B 128 -3.39 -0.77 36.82
C CYS B 128 -3.45 0.12 35.54
N ALA B 129 -2.65 1.19 35.51
CA ALA B 129 -2.19 1.84 34.26
C ALA B 129 -3.25 2.61 33.46
N GLU B 130 -4.43 2.83 34.05
CA GLU B 130 -5.58 3.43 33.36
C GLU B 130 -5.84 2.65 32.10
N TRP B 131 -5.70 1.34 32.26
CA TRP B 131 -5.78 0.41 31.13
C TRP B 131 -6.83 -0.63 31.46
N GLU B 132 -7.58 -1.08 30.44
CA GLU B 132 -8.64 -2.10 30.61
C GLU B 132 -8.32 -3.15 31.66
N MET B 133 -9.16 -3.19 32.68
CA MET B 133 -9.09 -4.14 33.81
C MET B 133 -7.71 -4.24 34.41
N GLY B 134 -6.95 -3.17 34.31
CA GLY B 134 -5.61 -3.19 34.86
C GLY B 134 -4.70 -4.20 34.19
N GLY B 135 -4.94 -4.48 32.90
CA GLY B 135 -4.18 -5.50 32.16
C GLY B 135 -4.61 -6.96 32.27
N LEU B 136 -5.47 -7.25 33.23
CA LEU B 136 -5.94 -8.60 33.42
C LEU B 136 -6.93 -8.97 32.32
N PRO B 137 -6.77 -10.17 31.78
CA PRO B 137 -7.71 -10.58 30.71
C PRO B 137 -9.14 -10.85 31.26
N ALA B 138 -10.12 -10.40 30.47
CA ALA B 138 -11.49 -10.49 30.87
C ALA B 138 -11.97 -11.92 31.00
N TRP B 139 -11.37 -12.81 30.19
CA TRP B 139 -11.74 -14.23 30.24
C TRP B 139 -11.48 -14.88 31.62
N LEU B 140 -10.67 -14.26 32.46
CA LEU B 140 -10.52 -14.76 33.84
C LEU B 140 -11.88 -14.85 34.53
N LEU B 141 -12.83 -14.03 34.05
CA LEU B 141 -14.14 -13.87 34.71
C LEU B 141 -15.14 -14.96 34.42
N GLU B 142 -14.78 -15.85 33.49
CA GLU B 142 -15.55 -16.99 33.21
C GLU B 142 -15.73 -17.80 34.48
N LYS B 143 -14.77 -17.72 35.40
CA LYS B 143 -15.05 -18.12 36.76
C LYS B 143 -15.63 -16.89 37.46
N GLU B 144 -16.95 -16.88 37.54
CA GLU B 144 -17.72 -15.78 38.09
C GLU B 144 -17.26 -15.28 39.49
N SER B 145 -16.87 -16.20 40.37
CA SER B 145 -16.49 -15.86 41.77
C SER B 145 -14.96 -15.70 41.99
N ILE B 146 -14.22 -15.65 40.90
CA ILE B 146 -12.77 -15.54 41.03
C ILE B 146 -12.36 -14.33 41.81
N LEU B 147 -11.38 -14.46 42.68
CA LEU B 147 -10.84 -13.33 43.39
C LEU B 147 -9.52 -13.04 42.72
N LEU B 148 -9.52 -11.93 41.97
CA LEU B 148 -8.38 -11.46 41.22
C LEU B 148 -7.33 -10.94 42.20
N ARG B 149 -6.06 -11.07 41.83
CA ARG B 149 -4.94 -10.61 42.64
C ARG B 149 -4.89 -11.34 44.03
N SER B 150 -4.99 -12.67 44.00
CA SER B 150 -5.01 -13.43 45.25
C SER B 150 -4.49 -14.82 44.97
N SER B 151 -4.47 -15.65 46.02
CA SER B 151 -4.11 -17.07 45.90
C SER B 151 -5.26 -17.97 45.42
N ASP B 152 -6.38 -17.38 44.98
CA ASP B 152 -7.37 -18.08 44.21
C ASP B 152 -6.71 -19.01 43.15
N PRO B 153 -6.86 -20.34 43.26
CA PRO B 153 -6.01 -21.23 42.43
C PRO B 153 -6.31 -21.22 40.92
N ASP B 154 -7.54 -20.89 40.57
CA ASP B 154 -7.87 -20.63 39.19
C ASP B 154 -7.12 -19.36 38.72
N TYR B 155 -7.08 -18.31 39.54
CA TYR B 155 -6.27 -17.14 39.23
C TYR B 155 -4.78 -17.50 39.08
N LEU B 156 -4.25 -18.19 40.10
CA LEU B 156 -2.86 -18.56 40.11
C LEU B 156 -2.56 -19.45 38.93
N ALA B 157 -3.46 -20.36 38.58
CA ALA B 157 -3.14 -21.20 37.44
C ALA B 157 -3.09 -20.38 36.15
N ALA B 158 -4.00 -19.43 35.95
CA ALA B 158 -3.99 -18.66 34.70
C ALA B 158 -2.72 -17.82 34.65
N VAL B 159 -2.40 -17.17 35.77
CA VAL B 159 -1.17 -16.42 35.90
C VAL B 159 0.11 -17.22 35.61
N ASP B 160 0.18 -18.45 36.14
CA ASP B 160 1.35 -19.32 35.95
C ASP B 160 1.58 -19.60 34.48
N LYS B 161 0.49 -19.89 33.78
CA LYS B 161 0.64 -20.25 32.39
C LYS B 161 1.14 -19.03 31.57
N TRP B 162 0.64 -17.85 31.88
CA TRP B 162 1.11 -16.58 31.19
C TRP B 162 2.57 -16.28 31.45
N LEU B 163 2.98 -16.42 32.71
CA LEU B 163 4.39 -16.23 33.08
C LEU B 163 5.26 -17.25 32.35
N GLY B 164 4.76 -18.46 32.18
CA GLY B 164 5.50 -19.52 31.42
C GLY B 164 5.64 -19.29 29.92
N VAL B 165 4.90 -18.35 29.37
CA VAL B 165 5.06 -17.89 27.97
C VAL B 165 5.87 -16.58 27.92
N LEU B 166 5.46 -15.62 28.76
CA LEU B 166 6.11 -14.34 28.81
C LEU B 166 7.54 -14.36 29.36
N LEU B 167 7.77 -14.90 30.56
CA LEU B 167 9.11 -14.68 31.16
C LEU B 167 10.28 -15.30 30.39
N PRO B 168 10.11 -16.52 29.82
CA PRO B 168 11.23 -16.99 29.04
C PRO B 168 11.62 -16.12 27.83
N LYS B 169 10.72 -15.30 27.30
CA LYS B 169 11.09 -14.39 26.21
C LYS B 169 11.85 -13.20 26.77
N MET B 170 11.53 -12.83 28.02
CA MET B 170 12.23 -11.72 28.70
C MET B 170 13.57 -12.16 29.21
N LYS B 171 13.72 -13.45 29.45
CA LYS B 171 14.96 -13.95 30.02
C LYS B 171 16.25 -13.50 29.23
N PRO B 172 16.33 -13.73 27.89
CA PRO B 172 17.52 -13.18 27.16
C PRO B 172 17.64 -11.63 27.09
N LEU B 173 16.58 -10.91 27.45
CA LEU B 173 16.62 -9.48 27.45
C LEU B 173 17.10 -8.96 28.82
N LEU B 174 17.30 -9.83 29.78
CA LEU B 174 17.93 -9.44 31.04
C LEU B 174 19.36 -8.95 30.84
N TYR B 175 19.75 -7.96 31.66
CA TYR B 175 21.09 -7.31 31.50
C TYR B 175 22.16 -8.38 31.55
N GLN B 176 22.04 -9.32 32.50
CA GLN B 176 23.07 -10.33 32.70
C GLN B 176 23.26 -11.25 31.44
N ASN B 177 22.26 -11.26 30.57
CA ASN B 177 22.28 -12.11 29.38
C ASN B 177 22.48 -11.34 28.10
N GLY B 178 22.85 -10.07 28.18
CA GLY B 178 23.13 -9.28 26.96
C GLY B 178 22.05 -8.28 26.61
N GLY B 179 20.90 -8.32 27.29
CA GLY B 179 19.82 -7.34 27.05
C GLY B 179 19.77 -6.06 27.93
N PRO B 180 18.66 -5.31 27.81
CA PRO B 180 18.56 -4.02 28.47
C PRO B 180 17.95 -4.05 29.85
N VAL B 181 17.26 -5.14 30.20
CA VAL B 181 16.42 -5.16 31.41
C VAL B 181 17.20 -5.35 32.68
N ILE B 182 17.18 -4.31 33.52
CA ILE B 182 18.00 -4.25 34.70
C ILE B 182 17.19 -4.64 35.93
N THR B 183 15.91 -4.30 35.92
CA THR B 183 15.04 -4.58 37.06
C THR B 183 13.64 -4.89 36.58
N VAL B 184 12.99 -5.70 37.37
CA VAL B 184 11.69 -6.16 37.05
C VAL B 184 10.79 -6.03 38.25
N GLN B 185 9.64 -5.39 38.02
CA GLN B 185 8.60 -5.17 39.03
C GLN B 185 7.64 -6.36 39.13
N VAL B 186 7.36 -6.78 40.35
CA VAL B 186 6.41 -7.80 40.65
C VAL B 186 5.10 -7.15 41.12
N GLU B 187 4.01 -7.50 40.45
CA GLU B 187 2.70 -6.95 40.74
C GLU B 187 2.73 -5.44 40.55
N ASN B 188 1.74 -4.72 41.08
CA ASN B 188 1.69 -3.27 40.98
C ASN B 188 0.87 -2.64 42.09
N GLU B 189 1.53 -1.96 43.01
CA GLU B 189 0.87 -1.36 44.21
C GLU B 189 -0.06 -2.29 44.91
N TYR B 190 0.40 -3.52 45.13
CA TYR B 190 -0.47 -4.51 45.77
C TYR B 190 -0.96 -4.10 47.15
N GLY B 191 -0.25 -3.21 47.80
CA GLY B 191 -0.65 -2.78 49.13
C GLY B 191 -1.82 -1.84 49.07
N SER B 192 -2.17 -1.36 47.87
CA SER B 192 -3.40 -0.56 47.73
C SER B 192 -4.67 -1.43 47.52
N TYR B 193 -4.52 -2.74 47.37
CA TYR B 193 -5.65 -3.68 47.14
C TYR B 193 -6.12 -4.32 48.47
N PHE B 194 -7.40 -4.66 48.60
CA PHE B 194 -7.91 -5.10 49.91
C PHE B 194 -7.37 -6.48 50.41
N ALA B 195 -7.03 -7.38 49.48
CA ALA B 195 -6.93 -8.81 49.82
C ALA B 195 -5.73 -9.18 50.71
N CYS B 196 -4.66 -8.40 50.62
CA CYS B 196 -3.49 -8.59 51.47
C CYS B 196 -3.10 -10.08 51.50
N ASP B 197 -2.99 -10.70 50.33
CA ASP B 197 -2.64 -12.10 50.23
C ASP B 197 -1.16 -12.30 49.90
N PHE B 198 -0.34 -12.57 50.93
CA PHE B 198 1.11 -12.70 50.78
C PHE B 198 1.51 -14.02 50.11
N ASP B 199 0.67 -15.03 50.21
CA ASP B 199 0.88 -16.26 49.46
C ASP B 199 0.97 -15.91 47.93
N TYR B 200 0.13 -15.01 47.46
CA TYR B 200 0.11 -14.58 46.01
C TYR B 200 1.41 -13.96 45.67
N LEU B 201 1.83 -13.03 46.49
CA LEU B 201 3.09 -12.41 46.27
C LEU B 201 4.24 -13.41 46.26
N ARG B 202 4.25 -14.37 47.20
CA ARG B 202 5.34 -15.35 47.22
C ARG B 202 5.24 -16.27 46.02
N PHE B 203 4.04 -16.49 45.54
CA PHE B 203 3.91 -17.30 44.36
C PHE B 203 4.62 -16.63 43.19
N LEU B 204 4.36 -15.32 43.06
CA LEU B 204 4.90 -14.53 41.97
C LEU B 204 6.41 -14.53 42.02
N GLN B 205 6.93 -14.14 43.17
CA GLN B 205 8.37 -14.17 43.41
C GLN B 205 9.04 -15.51 43.01
N LYS B 206 8.43 -16.61 43.44
CA LYS B 206 8.92 -17.97 43.11
C LYS B 206 8.87 -18.27 41.58
N ARG B 207 7.82 -17.84 40.91
CA ARG B 207 7.72 -18.09 39.50
C ARG B 207 8.63 -17.11 38.75
N PHE B 208 8.67 -15.88 39.16
CA PHE B 208 9.60 -14.96 38.49
C PHE B 208 11.01 -15.57 38.53
N ARG B 209 11.46 -15.92 39.75
CA ARG B 209 12.77 -16.58 39.94
C ARG B 209 12.99 -17.82 39.07
N HIS B 210 11.98 -18.64 38.95
CA HIS B 210 12.05 -19.90 38.20
C HIS B 210 12.39 -19.62 36.74
N HIS B 211 11.74 -18.63 36.15
CA HIS B 211 11.95 -18.29 34.74
C HIS B 211 13.10 -17.38 34.47
N LEU B 212 13.35 -16.42 35.37
CA LEU B 212 14.36 -15.42 35.11
C LEU B 212 15.69 -15.66 35.81
N GLY B 213 15.71 -16.53 36.85
CA GLY B 213 16.94 -16.80 37.61
C GLY B 213 17.09 -15.98 38.90
N ASP B 214 18.12 -16.32 39.68
CA ASP B 214 18.36 -15.72 40.98
C ASP B 214 19.09 -14.37 41.01
N ASP B 215 19.58 -13.88 39.88
CA ASP B 215 20.35 -12.62 39.87
C ASP B 215 19.53 -11.38 39.55
N VAL B 216 18.42 -11.57 38.83
CA VAL B 216 17.56 -10.44 38.40
C VAL B 216 17.01 -9.72 39.61
N VAL B 217 17.14 -8.40 39.61
CA VAL B 217 16.64 -7.57 40.64
C VAL B 217 15.08 -7.47 40.51
N LEU B 218 14.41 -7.99 41.54
CA LEU B 218 12.94 -7.93 41.61
C LEU B 218 12.55 -6.92 42.68
N PHE B 219 11.56 -6.08 42.34
CA PHE B 219 11.08 -5.02 43.23
C PHE B 219 9.56 -4.87 43.14
N THR B 220 9.04 -4.12 44.11
CA THR B 220 7.64 -3.76 44.24
C THR B 220 7.54 -2.22 44.31
N THR B 221 6.38 -1.69 44.00
CA THR B 221 6.15 -0.25 44.13
C THR B 221 4.85 -0.06 44.84
N ASP B 222 4.87 0.76 45.86
CA ASP B 222 3.65 1.08 46.58
C ASP B 222 3.64 2.54 46.93
N GLY B 223 2.49 3.04 47.36
CA GLY B 223 2.38 4.42 47.89
C GLY B 223 3.38 4.60 49.04
N ALA B 224 3.89 5.82 49.22
CA ALA B 224 4.98 6.08 50.19
C ALA B 224 4.41 6.38 51.59
N HIS B 225 3.93 5.34 52.26
CA HIS B 225 3.29 5.44 53.58
C HIS B 225 3.12 4.03 54.06
N LYS B 226 3.41 3.82 55.35
CA LYS B 226 3.35 2.50 55.96
C LYS B 226 2.04 1.76 55.71
N THR B 227 0.94 2.49 55.68
CA THR B 227 -0.35 1.87 55.37
C THR B 227 -0.42 1.25 53.98
N PHE B 228 0.37 1.74 53.01
CA PHE B 228 0.42 1.07 51.69
C PHE B 228 1.47 0.00 51.62
N LEU B 229 2.59 0.23 52.31
CA LEU B 229 3.70 -0.71 52.30
C LEU B 229 3.42 -1.93 53.16
N LYS B 230 2.49 -1.80 54.10
CA LYS B 230 2.11 -2.95 54.94
C LYS B 230 1.89 -4.22 54.13
N CYS B 231 1.05 -4.13 53.12
CA CYS B 231 0.60 -5.30 52.36
C CYS B 231 1.32 -5.46 51.01
N GLY B 232 2.03 -4.43 50.58
CA GLY B 232 2.72 -4.45 49.27
C GLY B 232 4.14 -4.98 49.31
N ALA B 233 4.79 -4.79 50.44
CA ALA B 233 6.19 -5.15 50.61
C ALA B 233 6.35 -6.63 50.95
N LEU B 234 7.39 -7.24 50.40
CA LEU B 234 7.71 -8.65 50.66
C LEU B 234 9.22 -8.84 50.79
N GLN B 235 9.61 -9.68 51.71
CA GLN B 235 11.01 -10.10 51.85
C GLN B 235 11.53 -10.72 50.54
N GLY B 236 12.71 -10.31 50.11
CA GLY B 236 13.23 -10.84 48.84
C GLY B 236 12.78 -10.02 47.62
N LEU B 237 11.77 -9.15 47.78
CA LEU B 237 11.49 -8.12 46.75
C LEU B 237 11.91 -6.72 47.25
N TYR B 238 12.80 -6.04 46.53
CA TYR B 238 13.23 -4.72 47.01
C TYR B 238 12.02 -3.77 47.00
N THR B 239 11.85 -3.00 48.07
CA THR B 239 10.67 -2.16 48.24
C THR B 239 10.97 -0.75 47.73
N THR B 240 10.20 -0.29 46.73
CA THR B 240 10.27 1.09 46.24
C THR B 240 8.93 1.81 46.47
N VAL B 241 8.96 3.15 46.41
CA VAL B 241 7.75 3.95 46.51
C VAL B 241 7.47 4.76 45.25
N ASP B 242 6.28 5.33 45.22
CA ASP B 242 5.92 6.33 44.23
C ASP B 242 5.32 7.54 44.90
N PHE B 243 5.55 8.71 44.31
CA PHE B 243 4.91 9.93 44.74
C PHE B 243 5.15 10.97 43.68
N GLY B 244 4.31 12.00 43.66
CA GLY B 244 4.42 13.10 42.73
C GLY B 244 4.69 14.41 43.44
N THR B 245 4.30 15.51 42.81
CA THR B 245 4.87 16.83 43.07
C THR B 245 4.37 17.47 44.36
N GLY B 246 3.24 16.99 44.86
CA GLY B 246 2.64 17.60 46.04
C GLY B 246 3.01 16.87 47.31
N SER B 247 4.05 16.05 47.25
CA SER B 247 4.41 15.17 48.36
C SER B 247 5.72 15.69 49.01
N ASN B 248 5.87 15.55 50.33
CA ASN B 248 7.14 15.88 50.99
C ASN B 248 8.15 14.82 50.69
N ILE B 249 9.21 15.14 49.97
CA ILE B 249 10.16 14.11 49.53
C ILE B 249 10.85 13.34 50.70
N THR B 250 11.26 14.04 51.74
CA THR B 250 11.89 13.42 52.91
C THR B 250 11.00 12.38 53.55
N ASP B 251 9.72 12.72 53.74
CA ASP B 251 8.74 11.80 54.39
C ASP B 251 8.44 10.57 53.51
N ALA B 252 8.36 10.80 52.20
CA ALA B 252 8.18 9.72 51.25
C ALA B 252 9.34 8.76 51.30
N PHE B 253 10.59 9.28 51.22
CA PHE B 253 11.76 8.41 51.19
C PHE B 253 12.10 7.80 52.57
N LEU B 254 11.84 8.51 53.66
CA LEU B 254 11.80 7.88 54.99
C LEU B 254 10.91 6.67 55.06
N SER B 255 9.72 6.69 54.44
CA SER B 255 8.88 5.50 54.51
C SER B 255 9.53 4.37 53.71
N GLN B 256 10.30 4.70 52.67
CA GLN B 256 10.99 3.65 51.90
C GLN B 256 12.13 3.09 52.74
N ARG B 257 12.90 4.00 53.35
CA ARG B 257 14.05 3.63 54.16
C ARG B 257 13.70 2.66 55.28
N LYS B 258 12.46 2.75 55.74
CA LYS B 258 11.99 1.93 56.86
C LYS B 258 11.87 0.50 56.39
N CYS B 259 11.35 0.27 55.17
CA CYS B 259 11.30 -1.12 54.62
C CYS B 259 12.65 -1.59 54.11
N GLU B 260 13.51 -0.66 53.71
CA GLU B 260 14.83 -1.03 53.20
C GLU B 260 15.87 -0.13 53.83
N PRO B 261 16.46 -0.60 54.95
CA PRO B 261 17.48 0.23 55.58
C PRO B 261 18.73 0.38 54.74
N LYS B 262 18.98 -0.51 53.78
CA LYS B 262 20.08 -0.35 52.86
C LYS B 262 19.63 -0.61 51.40
N GLY B 263 20.27 0.11 50.50
CA GLY B 263 19.98 -0.03 49.09
C GLY B 263 19.56 1.33 48.59
N PRO B 264 19.27 1.44 47.28
CA PRO B 264 18.95 2.76 46.73
C PRO B 264 17.56 3.30 47.12
N LEU B 265 17.47 4.63 47.22
CA LEU B 265 16.21 5.33 47.20
C LEU B 265 15.68 5.31 45.73
N ILE B 266 14.43 4.92 45.56
CA ILE B 266 13.83 4.81 44.24
C ILE B 266 12.39 5.29 44.28
N ASN B 267 12.08 6.24 43.41
CA ASN B 267 10.71 6.65 43.20
C ASN B 267 10.35 6.14 41.83
N SER B 268 9.55 5.08 41.82
CA SER B 268 9.21 4.29 40.62
C SER B 268 8.15 4.97 39.74
N GLU B 269 7.48 5.98 40.29
CA GLU B 269 6.43 6.73 39.60
C GLU B 269 6.37 8.12 40.16
N PHE B 270 7.20 8.99 39.61
CA PHE B 270 7.20 10.39 39.89
C PHE B 270 6.31 11.03 38.83
N TYR B 271 5.13 11.44 39.26
CA TYR B 271 4.04 11.86 38.36
C TYR B 271 4.31 13.23 37.74
N THR B 272 4.47 13.22 36.40
CA THR B 272 4.68 14.41 35.55
C THR B 272 3.41 15.14 35.19
N GLY B 273 2.31 14.50 35.48
CA GLY B 273 1.02 14.96 35.09
C GLY B 273 0.04 14.04 35.79
N TRP B 274 -1.12 13.90 35.20
CA TRP B 274 -2.15 12.99 35.73
C TRP B 274 -3.18 12.57 34.66
N LEU B 275 -4.04 11.63 35.07
CA LEU B 275 -5.07 11.00 34.26
C LEU B 275 -6.33 11.85 34.16
N ASP B 276 -7.18 11.47 33.20
CA ASP B 276 -8.35 12.25 32.90
C ASP B 276 -9.56 11.35 33.04
N HIS B 277 -10.74 11.94 33.08
CA HIS B 277 -11.98 11.21 32.95
C HIS B 277 -12.86 12.01 32.01
N TRP B 278 -13.71 11.31 31.28
CA TRP B 278 -14.69 11.96 30.38
C TRP B 278 -15.51 12.86 31.26
N GLY B 279 -15.83 14.07 30.78
CA GLY B 279 -16.63 15.01 31.55
C GLY B 279 -15.96 15.84 32.64
N GLN B 280 -14.67 15.64 32.84
CA GLN B 280 -13.92 16.35 33.84
C GLN B 280 -12.88 17.06 33.07
N PRO B 281 -12.39 18.18 33.61
CA PRO B 281 -11.43 18.97 32.87
C PRO B 281 -10.10 18.22 32.75
N HIS B 282 -9.29 18.61 31.78
CA HIS B 282 -8.06 17.92 31.49
C HIS B 282 -7.10 18.21 32.60
N SER B 283 -6.49 17.19 33.18
CA SER B 283 -5.49 17.39 34.25
C SER B 283 -4.15 17.87 33.70
N THR B 284 -3.53 18.76 34.48
CA THR B 284 -2.23 19.34 34.17
C THR B 284 -1.47 19.54 35.47
N ILE B 285 -0.16 19.45 35.33
CA ILE B 285 0.73 19.78 36.42
C ILE B 285 1.75 20.72 35.79
N LYS B 286 2.06 21.77 36.51
CA LYS B 286 2.92 22.79 35.98
C LYS B 286 4.40 22.37 35.92
N THR B 287 5.06 22.88 34.90
CA THR B 287 6.44 22.51 34.59
C THR B 287 7.40 22.72 35.77
N GLU B 288 7.22 23.86 36.44
CA GLU B 288 8.06 24.28 37.55
C GLU B 288 7.93 23.35 38.77
N ALA B 289 6.70 22.85 39.02
CA ALA B 289 6.49 21.82 40.07
C ALA B 289 7.21 20.53 39.73
N VAL B 290 7.04 20.06 38.51
CA VAL B 290 7.77 18.88 38.10
C VAL B 290 9.28 19.15 38.17
N ALA B 291 9.72 20.23 37.56
CA ALA B 291 11.15 20.50 37.52
C ALA B 291 11.83 20.58 38.93
N SER B 292 11.20 21.29 39.86
CA SER B 292 11.70 21.44 41.20
C SER B 292 11.78 20.14 41.96
N SER B 293 10.71 19.36 41.93
CA SER B 293 10.75 18.10 42.64
C SER B 293 11.80 17.18 42.02
N LEU B 294 11.87 17.14 40.70
CA LEU B 294 12.79 16.21 40.08
C LEU B 294 14.23 16.55 40.49
N TYR B 295 14.53 17.85 40.57
CA TYR B 295 15.85 18.27 41.03
C TYR B 295 16.10 17.71 42.43
N ASP B 296 15.11 17.92 43.33
CA ASP B 296 15.25 17.52 44.75
C ASP B 296 15.50 16.04 44.84
N ILE B 297 14.69 15.28 44.11
CA ILE B 297 14.82 13.81 44.08
C ILE B 297 16.21 13.40 43.62
N LEU B 298 16.65 13.97 42.51
CA LEU B 298 18.00 13.63 41.98
C LEU B 298 19.14 14.07 42.93
N ALA B 299 18.95 15.19 43.62
CA ALA B 299 19.96 15.69 44.53
C ALA B 299 20.12 14.79 45.76
N ARG B 300 19.15 13.93 46.01
CA ARG B 300 19.23 12.94 47.09
C ARG B 300 20.00 11.69 46.72
N GLY B 301 20.43 11.59 45.46
CA GLY B 301 21.11 10.38 44.95
C GLY B 301 20.16 9.25 44.54
N ALA B 302 18.86 9.52 44.52
CA ALA B 302 17.86 8.47 44.27
C ALA B 302 17.77 8.16 42.80
N SER B 303 17.37 6.92 42.48
CA SER B 303 16.90 6.57 41.15
C SER B 303 15.43 6.95 41.00
N VAL B 304 15.06 7.37 39.80
CA VAL B 304 13.71 7.82 39.60
C VAL B 304 13.19 7.55 38.20
N ASN B 305 11.88 7.27 38.16
CA ASN B 305 11.21 7.16 36.92
C ASN B 305 10.07 8.14 36.83
N LEU B 306 10.14 8.94 35.77
CA LEU B 306 9.07 9.86 35.41
C LEU B 306 7.83 9.18 34.79
N TYR B 307 6.71 9.25 35.49
CA TYR B 307 5.46 8.62 35.00
C TYR B 307 4.44 9.74 34.68
N MET B 308 4.03 9.95 33.41
CA MET B 308 4.54 9.36 32.21
C MET B 308 5.56 10.30 31.62
N PHE B 309 6.43 9.76 30.78
CA PHE B 309 7.29 10.57 29.97
C PHE B 309 6.64 10.88 28.63
N ILE B 310 6.11 9.85 28.00
CA ILE B 310 5.13 10.03 26.95
C ILE B 310 3.99 9.13 27.32
N GLY B 311 2.76 9.64 27.22
CA GLY B 311 1.56 8.82 27.53
C GLY B 311 1.00 8.10 26.34
N GLY B 312 0.79 8.84 25.25
CA GLY B 312 0.27 8.28 24.05
C GLY B 312 -1.26 8.17 24.05
N THR B 313 -1.75 7.02 23.55
CA THR B 313 -3.15 6.84 23.25
C THR B 313 -3.65 5.45 23.66
N ASN B 314 -4.89 5.44 24.14
CA ASN B 314 -5.66 4.22 24.33
C ASN B 314 -6.49 4.00 23.06
N PHE B 315 -5.88 3.31 22.11
CA PHE B 315 -6.53 3.05 20.87
C PHE B 315 -7.62 2.08 21.20
N ALA B 316 -8.58 2.01 20.30
CA ALA B 316 -9.58 0.92 20.32
C ALA B 316 -10.34 0.95 21.66
N TYR B 317 -10.30 -0.10 22.50
CA TYR B 317 -11.11 -0.14 23.75
C TYR B 317 -10.25 -0.26 25.00
N TRP B 318 -8.98 0.10 24.89
CA TRP B 318 -7.97 -0.27 25.89
C TRP B 318 -8.02 0.58 27.15
N ASN B 319 -8.72 1.70 27.11
CA ASN B 319 -8.84 2.52 28.31
C ASN B 319 -9.45 1.77 29.49
N GLY B 320 -9.27 2.34 30.64
CA GLY B 320 -9.85 1.81 31.87
C GLY B 320 -10.87 2.75 32.46
N ALA B 321 -11.05 2.61 33.77
CA ALA B 321 -12.08 3.33 34.50
C ALA B 321 -11.73 3.31 35.97
N ASN B 322 -12.26 4.26 36.73
CA ASN B 322 -12.13 4.26 38.19
C ASN B 322 -13.49 4.04 38.79
N SER B 323 -13.53 3.74 40.07
CA SER B 323 -14.81 3.48 40.77
C SER B 323 -15.02 4.59 41.78
N PRO B 324 -16.21 5.20 41.86
CA PRO B 324 -17.45 4.94 41.20
C PRO B 324 -17.34 5.33 39.74
N TYR B 325 -17.99 4.56 38.90
CA TYR B 325 -17.64 4.41 37.50
C TYR B 325 -17.54 5.68 36.74
N ALA B 326 -16.30 5.95 36.31
CA ALA B 326 -15.95 7.04 35.42
C ALA B 326 -14.82 6.51 34.53
N ALA B 327 -15.03 6.49 33.22
CA ALA B 327 -14.03 5.98 32.27
C ALA B 327 -12.97 7.04 31.99
N GLN B 328 -11.72 6.63 31.80
CA GLN B 328 -10.64 7.47 31.24
C GLN B 328 -10.86 7.63 29.75
N PRO B 329 -10.48 8.78 29.17
CA PRO B 329 -10.78 8.92 27.73
C PRO B 329 -9.77 8.24 26.81
N THR B 330 -9.93 8.41 25.51
CA THR B 330 -9.01 7.85 24.53
C THR B 330 -7.57 8.45 24.61
N SER B 331 -7.44 9.76 24.74
CA SER B 331 -6.15 10.38 24.89
C SER B 331 -5.54 9.91 26.23
N TYR B 332 -4.27 9.51 26.20
CA TYR B 332 -3.48 9.35 27.40
C TYR B 332 -2.32 10.39 27.38
N ASP B 333 -2.62 11.60 26.92
CA ASP B 333 -1.62 12.61 26.82
C ASP B 333 -0.97 12.77 28.18
N TYR B 334 -1.77 12.84 29.23
CA TYR B 334 -1.29 12.81 30.62
C TYR B 334 -0.67 14.12 31.02
N ASP B 335 -0.65 15.09 30.11
CA ASP B 335 0.17 16.28 30.27
C ASP B 335 1.66 15.94 30.40
N ALA B 336 2.09 14.84 29.79
CA ALA B 336 3.48 14.36 29.85
C ALA B 336 4.41 15.33 29.14
N PRO B 337 5.72 15.26 29.42
CA PRO B 337 6.77 16.04 28.76
C PRO B 337 6.78 15.87 27.24
N LEU B 338 6.42 14.68 26.78
CA LEU B 338 6.17 14.47 25.35
C LEU B 338 4.68 14.39 25.23
N SER B 339 4.09 15.16 24.31
CA SER B 339 2.68 15.11 24.07
C SER B 339 2.26 13.78 23.47
N GLU B 340 0.96 13.62 23.34
CA GLU B 340 0.38 12.37 22.81
C GLU B 340 0.98 11.93 21.47
N ALA B 341 1.07 12.87 20.53
CA ALA B 341 1.64 12.66 19.21
C ALA B 341 3.17 12.77 19.19
N GLY B 342 3.77 12.89 20.37
CA GLY B 342 5.22 12.79 20.50
C GLY B 342 5.94 14.12 20.51
N ASP B 343 5.22 15.22 20.73
CA ASP B 343 5.81 16.52 20.59
C ASP B 343 6.71 16.92 21.77
N LEU B 344 7.75 17.67 21.43
CA LEU B 344 8.66 18.28 22.39
C LEU B 344 7.92 19.47 23.04
N THR B 345 7.76 19.44 24.37
CA THR B 345 7.07 20.51 25.08
C THR B 345 8.02 21.39 25.88
N GLU B 346 7.49 22.47 26.40
CA GLU B 346 8.21 23.26 27.38
C GLU B 346 8.75 22.38 28.53
N LYS B 347 7.87 21.53 29.05
CA LYS B 347 8.18 20.63 30.15
C LYS B 347 9.32 19.69 29.84
N TYR B 348 9.40 19.24 28.58
CA TYR B 348 10.47 18.38 28.10
C TYR B 348 11.81 19.12 28.20
N PHE B 349 11.87 20.31 27.65
CA PHE B 349 13.11 21.06 27.68
C PHE B 349 13.45 21.42 29.10
N ALA B 350 12.47 21.73 29.93
CA ALA B 350 12.86 22.08 31.32
C ALA B 350 13.30 20.86 32.15
N LEU B 351 12.77 19.69 31.81
CA LEU B 351 13.19 18.46 32.54
C LEU B 351 14.59 17.97 32.13
N ARG B 352 14.88 18.05 30.84
CA ARG B 352 16.23 17.91 30.28
C ARG B 352 17.23 18.89 30.89
N ASN B 353 16.84 20.14 31.02
CA ASN B 353 17.67 21.10 31.76
C ASN B 353 17.94 20.66 33.18
N ILE B 354 16.97 20.08 33.86
CA ILE B 354 17.26 19.54 35.19
C ILE B 354 18.29 18.41 35.16
N ILE B 355 18.10 17.47 34.25
CA ILE B 355 18.96 16.32 34.20
C ILE B 355 20.40 16.74 33.89
N GLN B 356 20.55 17.73 33.02
CA GLN B 356 21.86 18.34 32.69
C GLN B 356 22.66 18.87 33.87
N LYS B 357 21.98 19.22 34.96
CA LYS B 357 22.70 19.60 36.18
C LYS B 357 23.37 18.38 36.84
N PHE B 358 22.90 17.15 36.53
CA PHE B 358 23.41 15.91 37.13
C PHE B 358 24.24 15.05 36.20
N GLU B 359 23.88 15.05 34.92
CA GLU B 359 24.56 14.21 33.91
C GLU B 359 24.76 15.07 32.65
N LYS B 360 25.81 14.80 31.87
CA LYS B 360 25.86 15.33 30.50
C LYS B 360 24.72 14.65 29.76
N VAL B 361 24.08 15.39 28.89
CA VAL B 361 22.98 14.83 28.08
C VAL B 361 23.60 14.57 26.70
N PRO B 362 23.02 13.68 25.88
CA PRO B 362 23.65 13.47 24.60
C PRO B 362 23.67 14.71 23.68
N GLU B 363 24.61 14.73 22.74
CA GLU B 363 24.80 15.89 21.86
C GLU B 363 24.07 15.65 20.54
N GLY B 364 23.97 16.71 19.75
CA GLY B 364 23.22 16.64 18.50
C GLY B 364 21.81 17.20 18.63
N PRO B 365 21.22 17.58 17.50
CA PRO B 365 19.85 18.10 17.55
C PRO B 365 18.85 16.99 17.95
N ILE B 366 17.76 17.36 18.58
CA ILE B 366 16.73 16.42 19.06
C ILE B 366 15.77 16.16 17.87
N PRO B 367 15.38 14.90 17.61
CA PRO B 367 14.37 14.69 16.57
C PRO B 367 13.15 15.54 16.83
N PRO B 368 12.55 16.15 15.81
CA PRO B 368 11.50 17.14 16.06
C PRO B 368 10.07 16.58 16.34
N SER B 369 9.18 17.44 16.83
CA SER B 369 7.74 17.19 16.77
C SER B 369 7.38 16.93 15.30
N THR B 370 6.48 15.97 15.08
CA THR B 370 6.17 15.57 13.73
C THR B 370 5.38 16.71 13.07
N PRO B 371 5.48 16.81 11.74
CA PRO B 371 4.54 17.67 11.02
C PRO B 371 3.11 17.17 11.23
N LYS B 372 2.16 18.11 11.33
CA LYS B 372 0.74 17.86 11.37
C LYS B 372 0.05 18.62 10.19
N PHE B 373 -0.93 17.97 9.57
CA PHE B 373 -1.62 18.46 8.37
C PHE B 373 -3.13 18.48 8.63
N ALA B 374 -3.76 19.57 8.21
CA ALA B 374 -5.17 19.73 8.29
C ALA B 374 -5.77 19.22 7.00
N TYR B 375 -6.16 17.95 6.94
CA TYR B 375 -6.76 17.45 5.70
C TYR B 375 -8.15 18.12 5.42
N GLY B 376 -8.70 18.80 6.42
CA GLY B 376 -10.00 19.45 6.28
C GLY B 376 -11.23 18.54 6.47
N LYS B 377 -12.31 18.92 5.80
CA LYS B 377 -13.61 18.31 5.99
C LYS B 377 -13.73 17.13 5.10
N VAL B 378 -14.27 16.05 5.63
CA VAL B 378 -14.58 14.90 4.83
C VAL B 378 -16.00 14.47 5.17
N THR B 379 -16.87 14.55 4.17
CA THR B 379 -18.27 14.12 4.26
C THR B 379 -18.36 12.60 4.34
N LEU B 380 -19.26 12.14 5.19
CA LEU B 380 -19.57 10.76 5.37
C LEU B 380 -21.01 10.55 4.97
N GLU B 381 -21.38 9.29 4.72
CA GLU B 381 -22.78 8.94 4.68
C GLU B 381 -23.08 7.65 5.36
N LYS B 382 -24.33 7.56 5.74
CA LYS B 382 -24.87 6.44 6.44
C LYS B 382 -24.85 5.23 5.50
N LEU B 383 -24.27 4.14 5.98
CA LEU B 383 -24.25 2.94 5.21
C LEU B 383 -25.34 2.00 5.71
N LYS B 384 -25.27 1.61 6.99
CA LYS B 384 -26.21 0.66 7.59
C LYS B 384 -26.38 0.92 9.11
N THR B 385 -27.56 0.59 9.67
CA THR B 385 -27.72 0.50 11.12
C THR B 385 -26.99 -0.73 11.69
N VAL B 386 -26.73 -0.72 12.98
CA VAL B 386 -26.24 -1.92 13.66
C VAL B 386 -27.32 -3.04 13.53
N GLY B 387 -28.61 -2.68 13.66
CA GLY B 387 -29.71 -3.62 13.49
C GLY B 387 -29.74 -4.23 12.10
N ALA B 388 -29.46 -3.43 11.08
CA ALA B 388 -29.44 -3.94 9.70
C ALA B 388 -28.14 -4.68 9.37
N ALA B 389 -27.07 -4.45 10.15
CA ALA B 389 -25.80 -5.18 9.98
C ALA B 389 -25.55 -6.40 10.92
N LEU B 390 -26.58 -7.01 11.49
CA LEU B 390 -26.40 -8.17 12.37
C LEU B 390 -25.90 -9.45 11.70
N ASP B 391 -26.21 -9.64 10.44
CA ASP B 391 -25.69 -10.80 9.74
C ASP B 391 -24.13 -10.68 9.68
N ILE B 392 -23.61 -9.51 9.37
CA ILE B 392 -22.17 -9.41 9.21
C ILE B 392 -21.48 -9.21 10.57
N LEU B 393 -22.13 -8.54 11.51
CA LEU B 393 -21.58 -8.41 12.87
C LEU B 393 -21.55 -9.70 13.75
N CYS B 394 -22.46 -10.62 13.50
CA CYS B 394 -22.57 -11.83 14.32
C CYS B 394 -22.79 -13.03 13.39
N PRO B 395 -21.78 -13.38 12.57
CA PRO B 395 -21.95 -14.49 11.60
C PRO B 395 -22.16 -15.88 12.19
N SER B 396 -21.72 -16.13 13.44
CA SER B 396 -22.09 -17.40 14.14
C SER B 396 -23.50 -17.44 14.76
N GLY B 397 -24.29 -16.37 14.61
CA GLY B 397 -25.64 -16.33 15.16
C GLY B 397 -25.68 -16.03 16.65
N PRO B 398 -26.85 -15.66 17.18
CA PRO B 398 -27.03 -15.24 18.57
C PRO B 398 -27.00 -16.35 19.61
N ILE B 399 -27.02 -15.95 20.89
CA ILE B 399 -27.19 -16.87 21.99
C ILE B 399 -28.51 -16.53 22.61
N LYS B 400 -29.34 -17.54 22.70
CA LYS B 400 -30.65 -17.38 23.29
C LYS B 400 -30.54 -17.72 24.76
N SER B 401 -31.24 -16.93 25.56
CA SER B 401 -31.21 -17.11 27.00
C SER B 401 -32.48 -16.60 27.61
N LEU B 402 -32.95 -17.25 28.69
CA LEU B 402 -34.10 -16.76 29.47
C LEU B 402 -33.92 -15.35 30.10
N TYR B 403 -32.84 -15.15 30.83
CA TYR B 403 -32.48 -13.85 31.39
C TYR B 403 -31.18 -13.38 30.71
N PRO B 404 -30.82 -12.10 30.86
CA PRO B 404 -29.65 -11.69 30.11
C PRO B 404 -28.35 -12.31 30.65
N LEU B 405 -27.38 -12.44 29.75
CA LEU B 405 -26.05 -12.90 30.06
C LEU B 405 -25.08 -11.74 29.92
N THR B 406 -23.95 -11.80 30.61
CA THR B 406 -22.90 -10.78 30.52
C THR B 406 -22.05 -10.92 29.26
N PHE B 407 -21.21 -9.90 29.00
CA PHE B 407 -20.19 -9.94 27.94
C PHE B 407 -19.40 -11.23 28.08
N ILE B 408 -18.88 -11.46 29.29
CA ILE B 408 -18.03 -12.61 29.49
C ILE B 408 -18.73 -13.89 29.09
N GLN B 409 -19.98 -14.07 29.51
CA GLN B 409 -20.75 -15.33 29.19
C GLN B 409 -21.06 -15.55 27.69
N VAL B 410 -21.14 -14.45 26.93
CA VAL B 410 -21.42 -14.49 25.51
C VAL B 410 -20.09 -14.44 24.75
N LYS B 411 -18.97 -14.55 25.46
CA LYS B 411 -17.64 -14.61 24.85
C LYS B 411 -17.17 -13.33 24.20
N GLN B 412 -17.73 -12.20 24.63
CA GLN B 412 -17.24 -10.90 24.13
C GLN B 412 -16.57 -10.17 25.24
N HIS B 413 -15.42 -9.59 24.98
CA HIS B 413 -14.68 -8.86 26.01
C HIS B 413 -14.74 -7.36 25.83
N TYR B 414 -14.69 -6.89 24.58
CA TYR B 414 -14.67 -5.47 24.37
C TYR B 414 -15.70 -5.07 23.35
N GLY B 415 -15.98 -3.78 23.33
CA GLY B 415 -16.89 -3.22 22.33
C GLY B 415 -18.34 -3.33 22.76
N PHE B 416 -19.16 -3.95 21.90
CA PHE B 416 -20.61 -3.82 21.92
C PHE B 416 -21.36 -5.15 21.81
N VAL B 417 -22.45 -5.30 22.55
CA VAL B 417 -23.31 -6.48 22.43
C VAL B 417 -24.73 -6.01 22.25
N LEU B 418 -25.48 -6.61 21.33
CA LEU B 418 -26.92 -6.26 21.17
C LEU B 418 -27.80 -7.26 21.94
N TYR B 419 -28.59 -6.74 22.88
CA TYR B 419 -29.57 -7.52 23.61
C TYR B 419 -30.95 -7.29 23.05
N ARG B 420 -31.61 -8.36 22.56
CA ARG B 420 -32.93 -8.27 21.92
C ARG B 420 -34.03 -9.16 22.58
N THR B 421 -35.21 -8.58 22.72
CA THR B 421 -36.35 -9.34 23.12
C THR B 421 -37.56 -8.72 22.47
N THR B 422 -38.72 -9.08 22.98
CA THR B 422 -39.96 -8.60 22.42
C THR B 422 -40.83 -8.09 23.54
N LEU B 423 -41.60 -7.02 23.28
CA LEU B 423 -42.45 -6.42 24.32
C LEU B 423 -43.60 -7.38 24.61
N PRO B 424 -43.80 -7.77 25.88
CA PRO B 424 -44.81 -8.75 26.21
C PRO B 424 -46.18 -8.15 26.47
N GLN B 425 -46.26 -6.82 26.55
CA GLN B 425 -47.52 -6.10 26.69
C GLN B 425 -47.51 -4.90 25.74
N ASP B 426 -48.69 -4.35 25.48
CA ASP B 426 -48.83 -3.08 24.78
C ASP B 426 -48.24 -1.91 25.58
N CYS B 427 -47.41 -1.07 24.93
CA CYS B 427 -46.84 0.11 25.56
C CYS B 427 -47.15 1.39 24.78
N SER B 428 -48.44 1.58 24.51
CA SER B 428 -48.92 2.81 23.86
C SER B 428 -48.72 4.04 24.74
N ASN B 429 -49.05 3.93 26.01
CA ASN B 429 -48.61 4.91 26.99
C ASN B 429 -47.21 4.55 27.44
N PRO B 430 -46.36 5.56 27.71
CA PRO B 430 -45.00 5.22 28.06
C PRO B 430 -44.94 4.30 29.27
N ALA B 431 -43.99 3.39 29.27
CA ALA B 431 -43.91 2.36 30.26
C ALA B 431 -42.49 2.24 30.66
N PRO B 432 -42.24 2.14 31.97
CA PRO B 432 -40.84 2.23 32.41
C PRO B 432 -40.00 0.95 32.16
N LEU B 433 -38.89 1.08 31.41
CA LEU B 433 -37.89 0.02 31.26
C LEU B 433 -36.82 0.30 32.25
N SER B 434 -36.50 -0.62 33.15
CA SER B 434 -35.59 -0.32 34.23
C SER B 434 -34.65 -1.49 34.56
N SER B 435 -33.45 -1.14 34.99
CA SER B 435 -32.50 -2.09 35.57
C SER B 435 -32.47 -1.77 37.07
N PRO B 436 -33.42 -2.35 37.82
CA PRO B 436 -33.60 -1.94 39.24
C PRO B 436 -32.30 -2.08 40.02
N LEU B 437 -31.46 -3.06 39.68
CA LEU B 437 -30.19 -3.21 40.43
C LEU B 437 -29.01 -2.47 39.79
N ASN B 438 -29.27 -1.49 38.94
CA ASN B 438 -28.17 -0.70 38.35
C ASN B 438 -27.17 -1.57 37.62
N GLY B 439 -27.71 -2.47 36.84
CA GLY B 439 -26.96 -3.48 36.12
C GLY B 439 -26.84 -3.29 34.62
N VAL B 440 -26.89 -2.04 34.14
CA VAL B 440 -26.49 -1.70 32.76
C VAL B 440 -25.01 -1.27 32.77
N HIS B 441 -24.14 -2.18 32.37
CA HIS B 441 -22.74 -1.98 32.51
C HIS B 441 -22.15 -1.92 31.10
N ASP B 442 -22.02 -0.72 30.50
CA ASP B 442 -22.07 0.58 31.19
C ASP B 442 -23.07 1.56 30.55
N ARG B 443 -23.42 1.37 29.29
CA ARG B 443 -24.35 2.27 28.61
C ARG B 443 -25.19 1.45 27.65
N ALA B 444 -26.50 1.73 27.53
CA ALA B 444 -27.33 1.07 26.55
C ALA B 444 -28.02 2.10 25.72
N TYR B 445 -28.01 1.87 24.40
CA TYR B 445 -28.73 2.65 23.40
C TYR B 445 -29.93 1.82 23.04
N VAL B 446 -31.10 2.30 23.42
CA VAL B 446 -32.36 1.52 23.37
C VAL B 446 -33.22 1.89 22.16
N ALA B 447 -33.70 0.88 21.44
CA ALA B 447 -34.65 1.04 20.35
C ALA B 447 -35.82 0.09 20.48
N VAL B 448 -37.01 0.57 20.14
CA VAL B 448 -38.21 -0.24 19.95
C VAL B 448 -38.73 -0.12 18.49
N ASP B 449 -38.81 -1.27 17.81
CA ASP B 449 -39.10 -1.33 16.36
C ASP B 449 -38.39 -0.27 15.57
N GLY B 450 -37.10 -0.19 15.84
CA GLY B 450 -36.25 0.67 15.08
C GLY B 450 -36.45 2.14 15.35
N ILE B 451 -37.12 2.50 16.45
CA ILE B 451 -37.28 3.88 16.87
C ILE B 451 -36.42 4.03 18.12
N PRO B 452 -35.43 4.94 18.10
CA PRO B 452 -34.60 5.13 19.27
C PRO B 452 -35.41 5.69 20.46
N GLN B 453 -35.14 5.20 21.64
CA GLN B 453 -35.85 5.66 22.81
C GLN B 453 -34.95 6.44 23.75
N GLY B 454 -33.64 6.42 23.55
CA GLY B 454 -32.72 7.14 24.41
C GLY B 454 -31.87 6.10 25.10
N VAL B 455 -31.42 6.44 26.30
CA VAL B 455 -30.27 5.79 26.87
C VAL B 455 -30.38 5.40 28.34
N LEU B 456 -29.90 4.21 28.70
CA LEU B 456 -29.68 3.82 30.11
C LEU B 456 -28.20 3.93 30.45
N GLU B 457 -27.89 4.36 31.66
CA GLU B 457 -26.49 4.64 32.01
C GLU B 457 -26.21 4.11 33.41
N ARG B 458 -25.06 3.47 33.56
CA ARG B 458 -24.65 2.99 34.87
C ARG B 458 -24.63 4.17 35.85
N ASN B 459 -25.29 3.97 36.98
CA ASN B 459 -25.35 4.94 38.04
C ASN B 459 -26.35 6.08 37.75
N ASN B 460 -26.30 6.69 36.58
CA ASN B 460 -27.03 7.91 36.30
C ASN B 460 -28.49 7.78 35.97
N VAL B 461 -28.82 6.82 35.11
CA VAL B 461 -30.19 6.64 34.62
C VAL B 461 -30.44 5.13 34.47
N ILE B 462 -31.29 4.59 35.35
CA ILE B 462 -31.61 3.18 35.35
C ILE B 462 -33.06 2.93 34.92
N THR B 463 -33.75 3.93 34.45
CA THR B 463 -35.11 3.74 33.96
C THR B 463 -35.33 4.64 32.77
N LEU B 464 -35.95 4.10 31.74
CA LEU B 464 -36.25 4.83 30.53
C LEU B 464 -37.65 4.43 30.17
N ASN B 465 -38.51 5.42 29.94
CA ASN B 465 -39.82 5.18 29.39
C ASN B 465 -39.78 4.86 27.92
N ILE B 466 -40.49 3.81 27.55
CA ILE B 466 -40.51 3.39 26.15
C ILE B 466 -41.93 3.29 25.68
N THR B 467 -42.11 3.38 24.38
CA THR B 467 -43.41 3.11 23.81
C THR B 467 -43.26 2.18 22.61
N GLY B 468 -44.32 1.45 22.32
CA GLY B 468 -44.37 0.52 21.20
C GLY B 468 -45.50 -0.47 21.38
N LYS B 469 -45.77 -1.22 20.32
CA LYS B 469 -46.84 -2.20 20.32
C LYS B 469 -46.42 -3.46 20.99
N ALA B 470 -47.42 -4.24 21.41
CA ALA B 470 -47.22 -5.57 21.94
C ALA B 470 -46.50 -6.35 20.86
N GLY B 471 -45.52 -7.14 21.27
CA GLY B 471 -44.77 -7.96 20.32
C GLY B 471 -43.72 -7.19 19.51
N ALA B 472 -43.57 -5.89 19.75
CA ALA B 472 -42.48 -5.11 19.13
C ALA B 472 -41.10 -5.55 19.59
N THR B 473 -40.10 -5.23 18.78
CA THR B 473 -38.76 -5.64 19.07
C THR B 473 -38.09 -4.57 19.91
N LEU B 474 -37.62 -4.97 21.09
CA LEU B 474 -36.89 -4.14 22.02
C LEU B 474 -35.45 -4.52 21.91
N ASP B 475 -34.62 -3.59 21.45
CA ASP B 475 -33.16 -3.76 21.27
C ASP B 475 -32.44 -2.86 22.27
N LEU B 476 -31.43 -3.44 22.97
CA LEU B 476 -30.49 -2.67 23.75
C LEU B 476 -29.06 -2.97 23.27
N LEU B 477 -28.45 -1.97 22.65
CA LEU B 477 -27.04 -2.01 22.26
C LEU B 477 -26.20 -1.59 23.44
N VAL B 478 -25.44 -2.52 24.05
CA VAL B 478 -24.73 -2.21 25.31
C VAL B 478 -23.25 -2.08 25.02
N GLU B 479 -22.68 -0.99 25.51
CA GLU B 479 -21.27 -0.67 25.41
C GLU B 479 -20.50 -0.87 26.71
N ASN B 480 -19.42 -1.64 26.64
CA ASN B 480 -18.44 -1.69 27.70
C ASN B 480 -17.51 -0.46 27.57
N MET B 481 -17.66 0.51 28.49
CA MET B 481 -16.87 1.77 28.48
C MET B 481 -15.46 1.68 29.08
N GLY B 482 -15.13 0.47 29.53
CA GLY B 482 -13.84 0.09 29.93
C GLY B 482 -13.91 -0.53 31.32
N ARG B 483 -13.27 -1.67 31.51
CA ARG B 483 -13.20 -2.22 32.88
C ARG B 483 -12.34 -1.43 33.88
N VAL B 484 -12.89 -1.27 35.07
CA VAL B 484 -12.26 -0.59 36.17
C VAL B 484 -10.92 -1.22 36.41
N ASN B 485 -9.92 -0.39 36.55
CA ASN B 485 -8.57 -0.86 36.67
C ASN B 485 -7.90 -0.62 38.04
N TYR B 486 -8.66 -0.16 39.03
CA TYR B 486 -8.15 0.10 40.38
C TYR B 486 -9.31 -0.02 41.35
N GLY B 487 -9.02 -0.50 42.54
CA GLY B 487 -10.01 -0.57 43.59
C GLY B 487 -10.39 -2.04 43.73
N ALA B 488 -11.33 -2.31 44.64
CA ALA B 488 -11.80 -3.66 44.89
C ALA B 488 -12.57 -4.16 43.68
N TYR B 489 -13.16 -3.26 42.90
CA TYR B 489 -14.09 -3.62 41.82
C TYR B 489 -13.49 -3.70 40.41
N ILE B 490 -12.31 -4.30 40.29
CA ILE B 490 -11.71 -4.59 38.96
C ILE B 490 -12.38 -5.79 38.25
N ASN B 491 -13.14 -6.60 39.01
CA ASN B 491 -13.91 -7.73 38.46
C ASN B 491 -15.27 -7.30 37.82
N ASP B 492 -15.15 -6.60 36.71
CA ASP B 492 -16.20 -5.81 36.11
C ASP B 492 -16.67 -6.59 34.87
N PHE B 493 -17.79 -7.32 34.99
CA PHE B 493 -18.22 -8.28 33.96
C PHE B 493 -18.61 -7.71 32.57
N LYS B 494 -19.40 -6.63 32.62
CA LYS B 494 -19.98 -5.87 31.47
C LYS B 494 -21.19 -6.51 30.85
N GLY B 495 -22.02 -5.69 30.21
CA GLY B 495 -23.27 -6.12 29.62
C GLY B 495 -24.49 -5.84 30.52
N LEU B 496 -25.56 -6.57 30.32
CA LEU B 496 -26.66 -6.46 31.27
C LEU B 496 -26.25 -7.44 32.36
N VAL B 497 -25.80 -6.94 33.51
CA VAL B 497 -25.33 -7.89 34.54
C VAL B 497 -26.42 -8.31 35.56
N SER B 498 -27.62 -7.78 35.36
CA SER B 498 -28.79 -8.17 36.12
C SER B 498 -29.99 -7.85 35.25
N ASN B 499 -31.15 -8.26 35.71
CA ASN B 499 -32.38 -8.22 34.94
C ASN B 499 -32.87 -6.83 34.52
N LEU B 500 -33.62 -6.78 33.42
CA LEU B 500 -34.40 -5.59 33.11
C LEU B 500 -35.85 -5.89 33.46
N THR B 501 -36.55 -4.87 33.95
CA THR B 501 -37.99 -4.92 34.09
C THR B 501 -38.72 -3.95 33.19
N LEU B 502 -39.95 -4.31 32.82
CA LEU B 502 -40.88 -3.38 32.18
C LEU B 502 -42.21 -3.30 32.96
N SER B 503 -42.56 -2.09 33.38
CA SER B 503 -43.66 -1.89 34.33
C SER B 503 -43.50 -2.83 35.52
N SER B 504 -42.27 -2.94 36.01
CA SER B 504 -41.90 -3.78 37.17
C SER B 504 -41.92 -5.27 37.00
N ASN B 505 -42.25 -5.74 35.80
CA ASN B 505 -42.18 -7.17 35.50
C ASN B 505 -40.90 -7.52 34.76
N ILE B 506 -40.18 -8.53 35.26
CA ILE B 506 -38.93 -8.95 34.67
C ILE B 506 -39.15 -9.40 33.24
N LEU B 507 -38.20 -8.99 32.39
CA LEU B 507 -38.27 -9.25 30.97
C LEU B 507 -37.46 -10.47 30.73
N THR B 508 -38.04 -11.41 29.98
CA THR B 508 -37.43 -12.73 29.77
C THR B 508 -37.33 -13.00 28.30
N ASP B 509 -36.62 -14.05 27.94
CA ASP B 509 -36.55 -14.48 26.53
C ASP B 509 -35.79 -13.55 25.59
N TRP B 510 -34.48 -13.75 25.62
CA TRP B 510 -33.54 -12.83 25.02
C TRP B 510 -32.80 -13.48 23.91
N THR B 511 -32.56 -12.70 22.87
CA THR B 511 -31.65 -13.10 21.82
C THR B 511 -30.48 -12.12 21.80
N ILE B 512 -29.27 -12.65 22.04
CA ILE B 512 -28.12 -11.81 22.33
C ILE B 512 -27.05 -11.97 21.26
N PHE B 513 -26.63 -10.84 20.68
CA PHE B 513 -25.72 -10.81 19.54
C PHE B 513 -24.40 -10.18 19.99
N PRO B 514 -23.36 -11.01 20.21
CA PRO B 514 -22.05 -10.42 20.33
C PRO B 514 -21.64 -9.86 18.98
N LEU B 515 -21.01 -8.69 18.95
CA LEU B 515 -20.82 -8.00 17.69
C LEU B 515 -19.36 -7.94 17.37
N ASP B 516 -19.02 -8.58 16.26
CA ASP B 516 -17.68 -8.54 15.66
C ASP B 516 -17.42 -7.21 14.86
N THR B 517 -17.39 -6.10 15.57
CA THR B 517 -17.25 -4.79 14.95
C THR B 517 -15.94 -4.61 14.21
N GLU B 518 -14.88 -5.22 14.73
CA GLU B 518 -13.57 -5.05 14.14
C GLU B 518 -13.48 -5.72 12.75
N ASP B 519 -13.84 -6.99 12.63
CA ASP B 519 -13.87 -7.73 11.33
C ASP B 519 -14.89 -7.11 10.38
N ALA B 520 -16.06 -6.70 10.89
CA ALA B 520 -17.12 -6.13 10.06
C ALA B 520 -16.68 -4.83 9.40
N VAL B 521 -16.09 -3.92 10.18
CA VAL B 521 -15.51 -2.67 9.64
C VAL B 521 -14.38 -2.97 8.68
N ARG B 522 -13.47 -3.88 9.05
CA ARG B 522 -12.36 -4.22 8.15
C ARG B 522 -12.83 -4.78 6.80
N SER B 523 -14.05 -5.30 6.73
CA SER B 523 -14.60 -5.89 5.52
C SER B 523 -15.62 -4.94 4.86
N HIS B 524 -15.66 -3.71 5.34
CA HIS B 524 -16.66 -2.72 4.90
C HIS B 524 -18.09 -3.23 5.09
N LEU B 525 -18.34 -3.93 6.19
CA LEU B 525 -19.63 -4.54 6.47
C LEU B 525 -19.95 -5.62 5.43
N GLY B 526 -18.90 -6.24 4.89
CA GLY B 526 -19.07 -7.36 3.99
C GLY B 526 -19.11 -6.95 2.52
N GLY B 527 -19.25 -5.66 2.25
CA GLY B 527 -19.12 -5.17 0.88
C GLY B 527 -17.80 -5.54 0.20
N TRP B 528 -16.73 -5.84 0.96
CA TRP B 528 -15.44 -6.28 0.38
C TRP B 528 -15.15 -7.77 0.47
N GLY B 529 -16.12 -8.56 0.88
CA GLY B 529 -15.92 -9.98 0.95
C GLY B 529 -14.99 -10.33 2.09
N HIS B 530 -14.51 -11.55 2.07
CA HIS B 530 -13.75 -12.05 3.22
C HIS B 530 -12.38 -12.58 2.88
N ARG B 531 -11.90 -12.33 1.66
CA ARG B 531 -10.49 -12.65 1.36
C ARG B 531 -9.48 -11.99 2.29
N ASN B 546 -33.10 14.35 21.32
CA ASN B 546 -33.35 13.46 20.19
C ASN B 546 -32.21 12.48 19.96
N TYR B 547 -32.51 11.35 19.33
CA TYR B 547 -31.53 10.31 19.08
C TYR B 547 -31.71 9.77 17.69
N THR B 548 -30.70 9.12 17.16
CA THR B 548 -30.84 8.36 15.91
C THR B 548 -30.37 6.95 16.22
N LEU B 549 -30.82 5.96 15.46
CA LEU B 549 -30.34 4.59 15.64
C LEU B 549 -28.85 4.49 15.49
N PRO B 550 -28.21 3.72 16.37
CA PRO B 550 -26.80 3.46 16.18
C PRO B 550 -26.53 2.92 14.78
N ALA B 551 -25.53 3.47 14.12
CA ALA B 551 -25.29 3.19 12.71
C ALA B 551 -23.85 3.52 12.31
N PHE B 552 -23.39 2.87 11.25
CA PHE B 552 -22.14 3.09 10.61
C PHE B 552 -22.34 4.12 9.49
N TYR B 553 -21.45 5.11 9.52
CA TYR B 553 -21.33 6.14 8.53
C TYR B 553 -19.93 6.06 7.94
N MET B 554 -19.84 6.13 6.62
CA MET B 554 -18.59 5.99 5.92
C MET B 554 -18.35 7.05 4.90
N GLY B 555 -17.07 7.34 4.71
CA GLY B 555 -16.60 8.37 3.79
C GLY B 555 -15.15 8.14 3.46
N ASN B 556 -14.79 8.57 2.25
CA ASN B 556 -13.47 8.34 1.67
C ASN B 556 -12.74 9.70 1.52
N PHE B 557 -11.43 9.71 1.71
CA PHE B 557 -10.64 10.87 1.22
C PHE B 557 -9.30 10.46 0.67
N SER B 558 -8.91 11.09 -0.44
CA SER B 558 -7.57 10.82 -1.04
C SER B 558 -6.46 11.76 -0.65
N ILE B 559 -5.23 11.26 -0.76
CA ILE B 559 -4.01 12.01 -0.47
C ILE B 559 -3.10 11.78 -1.67
N PRO B 560 -2.54 12.86 -2.26
CA PRO B 560 -1.64 12.62 -3.43
C PRO B 560 -0.39 11.74 -3.12
N SER B 561 0.00 10.93 -4.11
CA SER B 561 1.24 10.11 -4.08
C SER B 561 2.39 10.95 -4.58
N GLY B 562 3.61 10.50 -4.33
CA GLY B 562 4.78 11.22 -4.86
C GLY B 562 5.12 12.58 -4.20
N ILE B 563 4.49 12.86 -3.05
CA ILE B 563 4.78 14.06 -2.27
C ILE B 563 5.55 13.61 -1.03
N PRO B 564 6.80 14.01 -0.89
CA PRO B 564 7.63 13.46 0.18
C PRO B 564 7.04 13.63 1.57
N ASP B 565 6.36 14.75 1.79
CA ASP B 565 5.88 15.10 3.10
C ASP B 565 4.40 14.86 3.27
N LEU B 566 3.85 13.89 2.56
CA LEU B 566 2.49 13.43 2.77
C LEU B 566 2.50 11.93 2.56
N PRO B 567 1.77 11.19 3.40
CA PRO B 567 0.88 11.67 4.46
C PRO B 567 1.56 12.20 5.74
N GLN B 568 0.85 13.09 6.44
CA GLN B 568 1.27 13.56 7.77
C GLN B 568 0.30 13.13 8.83
N ASP B 569 0.79 13.15 10.08
CA ASP B 569 -0.07 13.04 11.26
C ASP B 569 -1.13 14.12 11.25
N THR B 570 -2.26 13.84 11.86
CA THR B 570 -3.37 14.76 11.93
C THR B 570 -4.22 14.45 13.18
N PHE B 571 -5.28 15.23 13.33
CA PHE B 571 -6.19 15.12 14.46
C PHE B 571 -7.56 15.12 13.85
N ILE B 572 -8.40 14.19 14.26
CA ILE B 572 -9.75 14.14 13.78
C ILE B 572 -10.71 14.71 14.82
N GLN B 573 -11.64 15.59 14.36
CA GLN B 573 -12.72 16.23 15.18
C GLN B 573 -14.11 15.91 14.64
N PHE B 574 -15.11 15.94 15.50
CA PHE B 574 -16.43 15.45 15.14
C PHE B 574 -17.52 16.48 15.50
N PRO B 575 -17.49 17.67 14.88
CA PRO B 575 -18.52 18.69 15.18
C PRO B 575 -19.93 18.26 14.78
N GLY B 576 -20.86 18.30 15.70
CA GLY B 576 -22.23 17.83 15.45
C GLY B 576 -22.50 16.36 15.80
N TRP B 577 -21.46 15.55 15.94
CA TRP B 577 -21.64 14.17 16.39
C TRP B 577 -21.77 14.18 17.93
N THR B 578 -22.01 13.02 18.54
CA THR B 578 -22.38 12.96 19.95
C THR B 578 -21.45 11.97 20.63
N LYS B 579 -21.54 10.68 20.32
CA LYS B 579 -20.72 9.67 20.93
C LYS B 579 -20.57 8.43 20.03
N GLY B 580 -19.34 7.93 19.88
CA GLY B 580 -19.12 6.69 19.09
C GLY B 580 -17.66 6.21 19.03
N GLN B 581 -17.44 5.30 18.10
CA GLN B 581 -16.15 4.71 17.81
C GLN B 581 -15.70 5.18 16.40
N VAL B 582 -14.39 5.35 16.18
CA VAL B 582 -13.96 5.71 14.84
C VAL B 582 -12.82 4.80 14.34
N TRP B 583 -12.89 4.43 13.08
CA TRP B 583 -11.80 3.71 12.40
C TRP B 583 -11.33 4.46 11.18
N ILE B 584 -10.03 4.38 10.87
CA ILE B 584 -9.56 4.79 9.55
C ILE B 584 -8.78 3.60 8.92
N ASN B 585 -9.15 3.26 7.68
CA ASN B 585 -8.68 2.06 6.99
C ASN B 585 -8.69 0.85 7.91
N GLY B 586 -9.78 0.73 8.68
CA GLY B 586 -9.94 -0.35 9.63
C GLY B 586 -9.11 -0.30 10.92
N PHE B 587 -8.28 0.73 11.14
CA PHE B 587 -7.58 0.83 12.40
C PHE B 587 -8.46 1.58 13.38
N ASN B 588 -8.67 0.96 14.55
CA ASN B 588 -9.62 1.54 15.52
C ASN B 588 -8.90 2.59 16.32
N LEU B 589 -9.19 3.87 16.05
CA LEU B 589 -8.53 5.00 16.72
C LEU B 589 -8.97 5.26 18.14
N GLY B 590 -10.10 4.71 18.55
CA GLY B 590 -10.69 4.90 19.89
C GLY B 590 -12.09 5.54 19.84
N ARG B 591 -12.48 6.10 20.99
CA ARG B 591 -13.82 6.60 21.24
C ARG B 591 -13.77 8.14 21.19
N TYR B 592 -14.82 8.74 20.62
CA TYR B 592 -15.02 10.18 20.56
C TYR B 592 -16.27 10.49 21.41
N TRP B 593 -16.26 11.61 22.10
CA TRP B 593 -17.41 12.02 22.91
C TRP B 593 -17.40 13.52 23.08
N PRO B 594 -17.58 14.30 22.00
CA PRO B 594 -17.43 15.74 22.11
C PRO B 594 -18.52 16.35 23.00
N ALA B 595 -19.62 15.63 23.18
CA ALA B 595 -20.65 16.05 24.13
C ALA B 595 -20.19 16.09 25.60
N ARG B 596 -19.16 15.34 25.99
CA ARG B 596 -18.66 15.37 27.35
C ARG B 596 -17.33 16.09 27.43
N GLY B 597 -16.42 15.84 26.51
CA GLY B 597 -15.07 16.43 26.67
C GLY B 597 -14.33 15.70 27.80
N PRO B 598 -13.14 16.16 28.17
CA PRO B 598 -12.42 17.34 27.64
C PRO B 598 -11.74 17.15 26.27
N GLN B 599 -11.56 15.90 25.87
CA GLN B 599 -11.05 15.54 24.54
C GLN B 599 -12.10 15.78 23.47
N LEU B 600 -11.77 16.67 22.53
CA LEU B 600 -12.50 16.86 21.27
C LEU B 600 -11.86 16.09 20.10
N THR B 601 -10.56 16.23 19.88
CA THR B 601 -9.88 15.48 18.80
C THR B 601 -9.32 14.11 19.21
N LEU B 602 -9.32 13.17 18.25
CA LEU B 602 -8.45 11.96 18.33
C LEU B 602 -7.23 12.08 17.41
N PHE B 603 -6.09 11.64 17.92
CA PHE B 603 -4.83 11.55 17.21
C PHE B 603 -4.91 10.49 16.12
N VAL B 604 -4.43 10.83 14.91
CA VAL B 604 -4.38 9.94 13.75
C VAL B 604 -2.95 9.84 13.27
N PRO B 605 -2.29 8.69 13.56
CA PRO B 605 -0.90 8.55 13.13
C PRO B 605 -0.81 8.43 11.62
N GLN B 606 0.20 9.03 11.02
CA GLN B 606 0.30 9.05 9.54
C GLN B 606 0.38 7.67 8.88
N HIS B 607 0.90 6.65 9.59
CA HIS B 607 1.24 5.40 8.95
C HIS B 607 0.04 4.59 8.60
N ILE B 608 -1.11 4.82 9.20
CA ILE B 608 -2.29 4.13 8.72
C ILE B 608 -2.92 4.85 7.53
N LEU B 609 -2.41 6.04 7.11
CA LEU B 609 -3.02 6.73 5.96
C LEU B 609 -2.32 6.25 4.70
N MET B 610 -3.01 6.22 3.57
CA MET B 610 -2.37 5.83 2.34
C MET B 610 -2.56 6.82 1.17
N THR B 611 -1.68 6.72 0.20
CA THR B 611 -1.74 7.55 -1.02
C THR B 611 -2.20 6.76 -2.24
N SER B 612 -2.06 5.45 -2.19
CA SER B 612 -2.32 4.60 -3.37
C SER B 612 -3.81 4.51 -3.69
N ALA B 613 -4.64 4.70 -2.66
CA ALA B 613 -6.02 4.32 -2.67
C ALA B 613 -6.77 5.23 -1.71
N PRO B 614 -8.08 5.36 -1.89
CA PRO B 614 -8.88 6.11 -0.92
C PRO B 614 -8.72 5.60 0.53
N ASN B 615 -8.73 6.54 1.47
CA ASN B 615 -8.75 6.27 2.91
C ASN B 615 -10.19 6.29 3.34
N THR B 616 -10.63 5.19 3.95
CA THR B 616 -12.01 4.99 4.34
C THR B 616 -12.09 5.29 5.81
N ILE B 617 -12.84 6.35 6.15
CA ILE B 617 -13.25 6.64 7.51
C ILE B 617 -14.55 5.89 7.84
N THR B 618 -14.55 5.17 8.97
CA THR B 618 -15.78 4.58 9.51
C THR B 618 -16.09 5.17 10.86
N VAL B 619 -17.28 5.72 10.98
CA VAL B 619 -17.82 6.22 12.27
C VAL B 619 -19.04 5.42 12.71
N LEU B 620 -18.95 4.82 13.88
CA LEU B 620 -20.11 4.22 14.52
C LEU B 620 -20.64 5.23 15.52
N GLU B 621 -21.70 5.96 15.15
CA GLU B 621 -22.36 6.94 16.05
C GLU B 621 -23.47 6.26 16.83
N LEU B 622 -23.46 6.45 18.15
CA LEU B 622 -24.38 5.70 19.02
C LEU B 622 -25.62 6.43 19.52
N GLU B 623 -25.56 7.76 19.52
CA GLU B 623 -26.65 8.55 20.07
C GLU B 623 -27.27 9.50 19.07
N TRP B 624 -26.48 10.25 18.30
CA TRP B 624 -27.12 11.22 17.34
C TRP B 624 -26.13 11.69 16.34
N ALA B 625 -26.43 11.50 15.05
CA ALA B 625 -25.56 11.81 13.90
C ALA B 625 -26.07 13.07 13.21
N PRO B 626 -25.19 13.99 12.83
CA PRO B 626 -25.68 15.22 12.20
C PRO B 626 -25.97 14.98 10.71
N CYS B 627 -26.83 14.04 10.40
CA CYS B 627 -26.89 13.54 9.02
C CYS B 627 -28.31 13.42 8.52
N SER B 628 -29.25 14.09 9.18
CA SER B 628 -30.66 13.98 8.79
C SER B 628 -30.96 15.09 7.81
N SER B 629 -30.64 16.32 8.18
CA SER B 629 -30.91 17.46 7.32
C SER B 629 -30.49 17.15 5.88
N ASP B 630 -31.25 17.66 4.93
CA ASP B 630 -30.98 17.42 3.53
C ASP B 630 -29.66 18.07 3.10
N ASP B 631 -29.00 18.77 4.04
CA ASP B 631 -27.64 19.29 3.86
C ASP B 631 -26.57 18.22 4.16
N PRO B 632 -26.01 17.63 3.11
CA PRO B 632 -25.04 16.58 3.34
C PRO B 632 -23.73 17.10 3.96
N GLU B 633 -23.39 18.36 3.71
CA GLU B 633 -22.14 18.94 4.18
C GLU B 633 -22.01 18.92 5.70
N LEU B 634 -23.14 18.76 6.40
CA LEU B 634 -23.12 18.57 7.83
C LEU B 634 -22.75 17.13 8.23
N CYS B 635 -23.01 16.14 7.37
CA CYS B 635 -22.64 14.77 7.71
C CYS B 635 -21.17 14.62 7.41
N ALA B 636 -20.33 15.04 8.35
CA ALA B 636 -18.88 15.24 8.05
C ALA B 636 -18.02 15.27 9.30
N VAL B 637 -16.73 14.99 9.10
CA VAL B 637 -15.73 15.12 10.14
C VAL B 637 -14.69 16.00 9.55
N THR B 638 -13.81 16.48 10.40
CA THR B 638 -12.84 17.48 10.04
C THR B 638 -11.51 17.05 10.62
N PHE B 639 -10.48 17.03 9.77
CA PHE B 639 -9.07 16.92 10.16
C PHE B 639 -8.36 18.25 10.39
N VAL B 640 -7.70 18.39 11.52
CA VAL B 640 -7.05 19.65 11.93
C VAL B 640 -5.59 19.37 12.36
N ASP B 641 -4.77 20.42 12.51
CA ASP B 641 -3.34 20.27 12.78
C ASP B 641 -2.86 20.61 14.22
N ARG B 642 -3.83 20.75 15.13
CA ARG B 642 -3.60 20.91 16.55
C ARG B 642 -4.66 20.13 17.32
N PRO B 643 -4.25 19.39 18.36
CA PRO B 643 -5.19 18.64 19.19
C PRO B 643 -6.01 19.55 20.09
N VAL B 644 -7.20 19.11 20.46
CA VAL B 644 -8.03 19.79 21.45
C VAL B 644 -8.44 18.72 22.48
N ILE B 645 -7.57 18.45 23.43
CA ILE B 645 -7.78 17.47 24.53
C ILE B 645 -8.16 18.15 25.87
N GLY B 646 -8.25 19.47 25.88
CA GLY B 646 -8.51 20.19 27.13
C GLY B 646 -9.32 21.45 26.89
N SER B 647 -10.52 21.24 26.32
CA SER B 647 -11.45 22.30 26.02
C SER B 647 -12.58 22.31 27.06
N SER B 648 -13.09 23.51 27.35
CA SER B 648 -14.14 23.72 28.38
C SER B 648 -15.37 22.84 28.16
N GLN C 30 -8.90 12.51 -31.76
CA GLN C 30 -7.78 13.22 -32.47
C GLN C 30 -7.74 14.72 -32.12
N ARG C 31 -6.60 15.15 -31.57
CA ARG C 31 -6.51 16.38 -30.78
C ARG C 31 -5.91 17.55 -31.52
N MET C 32 -6.46 18.73 -31.22
CA MET C 32 -6.09 19.95 -31.93
C MET C 32 -5.91 21.14 -30.98
N PHE C 33 -4.90 21.95 -31.29
CA PHE C 33 -4.65 23.20 -30.62
C PHE C 33 -4.19 24.17 -31.70
N GLU C 34 -4.90 25.28 -31.86
CA GLU C 34 -4.58 26.25 -32.90
C GLU C 34 -4.92 27.69 -32.49
N ILE C 35 -4.35 28.67 -33.20
CA ILE C 35 -4.75 30.05 -33.05
C ILE C 35 -5.88 30.24 -34.04
N ASP C 36 -7.01 30.77 -33.58
CA ASP C 36 -8.07 31.19 -34.53
C ASP C 36 -8.06 32.73 -34.59
N TYR C 37 -7.59 33.21 -35.73
CA TYR C 37 -7.36 34.65 -35.87
C TYR C 37 -8.69 35.40 -35.88
N SER C 38 -9.72 34.75 -36.40
CA SER C 38 -11.04 35.36 -36.46
C SER C 38 -11.74 35.54 -35.13
N ARG C 39 -11.31 34.85 -34.08
CA ARG C 39 -11.94 35.10 -32.79
C ARG C 39 -10.96 35.58 -31.73
N ASP C 40 -9.74 35.95 -32.17
CA ASP C 40 -8.71 36.50 -31.27
C ASP C 40 -8.39 35.55 -30.10
N SER C 41 -8.31 34.25 -30.40
CA SER C 41 -8.13 33.25 -29.35
C SER C 41 -7.43 31.98 -29.81
N PHE C 42 -7.13 31.13 -28.83
CA PHE C 42 -6.70 29.79 -29.08
C PHE C 42 -7.96 28.94 -29.17
N LEU C 43 -7.85 27.83 -29.89
CA LEU C 43 -8.90 26.77 -29.88
C LEU C 43 -8.24 25.49 -29.50
N LYS C 44 -8.68 24.91 -28.40
CA LYS C 44 -8.23 23.60 -27.99
C LYS C 44 -9.40 22.65 -28.24
N ASP C 45 -9.19 21.64 -29.07
CA ASP C 45 -10.24 20.76 -29.61
C ASP C 45 -11.47 21.56 -30.08
N GLY C 46 -11.22 22.58 -30.90
CA GLY C 46 -12.27 23.48 -31.44
C GLY C 46 -12.96 24.44 -30.46
N GLN C 47 -12.55 24.48 -29.20
CA GLN C 47 -13.18 25.36 -28.20
C GLN C 47 -12.25 26.51 -27.76
N PRO C 48 -12.83 27.71 -27.51
CA PRO C 48 -12.06 28.86 -27.01
C PRO C 48 -11.24 28.41 -25.80
N PHE C 49 -10.01 28.87 -25.69
CA PHE C 49 -9.14 28.45 -24.63
C PHE C 49 -8.21 29.59 -24.36
N ARG C 50 -7.97 29.93 -23.09
CA ARG C 50 -6.77 30.68 -22.75
C ARG C 50 -6.08 30.07 -21.55
N TYR C 51 -4.82 30.43 -21.38
CA TYR C 51 -4.06 29.82 -20.32
C TYR C 51 -3.63 30.78 -19.29
N THR C 52 -3.50 30.23 -18.11
CA THR C 52 -2.95 30.91 -17.01
C THR C 52 -1.90 29.94 -16.53
N SER C 53 -0.67 30.38 -16.75
CA SER C 53 0.51 29.56 -16.66
C SER C 53 1.50 30.12 -15.67
N GLY C 54 2.41 29.27 -15.25
CA GLY C 54 3.47 29.63 -14.30
C GLY C 54 4.71 28.98 -14.84
N SER C 55 5.84 29.67 -14.81
CA SER C 55 7.15 29.12 -15.17
C SER C 55 7.72 28.30 -14.01
N ILE C 56 8.27 27.14 -14.37
CA ILE C 56 9.01 26.32 -13.43
C ILE C 56 10.10 25.73 -14.31
N HIS C 57 11.33 25.78 -13.87
CA HIS C 57 12.49 25.32 -14.62
C HIS C 57 12.93 24.00 -13.93
N TYR C 58 12.74 22.88 -14.65
CA TYR C 58 13.04 21.59 -14.08
C TYR C 58 14.53 21.48 -13.74
N SER C 59 15.39 22.30 -14.40
CA SER C 59 16.83 22.30 -14.15
C SER C 59 17.21 23.01 -12.82
N ARG C 60 16.21 23.57 -12.19
CA ARG C 60 16.33 24.38 -10.97
C ARG C 60 15.66 23.74 -9.75
N VAL C 61 14.93 22.66 -9.97
CA VAL C 61 14.26 21.92 -8.89
C VAL C 61 14.71 20.45 -8.97
N PRO C 62 15.25 19.89 -7.88
CA PRO C 62 15.49 18.44 -7.98
C PRO C 62 14.21 17.69 -8.40
N ARG C 63 14.37 16.65 -9.20
CA ARG C 63 13.29 15.81 -9.63
C ARG C 63 12.51 15.23 -8.47
N PHE C 64 13.20 14.97 -7.35
CA PHE C 64 12.59 14.56 -6.09
C PHE C 64 11.39 15.44 -5.73
N TYR C 65 11.42 16.69 -6.10
CA TYR C 65 10.37 17.59 -5.76
C TYR C 65 9.55 18.03 -6.96
N TRP C 66 9.72 17.44 -8.13
CA TRP C 66 9.00 17.95 -9.29
C TRP C 66 7.49 17.87 -9.08
N LYS C 67 6.99 16.77 -8.50
CA LYS C 67 5.53 16.56 -8.40
C LYS C 67 4.97 17.52 -7.34
N ASP C 68 5.71 17.63 -6.26
CA ASP C 68 5.34 18.62 -5.26
C ASP C 68 5.09 20.01 -5.85
N ARG C 69 6.03 20.51 -6.63
CA ARG C 69 5.92 21.91 -7.05
C ARG C 69 4.84 22.01 -8.08
N LEU C 70 4.80 21.03 -8.97
CA LEU C 70 3.77 21.01 -9.98
C LEU C 70 2.38 20.89 -9.37
N LEU C 71 2.24 20.06 -8.34
CA LEU C 71 0.93 19.98 -7.72
C LEU C 71 0.53 21.28 -7.04
N LYS C 72 1.45 21.96 -6.35
CA LYS C 72 1.13 23.28 -5.75
C LYS C 72 0.62 24.30 -6.85
N MET C 73 1.18 24.15 -8.05
CA MET C 73 0.95 25.09 -9.16
C MET C 73 -0.46 24.84 -9.69
N LYS C 74 -0.75 23.57 -9.92
CA LYS C 74 -2.10 23.15 -10.25
C LYS C 74 -3.14 23.63 -9.24
N MET C 75 -2.84 23.47 -7.94
CA MET C 75 -3.76 23.85 -6.89
C MET C 75 -3.92 25.35 -6.83
N ALA C 76 -3.00 26.10 -7.39
CA ALA C 76 -3.17 27.56 -7.42
C ALA C 76 -4.18 27.98 -8.52
N GLY C 77 -4.52 27.01 -9.36
CA GLY C 77 -5.49 27.20 -10.42
C GLY C 77 -4.85 27.44 -11.77
N LEU C 78 -3.55 27.17 -11.93
CA LEU C 78 -2.93 27.26 -13.26
C LEU C 78 -3.39 26.08 -14.13
N ASN C 79 -3.64 26.29 -15.44
CA ASN C 79 -3.92 25.19 -16.31
C ASN C 79 -2.76 24.85 -17.22
N ALA C 80 -1.63 25.49 -16.99
CA ALA C 80 -0.39 25.21 -17.71
C ALA C 80 0.87 25.65 -16.97
N ILE C 81 1.98 25.04 -17.35
CA ILE C 81 3.25 25.47 -16.87
C ILE C 81 4.13 25.84 -18.06
N GLN C 82 5.10 26.74 -17.83
CA GLN C 82 6.09 27.07 -18.84
C GLN C 82 7.50 26.78 -18.33
N THR C 83 8.35 26.31 -19.24
CA THR C 83 9.70 26.00 -18.92
C THR C 83 10.68 26.19 -20.08
N TYR C 84 11.94 26.27 -19.71
CA TYR C 84 13.06 26.37 -20.59
C TYR C 84 13.84 25.05 -20.64
N VAL C 85 14.35 24.71 -21.81
CA VAL C 85 15.30 23.64 -21.95
C VAL C 85 16.69 24.24 -22.11
N PRO C 86 17.59 24.04 -21.13
CA PRO C 86 18.90 24.66 -21.21
C PRO C 86 19.84 23.72 -21.89
N TRP C 87 20.28 24.12 -23.07
CA TRP C 87 20.91 23.18 -23.97
C TRP C 87 22.13 22.58 -23.26
N ASN C 88 22.85 23.45 -22.56
CA ASN C 88 24.08 23.06 -21.87
C ASN C 88 23.87 22.16 -20.67
N PHE C 89 22.64 22.11 -20.13
CA PHE C 89 22.23 21.14 -19.08
C PHE C 89 22.17 19.71 -19.63
N HIS C 90 21.88 19.59 -20.94
CA HIS C 90 21.67 18.30 -21.62
C HIS C 90 22.74 17.83 -22.59
N GLU C 91 23.64 18.70 -23.00
CA GLU C 91 24.74 18.29 -23.90
C GLU C 91 26.01 18.99 -23.43
N PRO C 92 26.60 18.45 -22.34
CA PRO C 92 27.77 19.06 -21.70
C PRO C 92 29.03 19.06 -22.57
N TRP C 93 29.10 18.11 -23.52
CA TRP C 93 30.17 17.99 -24.52
C TRP C 93 29.54 17.50 -25.80
N PRO C 94 30.09 17.89 -26.96
CA PRO C 94 29.39 17.48 -28.17
C PRO C 94 29.15 15.96 -28.27
N GLY C 95 27.90 15.55 -28.55
CA GLY C 95 27.56 14.13 -28.75
C GLY C 95 27.44 13.34 -27.44
N GLN C 96 27.43 14.04 -26.32
CA GLN C 96 27.38 13.46 -25.00
C GLN C 96 26.13 14.01 -24.24
N TYR C 97 25.07 13.23 -24.12
CA TYR C 97 23.78 13.74 -23.70
C TYR C 97 23.43 13.33 -22.28
N GLN C 98 22.63 14.17 -21.62
CA GLN C 98 22.11 13.87 -20.28
C GLN C 98 20.64 14.14 -20.30
N PHE C 99 19.91 13.05 -20.26
CA PHE C 99 18.45 13.02 -20.29
C PHE C 99 17.92 12.16 -19.12
N SER C 100 18.76 11.91 -18.12
CA SER C 100 18.45 11.03 -16.98
C SER C 100 18.25 11.75 -15.67
N GLU C 101 17.39 11.18 -14.81
CA GLU C 101 17.25 11.60 -13.42
C GLU C 101 16.91 13.08 -13.45
N ASP C 102 17.66 13.92 -12.78
CA ASP C 102 17.40 15.34 -12.76
C ASP C 102 17.33 16.01 -14.17
N HIS C 103 18.02 15.42 -15.17
CA HIS C 103 18.06 15.88 -16.56
C HIS C 103 16.96 15.35 -17.47
N ASP C 104 15.97 14.66 -16.87
CA ASP C 104 14.94 13.95 -17.65
C ASP C 104 13.75 14.83 -18.02
N VAL C 105 13.96 15.69 -19.00
CA VAL C 105 12.93 16.64 -19.38
C VAL C 105 11.71 15.93 -19.87
N GLU C 106 11.87 14.83 -20.57
CA GLU C 106 10.74 14.04 -21.07
C GLU C 106 9.84 13.61 -19.92
N TYR C 107 10.45 13.01 -18.89
CA TYR C 107 9.69 12.65 -17.70
C TYR C 107 8.99 13.84 -17.12
N PHE C 108 9.66 14.99 -17.09
CA PHE C 108 9.06 16.15 -16.49
C PHE C 108 7.78 16.54 -17.19
N LEU C 109 7.78 16.50 -18.51
CA LEU C 109 6.60 16.93 -19.24
C LEU C 109 5.45 15.88 -19.13
N ARG C 110 5.78 14.62 -19.01
CA ARG C 110 4.74 13.57 -18.89
C ARG C 110 4.09 13.74 -17.53
N LEU C 111 4.90 14.10 -16.53
CA LEU C 111 4.41 14.31 -15.16
C LEU C 111 3.43 15.50 -15.13
N ALA C 112 3.82 16.57 -15.80
CA ALA C 112 2.96 17.72 -15.95
C ALA C 112 1.69 17.27 -16.57
N HIS C 113 1.79 16.45 -17.59
CA HIS C 113 0.59 16.01 -18.27
C HIS C 113 -0.34 15.12 -17.41
N GLU C 114 0.29 14.22 -16.67
CA GLU C 114 -0.37 13.33 -15.76
C GLU C 114 -1.23 14.06 -14.72
N LEU C 115 -0.75 15.18 -14.20
CA LEU C 115 -1.48 16.06 -13.27
C LEU C 115 -2.49 17.00 -13.95
N GLY C 116 -2.72 16.86 -15.23
CA GLY C 116 -3.66 17.75 -15.95
C GLY C 116 -3.10 19.15 -16.23
N LEU C 117 -1.81 19.23 -16.49
CA LEU C 117 -1.20 20.49 -16.81
C LEU C 117 -0.74 20.50 -18.26
N LEU C 118 -1.12 21.55 -19.00
CA LEU C 118 -0.59 21.75 -20.35
C LEU C 118 0.76 22.44 -20.25
N VAL C 119 1.54 22.38 -21.34
CA VAL C 119 2.93 22.84 -21.36
C VAL C 119 3.19 23.81 -22.53
N ILE C 120 3.76 24.95 -22.17
CA ILE C 120 4.33 25.94 -23.07
C ILE C 120 5.84 25.66 -23.03
N LEU C 121 6.40 25.11 -24.10
CA LEU C 121 7.81 24.70 -24.12
C LEU C 121 8.70 25.78 -24.75
N ARG C 122 9.84 26.01 -24.13
CA ARG C 122 10.72 27.05 -24.57
C ARG C 122 12.13 26.45 -24.75
N PRO C 123 12.38 25.88 -25.93
CA PRO C 123 13.59 25.05 -26.13
C PRO C 123 14.79 25.82 -26.70
N GLY C 124 14.68 27.13 -26.70
CA GLY C 124 15.78 28.02 -27.01
C GLY C 124 16.08 28.11 -28.50
N PRO C 125 17.34 27.82 -28.89
CA PRO C 125 18.47 27.23 -28.15
C PRO C 125 19.15 28.17 -27.18
N TYR C 126 18.83 29.45 -27.28
CA TYR C 126 19.24 30.46 -26.32
C TYR C 126 18.02 30.74 -25.46
N ILE C 127 18.25 30.82 -24.15
CA ILE C 127 17.15 30.93 -23.19
C ILE C 127 17.27 32.10 -22.20
N CYS C 128 18.44 32.71 -22.12
CA CYS C 128 18.69 33.82 -21.22
C CYS C 128 18.62 33.28 -19.77
N ALA C 129 17.50 33.56 -19.08
CA ALA C 129 17.09 32.81 -17.89
C ALA C 129 18.00 32.88 -16.67
N GLU C 130 18.96 33.81 -16.65
CA GLU C 130 19.85 33.92 -15.50
C GLU C 130 20.61 32.60 -15.33
N TRP C 131 20.88 31.95 -16.46
CA TRP C 131 21.49 30.64 -16.52
C TRP C 131 22.75 30.73 -17.35
N GLU C 132 23.79 30.02 -16.93
CA GLU C 132 25.09 30.00 -17.63
C GLU C 132 25.02 30.19 -19.12
N MET C 133 25.62 31.25 -19.62
CA MET C 133 25.67 31.53 -21.04
C MET C 133 24.32 31.49 -21.75
N GLY C 134 23.23 31.76 -21.00
CA GLY C 134 21.85 31.72 -21.54
C GLY C 134 21.52 30.35 -22.11
N GLY C 135 22.16 29.32 -21.55
CA GLY C 135 21.93 27.93 -21.95
C GLY C 135 22.84 27.44 -23.07
N LEU C 136 23.63 28.32 -23.69
CA LEU C 136 24.45 27.88 -24.85
C LEU C 136 25.65 27.10 -24.33
N PRO C 137 25.96 25.97 -24.96
CA PRO C 137 27.14 25.24 -24.45
C PRO C 137 28.46 26.03 -24.65
N ALA C 138 29.29 26.03 -23.63
CA ALA C 138 30.55 26.72 -23.64
C ALA C 138 31.49 26.19 -24.74
N TRP C 139 31.35 24.90 -25.08
CA TRP C 139 32.17 24.35 -26.15
C TRP C 139 31.96 25.07 -27.49
N LEU C 140 30.81 25.72 -27.70
CA LEU C 140 30.61 26.45 -28.95
C LEU C 140 31.79 27.36 -29.18
N LEU C 141 32.34 27.87 -28.08
CA LEU C 141 33.40 28.84 -28.12
C LEU C 141 34.79 28.30 -28.49
N GLU C 142 34.90 27.00 -28.69
CA GLU C 142 36.16 26.42 -29.20
C GLU C 142 36.41 27.02 -30.59
N LYS C 143 35.39 27.54 -31.26
CA LYS C 143 35.58 28.61 -32.27
C LYS C 143 35.57 30.04 -31.64
N GLU C 144 36.75 30.59 -31.48
CA GLU C 144 36.94 31.87 -30.80
C GLU C 144 36.08 32.99 -31.42
N SER C 145 35.93 32.96 -32.75
CA SER C 145 35.21 34.01 -33.49
C SER C 145 33.71 33.75 -33.62
N ILE C 146 33.19 32.70 -32.97
CA ILE C 146 31.79 32.33 -33.19
C ILE C 146 30.88 33.49 -32.87
N LEU C 147 29.95 33.77 -33.78
CA LEU C 147 28.89 34.73 -33.57
C LEU C 147 27.65 33.95 -33.10
N LEU C 148 27.44 33.98 -31.80
CA LEU C 148 26.34 33.24 -31.22
C LEU C 148 25.02 33.88 -31.63
N ARG C 149 23.96 33.08 -31.73
CA ARG C 149 22.61 33.60 -32.06
C ARG C 149 22.61 34.38 -33.40
N SER C 150 23.16 33.75 -34.43
CA SER C 150 23.24 34.33 -35.77
C SER C 150 23.25 33.19 -36.75
N SER C 151 23.46 33.55 -38.01
CA SER C 151 23.52 32.63 -39.13
C SER C 151 24.96 32.12 -39.28
N ASP C 152 25.83 32.47 -38.32
CA ASP C 152 27.17 31.91 -38.28
C ASP C 152 27.06 30.41 -38.55
N PRO C 153 27.65 29.92 -39.64
CA PRO C 153 27.33 28.56 -40.08
C PRO C 153 27.75 27.43 -39.10
N ASP C 154 28.80 27.68 -38.32
CA ASP C 154 29.22 26.72 -37.28
C ASP C 154 28.24 26.76 -36.10
N TYR C 155 27.71 27.93 -35.77
CA TYR C 155 26.65 28.01 -34.78
C TYR C 155 25.47 27.22 -35.27
N LEU C 156 25.06 27.50 -36.51
CA LEU C 156 23.91 26.81 -37.11
C LEU C 156 24.06 25.31 -37.04
N ALA C 157 25.23 24.83 -37.46
CA ALA C 157 25.57 23.40 -37.49
C ALA C 157 25.39 22.72 -36.12
N ALA C 158 25.82 23.41 -35.08
CA ALA C 158 25.72 22.89 -33.72
C ALA C 158 24.23 22.85 -33.28
N VAL C 159 23.49 23.93 -33.56
CA VAL C 159 22.11 24.09 -33.16
C VAL C 159 21.32 23.00 -33.84
N ASP C 160 21.61 22.78 -35.11
CA ASP C 160 20.83 21.82 -35.90
C ASP C 160 20.98 20.39 -35.39
N LYS C 161 22.19 19.99 -35.00
CA LYS C 161 22.43 18.70 -34.35
C LYS C 161 21.70 18.56 -33.07
N TRP C 162 21.79 19.58 -32.21
CA TRP C 162 21.02 19.60 -30.96
C TRP C 162 19.51 19.50 -31.23
N LEU C 163 19.00 20.32 -32.15
CA LEU C 163 17.61 20.28 -32.43
C LEU C 163 17.24 18.89 -32.93
N GLY C 164 18.16 18.23 -33.65
CA GLY C 164 17.88 16.89 -34.19
C GLY C 164 17.90 15.78 -33.13
N VAL C 165 18.36 16.09 -31.92
CA VAL C 165 18.26 15.18 -30.76
C VAL C 165 17.08 15.53 -29.84
N LEU C 166 16.98 16.80 -29.47
CA LEU C 166 15.88 17.29 -28.64
C LEU C 166 14.50 17.28 -29.26
N LEU C 167 14.31 17.85 -30.45
CA LEU C 167 12.92 18.01 -30.93
C LEU C 167 12.15 16.72 -31.22
N PRO C 168 12.81 15.68 -31.72
CA PRO C 168 12.12 14.39 -31.87
C PRO C 168 11.72 13.75 -30.52
N LYS C 169 12.46 14.00 -29.46
CA LYS C 169 11.94 13.68 -28.11
C LYS C 169 10.66 14.52 -27.82
N MET C 170 10.63 15.78 -28.25
CA MET C 170 9.48 16.63 -27.96
C MET C 170 8.23 16.28 -28.81
N LYS C 171 8.44 15.69 -29.98
CA LYS C 171 7.34 15.42 -30.91
C LYS C 171 6.15 14.62 -30.35
N PRO C 172 6.41 13.42 -29.77
CA PRO C 172 5.32 12.69 -29.13
C PRO C 172 4.67 13.45 -27.97
N LEU C 173 5.35 14.44 -27.38
CA LEU C 173 4.76 15.26 -26.30
C LEU C 173 3.90 16.46 -26.73
N LEU C 174 3.81 16.71 -28.03
CA LEU C 174 2.88 17.70 -28.53
C LEU C 174 1.40 17.28 -28.25
N TYR C 175 0.60 18.29 -27.89
CA TYR C 175 -0.83 18.12 -27.74
C TYR C 175 -1.40 17.31 -28.87
N GLN C 176 -1.04 17.64 -30.10
CA GLN C 176 -1.70 17.01 -31.26
C GLN C 176 -1.45 15.49 -31.25
N ASN C 177 -0.33 15.05 -30.65
CA ASN C 177 0.06 13.64 -30.56
C ASN C 177 -0.18 12.96 -29.21
N GLY C 178 -0.95 13.57 -28.33
CA GLY C 178 -1.27 12.97 -27.04
C GLY C 178 -0.56 13.51 -25.83
N GLY C 179 0.30 14.50 -26.01
CA GLY C 179 1.08 15.10 -24.89
C GLY C 179 0.53 16.43 -24.39
N PRO C 180 1.29 17.12 -23.51
CA PRO C 180 0.86 18.40 -22.98
C PRO C 180 1.26 19.64 -23.78
N VAL C 181 2.26 19.51 -24.67
CA VAL C 181 2.87 20.71 -25.22
C VAL C 181 1.90 21.35 -26.23
N ILE C 182 1.47 22.56 -25.89
CA ILE C 182 0.53 23.32 -26.71
C ILE C 182 1.17 24.34 -27.64
N THR C 183 2.25 24.95 -27.18
CA THR C 183 2.97 26.01 -27.92
C THR C 183 4.49 25.93 -27.63
N VAL C 184 5.29 26.27 -28.63
CA VAL C 184 6.74 26.24 -28.51
C VAL C 184 7.34 27.57 -28.87
N GLN C 185 8.13 28.16 -27.97
CA GLN C 185 8.80 29.42 -28.28
C GLN C 185 10.10 29.16 -29.10
N VAL C 186 10.24 29.93 -30.18
CA VAL C 186 11.47 30.01 -30.98
C VAL C 186 12.40 31.12 -30.47
N GLU C 187 13.60 30.76 -30.06
CA GLU C 187 14.59 31.71 -29.51
C GLU C 187 14.03 32.40 -28.27
N ASN C 188 14.72 33.42 -27.77
CA ASN C 188 14.27 34.16 -26.60
C ASN C 188 14.69 35.64 -26.63
N GLU C 189 13.68 36.51 -26.79
CA GLU C 189 13.88 37.94 -26.90
C GLU C 189 14.95 38.23 -27.94
N TYR C 190 14.83 37.68 -29.12
CA TYR C 190 15.91 37.88 -30.09
C TYR C 190 16.04 39.37 -30.42
N GLY C 191 14.91 40.09 -30.29
CA GLY C 191 14.84 41.48 -30.65
C GLY C 191 15.68 42.30 -29.73
N SER C 192 16.08 41.79 -28.57
CA SER C 192 16.93 42.57 -27.69
C SER C 192 18.43 42.34 -27.99
N TYR C 193 18.77 41.45 -28.92
CA TYR C 193 20.21 41.15 -29.22
C TYR C 193 20.68 42.03 -30.38
N PHE C 194 21.95 42.38 -30.43
CA PHE C 194 22.39 43.31 -31.49
C PHE C 194 22.40 42.71 -32.90
N ALA C 195 22.55 41.39 -33.04
CA ALA C 195 22.81 40.83 -34.39
C ALA C 195 21.71 41.09 -35.43
N CYS C 196 20.44 40.97 -35.03
CA CYS C 196 19.29 41.20 -35.88
C CYS C 196 19.32 40.30 -37.16
N ASP C 197 19.77 39.08 -37.00
CA ASP C 197 19.92 38.17 -38.14
C ASP C 197 18.59 37.37 -38.39
N PHE C 198 17.77 37.84 -39.33
CA PHE C 198 16.50 37.16 -39.68
C PHE C 198 16.63 35.79 -40.37
N ASP C 199 17.73 35.57 -41.08
CA ASP C 199 18.01 34.26 -41.66
C ASP C 199 18.09 33.21 -40.51
N TYR C 200 18.71 33.57 -39.38
CA TYR C 200 18.81 32.65 -38.23
C TYR C 200 17.42 32.26 -37.78
N LEU C 201 16.59 33.27 -37.56
CA LEU C 201 15.21 33.03 -37.14
C LEU C 201 14.43 32.16 -38.14
N ARG C 202 14.64 32.33 -39.44
CA ARG C 202 13.91 31.48 -40.43
C ARG C 202 14.50 30.07 -40.48
N PHE C 203 15.79 29.99 -40.18
CA PHE C 203 16.44 28.70 -39.99
C PHE C 203 15.73 27.91 -38.85
N LEU C 204 15.64 28.54 -37.69
CA LEU C 204 14.97 27.89 -36.55
C LEU C 204 13.50 27.53 -36.92
N GLN C 205 12.80 28.45 -37.60
CA GLN C 205 11.41 28.20 -37.95
C GLN C 205 11.33 26.92 -38.75
N LYS C 206 12.14 26.86 -39.79
CA LYS C 206 12.18 25.75 -40.69
C LYS C 206 12.54 24.42 -40.00
N ARG C 207 13.56 24.45 -39.15
CA ARG C 207 14.01 23.25 -38.47
C ARG C 207 12.97 22.78 -37.43
N PHE C 208 12.32 23.70 -36.71
CA PHE C 208 11.25 23.28 -35.75
C PHE C 208 10.09 22.57 -36.50
N ARG C 209 9.67 23.20 -37.59
CA ARG C 209 8.65 22.67 -38.48
C ARG C 209 9.04 21.31 -39.01
N HIS C 210 10.27 21.18 -39.47
CA HIS C 210 10.78 19.91 -39.90
C HIS C 210 10.62 18.85 -38.82
N HIS C 211 10.95 19.13 -37.56
CA HIS C 211 10.92 18.02 -36.59
C HIS C 211 9.58 17.86 -35.91
N LEU C 212 8.77 18.93 -35.94
CA LEU C 212 7.54 18.97 -35.12
C LEU C 212 6.25 18.94 -35.92
N GLY C 213 6.28 19.33 -37.18
CA GLY C 213 5.07 19.37 -37.98
C GLY C 213 4.57 20.78 -38.15
N ASP C 214 3.55 20.94 -38.97
CA ASP C 214 3.12 22.27 -39.42
C ASP C 214 2.02 22.81 -38.57
N ASP C 215 1.37 21.92 -37.82
CA ASP C 215 0.29 22.30 -36.96
C ASP C 215 0.74 22.98 -35.67
N VAL C 216 1.94 22.68 -35.18
CA VAL C 216 2.33 23.16 -33.86
C VAL C 216 2.42 24.68 -33.86
N VAL C 217 1.85 25.28 -32.83
CA VAL C 217 1.87 26.73 -32.67
C VAL C 217 3.25 27.16 -32.22
N LEU C 218 3.92 27.92 -33.07
CA LEU C 218 5.26 28.46 -32.74
C LEU C 218 5.19 29.94 -32.50
N PHE C 219 5.98 30.44 -31.55
CA PHE C 219 5.85 31.83 -31.17
C PHE C 219 7.15 32.42 -30.71
N THR C 220 7.16 33.76 -30.59
CA THR C 220 8.30 34.51 -30.07
C THR C 220 7.85 35.39 -28.90
N THR C 221 8.84 35.89 -28.14
CA THR C 221 8.59 36.68 -27.00
C THR C 221 9.66 37.78 -27.02
N ASP C 222 9.22 39.02 -26.80
CA ASP C 222 10.09 40.17 -26.82
C ASP C 222 9.45 41.24 -25.93
N GLY C 223 10.23 42.23 -25.55
CA GLY C 223 9.76 43.37 -24.76
C GLY C 223 8.62 44.07 -25.48
N ALA C 224 7.73 44.65 -24.71
CA ALA C 224 6.47 45.15 -25.24
C ALA C 224 6.68 46.58 -25.74
N HIS C 225 7.46 46.69 -26.81
CA HIS C 225 7.81 47.98 -27.39
C HIS C 225 8.37 47.73 -28.77
N LYS C 226 8.11 48.68 -29.66
CA LYS C 226 8.37 48.48 -31.08
C LYS C 226 9.84 48.28 -31.36
N THR C 227 10.67 48.94 -30.58
CA THR C 227 12.11 48.80 -30.67
C THR C 227 12.60 47.36 -30.41
N PHE C 228 11.95 46.63 -29.50
CA PHE C 228 12.35 45.23 -29.25
C PHE C 228 11.76 44.31 -30.30
N LEU C 229 10.52 44.59 -30.68
CA LEU C 229 9.82 43.75 -31.62
C LEU C 229 10.35 43.86 -33.04
N LYS C 230 11.16 44.85 -33.32
CA LYS C 230 11.64 45.05 -34.68
C LYS C 230 12.47 43.86 -35.18
N CYS C 231 13.41 43.39 -34.38
CA CYS C 231 14.30 42.31 -34.81
C CYS C 231 13.86 40.95 -34.24
N GLY C 232 12.83 40.97 -33.39
CA GLY C 232 12.32 39.75 -32.74
C GLY C 232 11.21 39.10 -33.50
N ALA C 233 10.28 39.90 -34.02
CA ALA C 233 9.12 39.39 -34.75
C ALA C 233 9.51 38.76 -36.10
N LEU C 234 8.87 37.65 -36.44
CA LEU C 234 9.14 36.96 -37.72
C LEU C 234 7.84 36.43 -38.30
N GLN C 235 7.71 36.51 -39.63
CA GLN C 235 6.50 36.11 -40.27
C GLN C 235 6.37 34.61 -40.06
N GLY C 236 5.17 34.15 -39.72
CA GLY C 236 4.99 32.74 -39.50
C GLY C 236 5.29 32.32 -38.08
N LEU C 237 5.85 33.20 -37.24
CA LEU C 237 5.90 32.91 -35.82
C LEU C 237 5.00 33.89 -35.09
N TYR C 238 4.04 33.41 -34.32
CA TYR C 238 3.17 34.32 -33.55
C TYR C 238 3.90 35.23 -32.57
N THR C 239 3.61 36.53 -32.64
CA THR C 239 4.37 37.50 -31.84
C THR C 239 3.74 37.75 -30.48
N THR C 240 4.48 37.41 -29.40
CA THR C 240 4.01 37.68 -28.05
C THR C 240 4.98 38.64 -27.41
N VAL C 241 4.57 39.23 -26.28
CA VAL C 241 5.43 40.18 -25.54
C VAL C 241 5.62 39.79 -24.08
N ASP C 242 6.54 40.44 -23.40
CA ASP C 242 6.62 40.36 -21.95
C ASP C 242 6.60 41.73 -21.28
N PHE C 243 6.26 41.72 -20.00
CA PHE C 243 6.17 42.92 -19.16
C PHE C 243 5.78 42.54 -17.76
N GLY C 244 6.24 43.35 -16.80
CA GLY C 244 5.94 43.14 -15.41
C GLY C 244 5.01 44.21 -14.89
N THR C 245 4.95 44.32 -13.57
CA THR C 245 3.95 45.14 -12.87
C THR C 245 4.07 46.61 -13.04
N GLY C 246 5.23 47.09 -13.47
CA GLY C 246 5.48 48.51 -13.61
C GLY C 246 5.03 49.10 -14.93
N SER C 247 4.51 48.27 -15.82
CA SER C 247 4.19 48.70 -17.17
C SER C 247 2.70 48.88 -17.37
N ASN C 248 2.42 49.87 -18.18
CA ASN C 248 1.09 50.10 -18.65
C ASN C 248 0.63 48.94 -19.51
N ILE C 249 -0.41 48.26 -19.02
CA ILE C 249 -0.89 47.04 -19.65
C ILE C 249 -1.47 47.37 -21.01
N THR C 250 -2.33 48.37 -21.12
CA THR C 250 -2.85 48.76 -22.41
C THR C 250 -1.74 48.99 -23.44
N ASP C 251 -0.74 49.78 -23.07
CA ASP C 251 0.36 50.12 -23.99
C ASP C 251 1.18 48.91 -24.36
N ALA C 252 1.38 47.99 -23.42
CA ALA C 252 2.13 46.76 -23.71
C ALA C 252 1.38 45.95 -24.74
N PHE C 253 0.07 45.74 -24.51
CA PHE C 253 -0.71 45.00 -25.49
C PHE C 253 -0.93 45.73 -26.82
N LEU C 254 -1.05 47.05 -26.81
CA LEU C 254 -1.11 47.72 -28.12
C LEU C 254 0.14 47.37 -28.97
N SER C 255 1.33 47.25 -28.34
CA SER C 255 2.55 46.89 -29.06
C SER C 255 2.46 45.49 -29.69
N GLN C 256 1.90 44.51 -28.98
CA GLN C 256 1.68 43.21 -29.55
C GLN C 256 0.75 43.30 -30.76
N ARG C 257 -0.34 44.02 -30.63
CA ARG C 257 -1.35 44.08 -31.70
C ARG C 257 -0.82 44.74 -32.99
N LYS C 258 0.12 45.66 -32.85
CA LYS C 258 0.79 46.23 -34.02
C LYS C 258 1.52 45.15 -34.83
N CYS C 259 2.07 44.14 -34.15
CA CYS C 259 2.63 42.96 -34.87
C CYS C 259 1.60 41.86 -35.13
N GLU C 260 0.60 41.71 -34.28
CA GLU C 260 -0.44 40.74 -34.52
C GLU C 260 -1.76 41.44 -34.29
N PRO C 261 -2.35 42.00 -35.37
CA PRO C 261 -3.68 42.61 -35.20
C PRO C 261 -4.75 41.55 -34.86
N LYS C 262 -4.56 40.30 -35.25
CA LYS C 262 -5.47 39.23 -34.87
C LYS C 262 -4.81 38.06 -34.11
N GLY C 263 -5.60 37.39 -33.28
CA GLY C 263 -5.14 36.29 -32.43
C GLY C 263 -5.14 36.68 -30.97
N PRO C 264 -4.74 35.76 -30.09
CA PRO C 264 -4.81 36.03 -28.65
C PRO C 264 -3.78 37.02 -28.16
N LEU C 265 -4.15 37.77 -27.13
CA LEU C 265 -3.24 38.62 -26.39
C LEU C 265 -2.44 37.71 -25.45
N ILE C 266 -1.14 37.92 -25.33
CA ILE C 266 -0.32 37.00 -24.55
C ILE C 266 0.82 37.71 -23.96
N ASN C 267 0.92 37.64 -22.65
CA ASN C 267 2.11 38.02 -21.94
C ASN C 267 2.85 36.73 -21.53
N SER C 268 3.99 36.46 -22.18
CA SER C 268 4.76 35.22 -21.98
C SER C 268 5.61 35.22 -20.72
N GLU C 269 5.99 36.40 -20.23
CA GLU C 269 6.64 36.53 -18.96
C GLU C 269 6.10 37.73 -18.17
N PHE C 270 5.09 37.51 -17.35
CA PHE C 270 4.59 38.51 -16.44
C PHE C 270 5.31 38.35 -15.11
N TYR C 271 6.15 39.31 -14.77
CA TYR C 271 7.15 39.15 -13.72
C TYR C 271 6.55 39.23 -12.35
N THR C 272 6.74 38.19 -11.55
CA THR C 272 6.27 38.16 -10.19
C THR C 272 7.29 38.65 -9.19
N GLY C 273 8.54 38.76 -9.62
CA GLY C 273 9.59 39.31 -8.76
C GLY C 273 10.68 39.76 -9.68
N TRP C 274 11.92 39.68 -9.25
CA TRP C 274 13.02 40.03 -10.19
C TRP C 274 14.30 39.34 -9.73
N LEU C 275 15.26 39.25 -10.62
CA LEU C 275 16.50 38.61 -10.31
C LEU C 275 17.40 39.42 -9.44
N ASP C 276 18.40 38.75 -8.89
CA ASP C 276 19.35 39.31 -7.96
C ASP C 276 20.77 39.24 -8.60
N HIS C 277 21.68 40.03 -8.03
CA HIS C 277 23.13 39.95 -8.25
C HIS C 277 23.83 39.95 -6.93
N TRP C 278 24.97 39.29 -6.84
CA TRP C 278 25.72 39.29 -5.61
C TRP C 278 26.03 40.73 -5.30
N GLY C 279 25.95 41.11 -4.03
CA GLY C 279 26.29 42.48 -3.60
C GLY C 279 25.22 43.55 -3.84
N GLN C 280 24.04 43.17 -4.34
CA GLN C 280 22.94 44.10 -4.49
C GLN C 280 21.79 43.66 -3.61
N PRO C 281 20.94 44.63 -3.15
CA PRO C 281 19.80 44.18 -2.34
C PRO C 281 18.93 43.18 -3.11
N HIS C 282 18.53 42.09 -2.44
CA HIS C 282 17.52 41.17 -2.91
C HIS C 282 16.30 41.88 -3.49
N SER C 283 15.89 41.47 -4.69
CA SER C 283 14.73 42.04 -5.38
C SER C 283 13.39 41.42 -4.90
N THR C 284 12.40 42.31 -4.74
CA THR C 284 11.09 41.93 -4.30
C THR C 284 10.05 42.71 -5.06
N ILE C 285 8.91 42.09 -5.36
CA ILE C 285 7.78 42.87 -5.91
C ILE C 285 6.59 42.62 -4.99
N LYS C 286 5.83 43.65 -4.71
CA LYS C 286 4.70 43.52 -3.82
C LYS C 286 3.61 42.62 -4.38
N THR C 287 3.15 41.75 -3.52
CA THR C 287 2.00 40.89 -3.80
C THR C 287 0.83 41.69 -4.30
N GLU C 288 0.54 42.86 -3.71
CA GLU C 288 -0.56 43.72 -4.23
C GLU C 288 -0.39 44.02 -5.73
N ALA C 289 0.84 44.41 -6.11
CA ALA C 289 1.16 44.79 -7.49
C ALA C 289 1.02 43.67 -8.46
N VAL C 290 1.46 42.47 -8.07
CA VAL C 290 1.33 41.31 -8.96
C VAL C 290 -0.16 40.92 -9.08
N ALA C 291 -0.88 40.99 -7.97
CA ALA C 291 -2.27 40.60 -7.98
C ALA C 291 -3.09 41.58 -8.86
N SER C 292 -2.85 42.88 -8.74
CA SER C 292 -3.57 43.89 -9.53
C SER C 292 -3.38 43.62 -11.00
N SER C 293 -2.13 43.56 -11.40
CA SER C 293 -1.80 43.44 -12.80
C SER C 293 -2.27 42.11 -13.28
N LEU C 294 -2.14 41.06 -12.48
CA LEU C 294 -2.64 39.72 -12.95
C LEU C 294 -4.11 39.78 -13.22
N TYR C 295 -4.87 40.39 -12.29
CA TYR C 295 -6.34 40.45 -12.48
C TYR C 295 -6.65 41.23 -13.81
N ASP C 296 -5.90 42.30 -14.03
CA ASP C 296 -6.12 43.19 -15.19
C ASP C 296 -5.85 42.43 -16.49
N ILE C 297 -4.81 41.60 -16.49
CA ILE C 297 -4.48 40.82 -17.69
C ILE C 297 -5.54 39.80 -17.95
N LEU C 298 -5.87 38.98 -16.97
CA LEU C 298 -6.91 37.98 -17.16
C LEU C 298 -8.18 38.66 -17.68
N ALA C 299 -8.57 39.80 -17.11
CA ALA C 299 -9.87 40.39 -17.48
C ALA C 299 -9.91 40.84 -18.95
N ARG C 300 -8.75 41.10 -19.56
CA ARG C 300 -8.71 41.40 -21.00
C ARG C 300 -8.88 40.10 -21.84
N GLY C 301 -8.96 38.94 -21.18
CA GLY C 301 -9.00 37.67 -21.92
C GLY C 301 -7.62 37.27 -22.47
N ALA C 302 -6.54 37.88 -21.98
CA ALA C 302 -5.19 37.52 -22.41
C ALA C 302 -4.79 36.21 -21.78
N SER C 303 -3.99 35.42 -22.52
CA SER C 303 -3.19 34.32 -21.94
C SER C 303 -1.96 34.91 -21.29
N VAL C 304 -1.53 34.33 -20.17
CA VAL C 304 -0.48 34.91 -19.36
C VAL C 304 0.36 33.88 -18.68
N ASN C 305 1.69 34.07 -18.69
CA ASN C 305 2.53 33.20 -17.89
C ASN C 305 3.26 34.00 -16.90
N LEU C 306 3.21 33.53 -15.65
CA LEU C 306 3.84 34.17 -14.52
C LEU C 306 5.30 33.68 -14.43
N TYR C 307 6.25 34.60 -14.59
CA TYR C 307 7.70 34.35 -14.53
C TYR C 307 8.28 34.98 -13.27
N MET C 308 8.77 34.24 -12.27
CA MET C 308 8.63 32.78 -12.08
C MET C 308 7.44 32.48 -11.17
N PHE C 309 6.90 31.28 -11.28
CA PHE C 309 5.95 30.85 -10.27
C PHE C 309 6.74 30.16 -9.12
N ILE C 310 7.62 29.25 -9.48
CA ILE C 310 8.72 28.90 -8.56
C ILE C 310 10.00 29.05 -9.33
N GLY C 311 11.00 29.61 -8.68
CA GLY C 311 12.31 29.79 -9.27
C GLY C 311 13.30 28.70 -8.91
N GLY C 312 13.37 28.35 -7.64
CA GLY C 312 14.29 27.30 -7.18
C GLY C 312 15.74 27.78 -7.08
N THR C 313 16.67 26.98 -7.59
CA THR C 313 18.06 27.10 -7.26
C THR C 313 18.95 26.82 -8.49
N ASN C 314 20.00 27.62 -8.60
CA ASN C 314 21.11 27.45 -9.49
C ASN C 314 22.11 26.60 -8.71
N PHE C 315 21.98 25.28 -8.79
CA PHE C 315 22.94 24.45 -8.16
C PHE C 315 24.28 24.48 -8.94
N ALA C 316 25.32 23.95 -8.32
CA ALA C 316 26.64 23.86 -8.95
C ALA C 316 27.10 25.21 -9.56
N TYR C 317 27.50 25.25 -10.84
CA TYR C 317 28.01 26.48 -11.48
C TYR C 317 26.98 26.98 -12.52
N TRP C 318 25.69 26.76 -12.26
CA TRP C 318 24.67 27.07 -13.29
C TRP C 318 24.17 28.51 -13.36
N ASN C 319 24.41 29.36 -12.36
CA ASN C 319 24.00 30.78 -12.41
C ASN C 319 24.58 31.48 -13.65
N GLY C 320 24.00 32.62 -14.01
CA GLY C 320 24.59 33.41 -15.11
C GLY C 320 25.09 34.71 -14.60
N ALA C 321 24.97 35.75 -15.42
CA ALA C 321 25.53 37.02 -15.07
C ALA C 321 25.10 38.10 -16.10
N ASN C 322 25.17 39.36 -15.67
CA ASN C 322 24.86 40.51 -16.55
C ASN C 322 26.11 41.37 -16.77
N SER C 323 26.07 42.21 -17.83
CA SER C 323 27.14 43.18 -18.16
C SER C 323 26.72 44.60 -17.77
N PRO C 324 27.65 45.43 -17.22
CA PRO C 324 29.03 45.12 -16.90
C PRO C 324 29.08 44.02 -15.82
N TYR C 325 30.08 43.13 -15.87
CA TYR C 325 30.04 41.84 -15.17
C TYR C 325 29.44 41.84 -13.74
N ALA C 326 28.31 41.17 -13.58
CA ALA C 326 27.66 41.00 -12.27
C ALA C 326 26.92 39.64 -12.24
N ALA C 327 27.36 38.76 -11.36
CA ALA C 327 26.81 37.40 -11.28
C ALA C 327 25.54 37.40 -10.49
N GLN C 328 24.61 36.58 -10.92
CA GLN C 328 23.46 36.25 -10.11
C GLN C 328 23.84 35.18 -9.08
N PRO C 329 23.26 35.24 -7.90
CA PRO C 329 23.65 34.30 -6.85
C PRO C 329 23.07 32.88 -7.03
N THR C 330 23.39 31.97 -6.12
CA THR C 330 22.91 30.60 -6.18
C THR C 330 21.38 30.46 -6.09
N SER C 331 20.78 31.14 -5.13
CA SER C 331 19.35 31.12 -4.99
C SER C 331 18.68 31.75 -6.20
N TYR C 332 17.66 31.10 -6.77
CA TYR C 332 16.81 31.78 -7.78
C TYR C 332 15.42 31.98 -7.17
N ASP C 333 15.38 32.31 -5.88
CA ASP C 333 14.11 32.45 -5.16
C ASP C 333 13.17 33.36 -5.97
N TYR C 334 13.72 34.50 -6.40
CA TYR C 334 13.03 35.42 -7.30
C TYR C 334 11.92 36.28 -6.68
N ASP C 335 11.63 36.00 -5.42
CA ASP C 335 10.43 36.49 -4.73
C ASP C 335 9.15 35.89 -5.34
N ALA C 336 9.27 34.69 -5.91
CA ALA C 336 8.18 34.04 -6.59
C ALA C 336 7.09 33.68 -5.57
N PRO C 337 5.88 33.37 -6.05
CA PRO C 337 4.76 32.87 -5.23
C PRO C 337 5.15 31.65 -4.41
N LEU C 338 5.86 30.73 -5.05
CA LEU C 338 6.52 29.60 -4.35
C LEU C 338 7.98 29.92 -4.04
N SER C 339 8.36 29.74 -2.77
CA SER C 339 9.69 30.10 -2.34
C SER C 339 10.67 29.12 -2.97
N GLU C 340 11.96 29.41 -2.80
CA GLU C 340 13.02 28.57 -3.29
C GLU C 340 12.80 27.11 -2.92
N ALA C 341 12.40 26.87 -1.67
CA ALA C 341 12.22 25.52 -1.14
C ALA C 341 10.79 25.07 -1.36
N GLY C 342 10.07 25.84 -2.13
CA GLY C 342 8.76 25.43 -2.53
C GLY C 342 7.63 25.80 -1.59
N ASP C 343 7.87 26.68 -0.60
CA ASP C 343 6.85 27.08 0.34
C ASP C 343 5.70 27.91 -0.23
N LEU C 344 4.53 27.70 0.38
CA LEU C 344 3.33 28.48 0.08
C LEU C 344 3.49 29.83 0.72
N THR C 345 3.52 30.89 -0.06
CA THR C 345 3.65 32.22 0.54
C THR C 345 2.33 32.92 0.49
N GLU C 346 2.28 34.11 1.09
CA GLU C 346 1.17 35.03 0.91
C GLU C 346 0.93 35.38 -0.56
N LYS C 347 2.00 35.51 -1.34
CA LYS C 347 1.86 35.83 -2.76
C LYS C 347 1.13 34.71 -3.47
N TYR C 348 1.49 33.47 -3.11
CA TYR C 348 0.82 32.31 -3.66
C TYR C 348 -0.68 32.37 -3.34
N PHE C 349 -1.07 32.67 -2.10
CA PHE C 349 -2.52 32.52 -1.77
C PHE C 349 -3.31 33.61 -2.47
N ALA C 350 -2.66 34.74 -2.60
CA ALA C 350 -3.31 35.90 -3.22
C ALA C 350 -3.50 35.75 -4.70
N LEU C 351 -2.54 35.11 -5.39
CA LEU C 351 -2.67 34.91 -6.88
C LEU C 351 -3.66 33.80 -7.20
N ARG C 352 -3.64 32.77 -6.38
CA ARG C 352 -4.72 31.79 -6.42
C ARG C 352 -6.11 32.48 -6.26
N ASN C 353 -6.17 33.50 -5.42
CA ASN C 353 -7.46 34.14 -5.19
C ASN C 353 -7.94 35.02 -6.33
N ILE C 354 -7.00 35.51 -7.13
CA ILE C 354 -7.30 36.18 -8.40
C ILE C 354 -7.81 35.14 -9.39
N ILE C 355 -7.11 34.02 -9.47
CA ILE C 355 -7.40 33.05 -10.51
C ILE C 355 -8.82 32.49 -10.24
N GLN C 356 -9.15 32.31 -8.96
CA GLN C 356 -10.45 31.88 -8.50
C GLN C 356 -11.61 32.74 -9.02
N LYS C 357 -11.37 34.03 -9.23
CA LYS C 357 -12.41 34.91 -9.77
C LYS C 357 -12.72 34.63 -11.21
N PHE C 358 -11.82 33.95 -11.88
CA PHE C 358 -12.01 33.66 -13.31
C PHE C 358 -12.45 32.23 -13.61
N GLU C 359 -12.04 31.30 -12.75
CA GLU C 359 -11.94 29.89 -13.10
C GLU C 359 -11.97 29.17 -11.75
N LYS C 360 -12.86 28.20 -11.58
CA LYS C 360 -12.91 27.43 -10.32
C LYS C 360 -11.64 26.59 -10.24
N VAL C 361 -11.06 26.63 -9.07
CA VAL C 361 -9.75 26.06 -8.78
C VAL C 361 -9.96 24.68 -8.12
N PRO C 362 -9.01 23.73 -8.25
CA PRO C 362 -9.28 22.39 -7.76
C PRO C 362 -9.55 22.30 -6.26
N GLU C 363 -10.36 21.33 -5.86
CA GLU C 363 -10.75 21.21 -4.45
C GLU C 363 -9.76 20.40 -3.64
N GLY C 364 -9.92 20.43 -2.33
CA GLY C 364 -9.05 19.66 -1.42
C GLY C 364 -7.87 20.50 -0.92
N PRO C 365 -7.17 20.01 0.10
CA PRO C 365 -6.08 20.78 0.66
C PRO C 365 -4.82 20.77 -0.22
N ILE C 366 -4.03 21.82 -0.10
CA ILE C 366 -2.81 21.99 -0.89
C ILE C 366 -1.69 21.26 -0.16
N PRO C 367 -0.76 20.64 -0.91
CA PRO C 367 0.39 20.08 -0.24
C PRO C 367 1.15 21.18 0.48
N PRO C 368 1.71 20.84 1.67
CA PRO C 368 2.28 21.85 2.52
C PRO C 368 3.63 22.26 2.08
N SER C 369 4.04 23.37 2.66
CA SER C 369 5.42 23.71 2.71
C SER C 369 6.16 22.57 3.44
N THR C 370 7.31 22.18 2.90
CA THR C 370 8.11 21.09 3.49
C THR C 370 8.54 21.45 4.90
N PRO C 371 8.56 20.46 5.83
CA PRO C 371 9.12 20.81 7.13
C PRO C 371 10.60 21.05 6.94
N LYS C 372 11.17 21.97 7.72
CA LYS C 372 12.59 22.31 7.66
C LYS C 372 13.19 22.03 9.02
N PHE C 373 14.43 21.60 9.06
CA PHE C 373 15.01 21.23 10.34
C PHE C 373 16.39 21.81 10.50
N ALA C 374 16.61 22.42 11.66
CA ALA C 374 17.90 22.93 12.10
C ALA C 374 18.91 21.84 12.59
N TYR C 375 19.81 21.33 11.73
CA TYR C 375 20.75 20.25 12.16
C TYR C 375 21.78 20.79 13.16
N GLY C 376 21.83 22.11 13.33
CA GLY C 376 22.78 22.77 14.15
C GLY C 376 24.15 22.91 13.51
N LYS C 377 25.14 23.11 14.39
CA LYS C 377 26.52 23.38 14.02
C LYS C 377 27.29 22.11 13.68
N VAL C 378 27.99 22.14 12.56
CA VAL C 378 28.80 20.97 12.19
C VAL C 378 30.22 21.40 11.93
N THR C 379 31.16 20.80 12.68
CA THR C 379 32.54 21.23 12.59
C THR C 379 33.27 20.65 11.37
N LEU C 380 34.13 21.46 10.78
CA LEU C 380 34.94 20.98 9.74
C LEU C 380 36.39 21.05 10.17
N GLU C 381 37.26 20.41 9.42
CA GLU C 381 38.68 20.76 9.46
C GLU C 381 39.37 20.77 8.12
N LYS C 382 40.42 21.56 8.03
CA LYS C 382 41.17 21.64 6.79
C LYS C 382 41.49 20.23 6.31
N LEU C 383 41.25 19.97 5.04
CA LEU C 383 41.71 18.73 4.47
C LEU C 383 42.98 18.96 3.68
N LYS C 384 42.87 19.76 2.62
CA LYS C 384 43.95 19.95 1.68
C LYS C 384 43.81 21.32 0.99
N THR C 385 44.94 22.03 0.86
CA THR C 385 44.98 23.24 0.06
C THR C 385 44.75 22.86 -1.39
N VAL C 386 44.23 23.79 -2.20
CA VAL C 386 44.17 23.54 -3.64
C VAL C 386 45.57 23.16 -4.14
N GLY C 387 46.57 23.94 -3.74
CA GLY C 387 47.97 23.69 -4.15
C GLY C 387 48.51 22.31 -3.77
N ALA C 388 48.01 21.75 -2.67
CA ALA C 388 48.47 20.43 -2.26
C ALA C 388 47.69 19.34 -2.97
N ALA C 389 46.50 19.64 -3.50
CA ALA C 389 45.68 18.57 -4.11
C ALA C 389 45.79 18.50 -5.64
N LEU C 390 46.88 19.03 -6.21
CA LEU C 390 46.96 19.09 -7.67
C LEU C 390 47.05 17.74 -8.40
N ASP C 391 47.48 16.68 -7.71
CA ASP C 391 47.54 15.34 -8.33
C ASP C 391 46.15 14.71 -8.49
N ILE C 392 45.26 15.00 -7.55
CA ILE C 392 43.88 14.50 -7.64
C ILE C 392 42.99 15.43 -8.52
N LEU C 393 43.17 16.74 -8.41
CA LEU C 393 42.44 17.73 -9.23
C LEU C 393 42.80 17.70 -10.72
N CYS C 394 44.03 17.30 -11.04
CA CYS C 394 44.52 17.37 -12.40
C CYS C 394 45.33 16.12 -12.66
N PRO C 395 44.65 15.00 -12.79
CA PRO C 395 45.37 13.74 -12.95
C PRO C 395 46.23 13.68 -14.23
N SER C 396 45.81 14.32 -15.31
CA SER C 396 46.56 14.32 -16.57
C SER C 396 47.83 15.16 -16.55
N GLY C 397 48.09 15.83 -15.44
CA GLY C 397 49.17 16.78 -15.38
C GLY C 397 48.82 18.05 -16.13
N PRO C 398 49.60 19.11 -15.92
CA PRO C 398 49.26 20.43 -16.43
C PRO C 398 49.59 20.64 -17.89
N ILE C 399 49.04 21.70 -18.47
CA ILE C 399 49.44 22.09 -19.81
C ILE C 399 50.38 23.30 -19.78
N LYS C 400 51.41 23.25 -20.61
CA LYS C 400 52.45 24.28 -20.64
C LYS C 400 52.18 25.25 -21.77
N SER C 401 52.27 26.53 -21.50
CA SER C 401 51.99 27.50 -22.53
C SER C 401 52.89 28.68 -22.29
N LEU C 402 53.24 29.38 -23.37
CA LEU C 402 54.09 30.56 -23.27
C LEU C 402 53.29 31.67 -22.65
N TYR C 403 52.12 31.93 -23.23
CA TYR C 403 51.19 32.91 -22.69
C TYR C 403 49.96 32.20 -22.10
N PRO C 404 49.15 32.92 -21.31
CA PRO C 404 47.97 32.27 -20.71
C PRO C 404 46.89 31.78 -21.71
N LEU C 405 46.28 30.63 -21.39
CA LEU C 405 45.20 30.06 -22.17
C LEU C 405 43.86 30.15 -21.41
N THR C 406 42.77 30.24 -22.17
CA THR C 406 41.41 30.29 -21.60
C THR C 406 40.84 28.94 -21.09
N PHE C 407 39.84 29.05 -20.23
CA PHE C 407 39.11 27.84 -19.77
C PHE C 407 38.82 26.96 -20.97
N ILE C 408 38.27 27.56 -22.04
CA ILE C 408 37.86 26.80 -23.23
C ILE C 408 39.06 26.10 -23.83
N GLN C 409 40.21 26.81 -23.89
CA GLN C 409 41.42 26.29 -24.54
C GLN C 409 41.94 25.08 -23.81
N VAL C 410 41.83 25.08 -22.48
CA VAL C 410 42.22 23.93 -21.68
C VAL C 410 41.06 22.96 -21.41
N LYS C 411 39.92 23.16 -22.07
CA LYS C 411 38.88 22.14 -22.03
C LYS C 411 38.10 21.98 -20.71
N GLN C 412 37.96 23.06 -19.97
CA GLN C 412 37.08 23.07 -18.82
C GLN C 412 36.08 24.19 -18.99
N HIS C 413 34.87 23.95 -18.54
CA HIS C 413 33.79 24.89 -18.71
C HIS C 413 33.37 25.67 -17.47
N TYR C 414 33.40 25.00 -16.33
CA TYR C 414 32.85 25.53 -15.11
C TYR C 414 33.86 25.36 -14.02
N GLY C 415 33.77 26.19 -12.99
CA GLY C 415 34.65 26.10 -11.84
C GLY C 415 35.96 26.91 -11.93
N PHE C 416 37.07 26.17 -11.77
CA PHE C 416 38.33 26.76 -11.33
C PHE C 416 39.48 26.18 -12.12
N VAL C 417 40.45 27.01 -12.46
CA VAL C 417 41.65 26.58 -13.15
C VAL C 417 42.81 27.27 -12.47
N LEU C 418 43.91 26.55 -12.27
CA LEU C 418 45.07 27.16 -11.62
C LEU C 418 46.05 27.57 -12.68
N TYR C 419 46.47 28.82 -12.66
CA TYR C 419 47.52 29.26 -13.54
C TYR C 419 48.80 29.49 -12.72
N ARG C 420 49.87 28.78 -13.06
CA ARG C 420 51.12 28.93 -12.31
C ARG C 420 52.22 29.47 -13.22
N THR C 421 53.03 30.36 -12.65
CA THR C 421 54.30 30.70 -13.27
C THR C 421 55.37 30.81 -12.16
N THR C 422 56.59 31.12 -12.55
CA THR C 422 57.66 31.37 -11.59
C THR C 422 58.09 32.85 -11.71
N LEU C 423 58.45 33.49 -10.58
CA LEU C 423 58.81 34.93 -10.55
C LEU C 423 60.14 35.25 -11.28
N PRO C 424 60.13 36.17 -12.27
CA PRO C 424 61.35 36.37 -13.04
C PRO C 424 62.29 37.34 -12.35
N GLN C 425 61.88 37.88 -11.22
CA GLN C 425 62.58 38.98 -10.59
C GLN C 425 62.27 38.97 -9.12
N ASP C 426 63.22 39.44 -8.32
CA ASP C 426 62.98 39.56 -6.89
C ASP C 426 62.00 40.71 -6.63
N CYS C 427 61.13 40.49 -5.64
CA CYS C 427 60.06 41.41 -5.27
C CYS C 427 60.01 41.50 -3.75
N SER C 428 61.15 41.67 -3.09
CA SER C 428 61.12 41.91 -1.66
C SER C 428 60.40 43.24 -1.40
N ASN C 429 60.47 44.12 -2.39
CA ASN C 429 59.63 45.32 -2.44
C ASN C 429 58.38 45.02 -3.26
N PRO C 430 57.24 45.59 -2.87
CA PRO C 430 56.00 45.45 -3.63
C PRO C 430 56.15 45.58 -5.17
N ALA C 431 55.55 44.64 -5.90
CA ALA C 431 55.50 44.63 -7.37
C ALA C 431 54.05 44.59 -7.89
N PRO C 432 53.70 45.50 -8.84
CA PRO C 432 52.35 45.46 -9.40
C PRO C 432 52.19 44.25 -10.30
N LEU C 433 51.30 43.35 -9.89
CA LEU C 433 50.82 42.29 -10.74
C LEU C 433 49.56 42.84 -11.28
N SER C 434 49.39 42.77 -12.60
CA SER C 434 48.23 43.36 -13.20
C SER C 434 47.75 42.68 -14.47
N SER C 435 46.51 42.98 -14.84
CA SER C 435 45.95 42.53 -16.12
C SER C 435 45.50 43.80 -16.86
N PRO C 436 46.46 44.53 -17.46
CA PRO C 436 46.17 45.87 -17.98
C PRO C 436 44.89 45.95 -18.80
N LEU C 437 44.60 44.92 -19.60
CA LEU C 437 43.33 44.87 -20.38
C LEU C 437 42.17 44.20 -19.65
N ASN C 438 42.20 44.25 -18.31
CA ASN C 438 41.07 43.76 -17.53
C ASN C 438 40.68 42.33 -17.92
N GLY C 439 41.66 41.45 -18.05
CA GLY C 439 41.50 40.05 -18.51
C GLY C 439 41.59 38.90 -17.50
N VAL C 440 41.45 39.22 -16.21
CA VAL C 440 41.08 38.20 -15.20
C VAL C 440 39.54 37.94 -15.21
N HIS C 441 39.12 36.80 -15.77
CA HIS C 441 37.70 36.52 -15.96
C HIS C 441 37.33 35.24 -15.19
N ASP C 442 36.80 35.37 -13.96
CA ASP C 442 36.28 36.60 -13.33
C ASP C 442 36.93 37.04 -12.01
N ARG C 443 37.70 36.17 -11.39
CA ARG C 443 38.22 36.43 -10.07
C ARG C 443 39.40 35.47 -9.88
N ALA C 444 40.47 36.01 -9.35
CA ALA C 444 41.73 35.30 -9.19
C ALA C 444 42.18 35.41 -7.76
N TYR C 445 42.52 34.29 -7.15
CA TYR C 445 43.02 34.26 -5.76
C TYR C 445 44.50 34.04 -5.85
N VAL C 446 45.29 35.00 -5.39
CA VAL C 446 46.70 34.98 -5.75
C VAL C 446 47.53 34.56 -4.56
N ALA C 447 48.59 33.81 -4.80
CA ALA C 447 49.47 33.40 -3.76
C ALA C 447 50.88 33.29 -4.33
N VAL C 448 51.87 33.60 -3.49
CA VAL C 448 53.27 33.51 -3.93
C VAL C 448 54.01 32.67 -2.89
N ASP C 449 54.69 31.61 -3.36
CA ASP C 449 55.28 30.60 -2.50
C ASP C 449 54.38 30.34 -1.31
N GLY C 450 53.13 29.97 -1.58
CA GLY C 450 52.22 29.58 -0.54
C GLY C 450 51.68 30.70 0.33
N ILE C 451 52.03 31.93 0.03
CA ILE C 451 51.57 33.06 0.82
C ILE C 451 50.50 33.79 0.00
N PRO C 452 49.27 33.89 0.53
CA PRO C 452 48.23 34.61 -0.21
C PRO C 452 48.54 36.10 -0.30
N GLN C 453 48.24 36.70 -1.45
CA GLN C 453 48.49 38.12 -1.70
C GLN C 453 47.21 38.97 -1.79
N GLY C 454 46.04 38.33 -1.85
CA GLY C 454 44.78 39.02 -2.14
C GLY C 454 44.11 38.49 -3.41
N VAL C 455 43.38 39.39 -4.07
CA VAL C 455 42.43 39.04 -5.11
C VAL C 455 42.40 40.09 -6.25
N LEU C 456 42.50 39.63 -7.50
CA LEU C 456 42.18 40.46 -8.66
C LEU C 456 40.78 40.13 -9.07
N GLU C 457 40.02 41.15 -9.53
CA GLU C 457 38.61 41.01 -9.82
C GLU C 457 38.23 41.69 -11.16
N ARG C 458 37.49 40.97 -11.99
CA ARG C 458 36.95 41.51 -13.23
C ARG C 458 36.30 42.91 -13.01
N ASN C 459 36.66 43.89 -13.81
CA ASN C 459 36.12 45.25 -13.76
C ASN C 459 36.32 45.99 -12.46
N ASN C 460 37.31 45.62 -11.65
CA ASN C 460 37.36 46.14 -10.29
C ASN C 460 38.71 46.29 -9.64
N VAL C 461 39.55 45.27 -9.77
CA VAL C 461 40.85 45.28 -9.14
C VAL C 461 41.70 44.60 -10.17
N ILE C 462 42.39 45.38 -10.98
CA ILE C 462 43.21 44.81 -12.04
C ILE C 462 44.68 44.91 -11.72
N THR C 463 45.00 45.53 -10.59
CA THR C 463 46.35 45.52 -10.07
C THR C 463 46.41 45.14 -8.58
N LEU C 464 47.44 44.38 -8.24
CA LEU C 464 47.60 43.87 -6.91
C LEU C 464 49.08 43.78 -6.63
N ASN C 465 49.53 44.36 -5.53
CA ASN C 465 50.92 44.23 -5.14
C ASN C 465 51.27 42.84 -4.67
N ILE C 466 52.45 42.37 -5.03
CA ILE C 466 52.89 41.08 -4.58
C ILE C 466 54.30 41.17 -4.07
N THR C 467 54.70 40.22 -3.24
CA THR C 467 56.08 40.19 -2.80
C THR C 467 56.51 38.75 -2.74
N GLY C 468 57.81 38.52 -2.87
CA GLY C 468 58.37 37.17 -2.96
C GLY C 468 59.72 37.14 -3.68
N LYS C 469 60.50 36.10 -3.40
CA LYS C 469 61.82 35.90 -4.02
C LYS C 469 61.74 35.63 -5.51
N ALA C 470 62.85 35.87 -6.20
CA ALA C 470 62.96 35.50 -7.62
C ALA C 470 62.86 33.98 -7.75
N GLY C 471 62.11 33.53 -8.73
CA GLY C 471 61.95 32.09 -8.92
C GLY C 471 60.89 31.45 -8.06
N ALA C 472 60.32 32.20 -7.12
CA ALA C 472 59.18 31.72 -6.34
C ALA C 472 58.00 31.48 -7.24
N THR C 473 57.15 30.58 -6.79
CA THR C 473 55.95 30.25 -7.51
C THR C 473 54.90 31.35 -7.39
N LEU C 474 54.45 31.87 -8.52
CA LEU C 474 53.20 32.67 -8.57
C LEU C 474 52.01 31.76 -8.96
N ASP C 475 50.97 31.75 -8.12
CA ASP C 475 49.73 30.97 -8.36
C ASP C 475 48.51 31.89 -8.48
N LEU C 476 47.79 31.78 -9.57
CA LEU C 476 46.46 32.40 -9.67
C LEU C 476 45.39 31.33 -9.83
N LEU C 477 44.58 31.14 -8.82
CA LEU C 477 43.41 30.25 -8.93
C LEU C 477 42.28 31.11 -9.50
N VAL C 478 41.86 30.87 -10.73
CA VAL C 478 40.83 31.70 -11.35
C VAL C 478 39.47 30.96 -11.38
N GLU C 479 38.43 31.69 -10.99
CA GLU C 479 37.05 31.18 -10.92
C GLU C 479 36.24 31.68 -12.11
N ASN C 480 35.62 30.75 -12.84
CA ASN C 480 34.48 31.12 -13.64
C ASN C 480 33.24 31.44 -12.77
N MET C 481 32.96 32.73 -12.56
CA MET C 481 31.74 33.17 -11.81
C MET C 481 30.40 33.07 -12.53
N GLY C 482 30.40 32.62 -13.78
CA GLY C 482 29.19 32.44 -14.55
C GLY C 482 29.24 33.28 -15.83
N ARG C 483 29.04 32.62 -16.94
CA ARG C 483 29.01 33.27 -18.21
C ARG C 483 27.77 34.12 -18.35
N VAL C 484 28.04 35.39 -18.59
CA VAL C 484 27.01 36.36 -18.98
C VAL C 484 25.93 35.70 -19.86
N ASN C 485 24.66 35.89 -19.49
CA ASN C 485 23.51 35.28 -20.21
C ASN C 485 22.66 36.28 -21.01
N TYR C 486 23.02 37.55 -21.01
CA TYR C 486 22.25 38.62 -21.75
C TYR C 486 23.17 39.77 -22.21
N GLY C 487 22.86 40.31 -23.38
CA GLY C 487 23.67 41.36 -23.94
C GLY C 487 24.55 40.81 -25.04
N ALA C 488 25.41 41.68 -25.55
CA ALA C 488 26.29 41.36 -26.66
C ALA C 488 27.41 40.42 -26.20
N TYR C 489 27.77 40.47 -24.92
CA TYR C 489 28.99 39.82 -24.41
C TYR C 489 28.76 38.46 -23.78
N ILE C 490 27.84 37.69 -24.38
CA ILE C 490 27.57 36.28 -24.03
C ILE C 490 28.66 35.26 -24.49
N ASN C 491 29.56 35.68 -25.39
CA ASN C 491 30.75 34.88 -25.79
C ASN C 491 31.88 34.99 -24.76
N ASP C 492 31.57 34.56 -23.55
CA ASP C 492 32.34 34.92 -22.34
C ASP C 492 33.26 33.75 -22.10
N PHE C 493 34.54 33.89 -22.46
CA PHE C 493 35.50 32.76 -22.49
C PHE C 493 35.90 32.22 -21.11
N LYS C 494 36.28 33.14 -20.23
CA LYS C 494 36.78 32.81 -18.90
C LYS C 494 38.23 32.32 -18.80
N GLY C 495 38.81 32.63 -17.64
CA GLY C 495 40.22 32.36 -17.33
C GLY C 495 41.02 33.64 -17.44
N LEU C 496 42.32 33.50 -17.67
CA LEU C 496 43.17 34.65 -18.00
C LEU C 496 43.01 34.80 -19.47
N VAL C 497 42.13 35.69 -19.90
CA VAL C 497 41.82 35.85 -21.33
C VAL C 497 42.73 36.83 -22.01
N SER C 498 43.58 37.52 -21.22
CA SER C 498 44.71 38.32 -21.72
C SER C 498 45.87 38.23 -20.72
N ASN C 499 47.00 38.81 -21.15
CA ASN C 499 48.27 38.74 -20.41
C ASN C 499 48.22 39.38 -19.02
N LEU C 500 49.11 38.91 -18.14
CA LEU C 500 49.41 39.64 -16.91
C LEU C 500 50.78 40.29 -17.05
N THR C 501 51.01 41.37 -16.32
CA THR C 501 52.33 41.96 -16.26
C THR C 501 52.81 42.01 -14.80
N LEU C 502 54.02 41.56 -14.56
CA LEU C 502 54.71 41.86 -13.32
C LEU C 502 55.68 43.03 -13.55
N SER C 503 55.49 44.11 -12.81
CA SER C 503 56.26 45.34 -12.98
C SER C 503 56.35 45.69 -14.46
N SER C 504 55.20 45.98 -15.04
CA SER C 504 55.05 46.37 -16.45
C SER C 504 55.49 45.33 -17.49
N ASN C 505 56.11 44.23 -17.06
CA ASN C 505 56.63 43.24 -17.97
C ASN C 505 55.67 42.05 -18.06
N ILE C 506 55.19 41.75 -19.27
CA ILE C 506 54.42 40.57 -19.54
C ILE C 506 55.09 39.40 -18.85
N LEU C 507 54.35 38.67 -18.04
CA LEU C 507 54.86 37.42 -17.47
C LEU C 507 54.71 36.30 -18.48
N THR C 508 55.67 35.39 -18.54
CA THR C 508 55.60 34.31 -19.50
C THR C 508 55.86 32.96 -18.88
N ASP C 509 55.58 31.92 -19.67
CA ASP C 509 55.81 30.54 -19.30
C ASP C 509 54.88 30.12 -18.17
N TRP C 510 53.71 29.67 -18.59
CA TRP C 510 52.61 29.28 -17.71
C TRP C 510 52.46 27.79 -17.62
N THR C 511 52.11 27.35 -16.42
CA THR C 511 51.79 25.94 -16.15
C THR C 511 50.33 25.89 -15.67
N ILE C 512 49.44 25.43 -16.53
CA ILE C 512 48.01 25.65 -16.31
C ILE C 512 47.37 24.33 -15.94
N PHE C 513 46.72 24.28 -14.77
CA PHE C 513 46.07 23.06 -14.28
C PHE C 513 44.53 23.20 -14.32
N PRO C 514 43.85 22.56 -15.29
CA PRO C 514 42.40 22.43 -15.17
C PRO C 514 42.08 21.57 -13.96
N LEU C 515 41.07 21.94 -13.16
CA LEU C 515 40.77 21.28 -11.90
C LEU C 515 39.44 20.49 -11.93
N ASP C 516 39.54 19.16 -11.77
CA ASP C 516 38.38 18.26 -11.64
C ASP C 516 37.84 18.23 -10.19
N THR C 517 37.35 19.40 -9.74
CA THR C 517 36.88 19.61 -8.37
C THR C 517 35.70 18.68 -8.05
N GLU C 518 34.84 18.42 -9.04
CA GLU C 518 33.64 17.60 -8.83
C GLU C 518 33.99 16.12 -8.63
N ASP C 519 34.78 15.55 -9.54
CA ASP C 519 35.42 14.24 -9.28
C ASP C 519 36.17 14.21 -7.93
N ALA C 520 37.02 15.19 -7.66
CA ALA C 520 37.88 15.15 -6.48
C ALA C 520 37.06 15.22 -5.21
N VAL C 521 35.99 16.01 -5.24
CA VAL C 521 35.16 16.07 -4.06
C VAL C 521 34.38 14.74 -3.90
N ARG C 522 34.00 14.15 -5.00
CA ARG C 522 33.27 12.92 -4.90
C ARG C 522 34.22 11.85 -4.36
N SER C 523 35.51 11.92 -4.66
CA SER C 523 36.41 10.93 -4.11
C SER C 523 37.02 11.32 -2.75
N HIS C 524 36.43 12.33 -2.10
CA HIS C 524 36.94 12.85 -0.84
C HIS C 524 38.40 13.27 -1.02
N LEU C 525 38.70 13.88 -2.16
CA LEU C 525 40.05 14.39 -2.48
C LEU C 525 41.19 13.37 -2.46
N GLY C 526 40.92 12.16 -2.94
CA GLY C 526 41.88 11.05 -2.90
C GLY C 526 41.70 10.11 -1.72
N GLY C 527 40.58 10.25 -1.01
CA GLY C 527 40.13 9.25 -0.04
C GLY C 527 39.60 8.02 -0.76
N TRP C 528 38.69 8.25 -1.71
CA TRP C 528 38.30 7.22 -2.68
C TRP C 528 39.16 7.38 -3.98
N GLY C 529 38.99 6.50 -4.96
CA GLY C 529 39.65 6.64 -6.26
C GLY C 529 41.15 6.37 -6.28
N ASN C 546 42.99 40.45 4.95
CA ASN C 546 43.81 39.28 5.27
C ASN C 546 43.21 38.01 4.66
N TYR C 547 44.07 37.11 4.19
CA TYR C 547 43.62 35.95 3.42
C TYR C 547 44.24 34.67 3.89
N THR C 548 43.60 33.56 3.52
CA THR C 548 44.10 32.20 3.70
C THR C 548 44.16 31.52 2.32
N LEU C 549 44.97 30.48 2.18
CA LEU C 549 45.12 29.79 0.90
C LEU C 549 43.85 29.03 0.58
N PRO C 550 43.38 29.11 -0.67
CA PRO C 550 42.25 28.29 -1.09
C PRO C 550 42.44 26.83 -0.73
N ALA C 551 41.44 26.27 -0.05
CA ALA C 551 41.54 24.98 0.63
C ALA C 551 40.18 24.28 0.84
N PHE C 552 40.18 22.96 0.75
CA PHE C 552 39.03 22.12 0.99
C PHE C 552 38.97 21.83 2.47
N TYR C 553 37.80 22.04 3.05
CA TYR C 553 37.54 21.81 4.47
C TYR C 553 36.42 20.81 4.57
N MET C 554 36.54 19.84 5.47
CA MET C 554 35.62 18.74 5.54
C MET C 554 35.12 18.39 6.94
N GLY C 555 33.91 17.85 7.01
CA GLY C 555 33.26 17.44 8.27
C GLY C 555 32.01 16.61 7.97
N ASN C 556 31.48 15.94 8.98
CA ASN C 556 30.34 15.05 8.77
C ASN C 556 29.37 15.16 9.91
N PHE C 557 28.13 14.78 9.64
CA PHE C 557 27.11 14.72 10.65
C PHE C 557 26.17 13.56 10.28
N SER C 558 25.59 12.92 11.28
CA SER C 558 24.72 11.78 11.10
C SER C 558 23.30 12.21 11.44
N ILE C 559 22.36 11.48 10.88
CA ILE C 559 20.93 11.68 11.06
C ILE C 559 20.37 10.33 11.43
N PRO C 560 19.52 10.26 12.47
CA PRO C 560 19.01 8.94 12.87
C PRO C 560 18.08 8.26 11.80
N SER C 561 18.27 6.96 11.63
CA SER C 561 17.36 6.15 10.85
C SER C 561 16.11 5.78 11.66
N GLY C 562 15.13 5.28 10.96
CA GLY C 562 13.89 4.89 11.58
C GLY C 562 13.05 6.03 12.12
N ILE C 563 13.40 7.28 11.80
CA ILE C 563 12.55 8.40 12.19
C ILE C 563 11.69 8.86 10.97
N PRO C 564 10.36 8.74 11.04
CA PRO C 564 9.56 8.99 9.87
C PRO C 564 9.66 10.36 9.26
N ASP C 565 10.01 11.37 10.06
CA ASP C 565 10.02 12.74 9.59
C ASP C 565 11.47 13.31 9.49
N LEU C 566 12.47 12.41 9.28
CA LEU C 566 13.85 12.80 9.00
C LEU C 566 14.38 11.81 7.95
N PRO C 567 15.28 12.30 7.06
CA PRO C 567 15.79 13.68 7.12
C PRO C 567 14.78 14.74 6.65
N GLN C 568 15.04 16.01 7.01
CA GLN C 568 14.27 17.11 6.47
C GLN C 568 15.19 18.06 5.72
N ASP C 569 14.56 18.84 4.84
CA ASP C 569 15.15 19.95 4.14
C ASP C 569 15.79 20.89 5.12
N THR C 570 16.80 21.63 4.67
CA THR C 570 17.45 22.56 5.57
C THR C 570 18.15 23.68 4.80
N PHE C 571 18.73 24.63 5.53
CA PHE C 571 19.52 25.70 4.98
C PHE C 571 20.86 25.85 5.67
N ILE C 572 21.93 25.83 4.85
CA ILE C 572 23.32 25.90 5.33
C ILE C 572 23.84 27.34 5.25
N GLN C 573 24.54 27.70 6.30
CA GLN C 573 25.00 29.05 6.61
C GLN C 573 26.47 28.98 6.98
N PHE C 574 27.23 30.03 6.68
CA PHE C 574 28.66 30.01 6.83
C PHE C 574 29.23 31.22 7.56
N PRO C 575 28.73 31.52 8.78
CA PRO C 575 29.22 32.66 9.53
C PRO C 575 30.72 32.52 9.80
N GLY C 576 31.49 33.58 9.49
CA GLY C 576 32.95 33.56 9.62
C GLY C 576 33.70 33.22 8.34
N TRP C 577 33.04 32.55 7.41
CA TRP C 577 33.64 32.23 6.12
C TRP C 577 33.54 33.43 5.22
N THR C 578 34.02 33.31 3.98
CA THR C 578 34.05 34.49 3.12
C THR C 578 33.44 34.25 1.76
N LYS C 579 34.08 33.36 1.00
CA LYS C 579 33.65 33.05 -0.36
C LYS C 579 34.05 31.65 -0.70
N GLY C 580 33.09 30.85 -1.16
CA GLY C 580 33.40 29.60 -1.78
C GLY C 580 32.25 28.79 -2.32
N GLN C 581 32.55 27.48 -2.48
CA GLN C 581 31.69 26.47 -3.11
C GLN C 581 31.45 25.38 -2.05
N VAL C 582 30.26 24.80 -2.05
CA VAL C 582 29.93 23.82 -1.02
C VAL C 582 29.31 22.58 -1.59
N TRP C 583 29.73 21.45 -1.06
CA TRP C 583 29.12 20.16 -1.44
C TRP C 583 28.63 19.37 -0.21
N ILE C 584 27.57 18.62 -0.39
CA ILE C 584 27.16 17.71 0.67
C ILE C 584 26.95 16.35 0.02
N ASN C 585 27.65 15.35 0.53
CA ASN C 585 27.64 14.02 -0.07
C ASN C 585 28.03 14.03 -1.57
N GLY C 586 28.94 14.90 -1.97
CA GLY C 586 29.31 15.02 -3.36
C GLY C 586 28.39 15.88 -4.23
N PHE C 587 27.24 16.28 -3.73
CA PHE C 587 26.34 17.20 -4.48
C PHE C 587 26.72 18.65 -4.25
N ASN C 588 26.91 19.34 -5.34
CA ASN C 588 27.41 20.70 -5.33
C ASN C 588 26.24 21.60 -5.23
N LEU C 589 26.09 22.23 -4.07
CA LEU C 589 24.89 23.02 -3.72
C LEU C 589 25.01 24.43 -4.21
N GLY C 590 26.22 24.78 -4.65
CA GLY C 590 26.47 26.14 -5.17
C GLY C 590 27.49 26.98 -4.44
N ARG C 591 27.41 28.28 -4.73
CA ARG C 591 28.34 29.29 -4.21
C ARG C 591 27.78 29.99 -2.99
N TYR C 592 28.63 30.13 -1.98
CA TYR C 592 28.30 30.89 -0.82
C TYR C 592 29.18 32.14 -0.88
N TRP C 593 28.62 33.27 -0.47
CA TRP C 593 29.39 34.50 -0.39
C TRP C 593 28.79 35.39 0.67
N PRO C 594 28.91 35.00 1.95
CA PRO C 594 28.37 35.87 3.01
C PRO C 594 29.03 37.25 3.09
N ALA C 595 30.25 37.39 2.62
CA ALA C 595 30.90 38.67 2.65
C ALA C 595 30.21 39.69 1.76
N ARG C 596 29.50 39.27 0.71
CA ARG C 596 28.77 40.25 -0.14
C ARG C 596 27.25 40.19 0.06
N GLY C 597 26.64 38.98 0.10
CA GLY C 597 25.20 38.88 0.23
C GLY C 597 24.60 39.28 -1.12
N PRO C 598 23.26 39.41 -1.19
CA PRO C 598 22.26 39.38 -0.12
C PRO C 598 21.93 37.98 0.43
N GLN C 599 22.30 36.94 -0.31
CA GLN C 599 22.07 35.57 0.06
C GLN C 599 23.12 35.11 1.10
N LEU C 600 22.67 34.66 2.28
CA LEU C 600 23.54 34.12 3.29
C LEU C 600 23.43 32.59 3.39
N THR C 601 22.22 32.04 3.26
CA THR C 601 21.95 30.65 3.39
C THR C 601 21.79 30.03 2.02
N LEU C 602 22.24 28.79 1.88
CA LEU C 602 21.96 27.92 0.69
C LEU C 602 21.00 26.79 1.05
N PHE C 603 20.08 26.52 0.13
CA PHE C 603 19.06 25.47 0.26
C PHE C 603 19.65 24.07 0.16
N VAL C 604 19.27 23.19 1.10
CA VAL C 604 19.65 21.78 1.10
C VAL C 604 18.42 20.89 1.06
N PRO C 605 18.16 20.29 -0.11
CA PRO C 605 17.04 19.42 -0.27
C PRO C 605 17.36 18.09 0.43
N GLN C 606 16.37 17.49 1.10
CA GLN C 606 16.57 16.32 2.02
C GLN C 606 16.94 15.01 1.35
N HIS C 607 16.61 14.90 0.08
CA HIS C 607 16.80 13.61 -0.59
C HIS C 607 18.27 13.30 -0.77
N ILE C 608 19.15 14.29 -0.65
CA ILE C 608 20.56 13.99 -0.77
C ILE C 608 21.17 13.60 0.57
N LEU C 609 20.39 13.75 1.66
CA LEU C 609 20.81 13.47 3.03
C LEU C 609 20.50 12.04 3.40
N MET C 610 21.36 11.44 4.18
CA MET C 610 21.21 10.01 4.40
C MET C 610 21.29 9.67 5.87
N THR C 611 20.74 8.50 6.22
CA THR C 611 20.71 8.03 7.59
C THR C 611 21.48 6.72 7.81
N SER C 612 21.86 6.08 6.74
CA SER C 612 22.54 4.80 6.77
C SER C 612 24.05 4.96 7.03
N ALA C 613 24.59 6.14 6.72
CA ALA C 613 25.99 6.46 6.94
C ALA C 613 26.13 7.97 7.19
N PRO C 614 27.29 8.43 7.67
CA PRO C 614 27.45 9.86 7.92
C PRO C 614 27.35 10.71 6.66
N ASN C 615 26.79 11.90 6.81
CA ASN C 615 26.75 12.90 5.75
C ASN C 615 27.98 13.74 5.71
N THR C 616 28.58 13.87 4.53
CA THR C 616 29.84 14.59 4.37
C THR C 616 29.64 15.98 3.75
N ILE C 617 30.03 17.01 4.49
CA ILE C 617 30.09 18.38 3.98
C ILE C 617 31.50 18.66 3.48
N THR C 618 31.63 19.19 2.27
CA THR C 618 32.88 19.75 1.81
C THR C 618 32.68 21.19 1.39
N VAL C 619 33.61 22.03 1.84
CA VAL C 619 33.59 23.44 1.59
C VAL C 619 34.95 23.77 0.99
N LEU C 620 34.93 24.42 -0.17
CA LEU C 620 36.15 25.03 -0.75
C LEU C 620 36.11 26.55 -0.50
N GLU C 621 36.89 27.01 0.48
CA GLU C 621 37.02 28.42 0.82
C GLU C 621 38.17 29.07 0.08
N LEU C 622 37.87 30.18 -0.61
CA LEU C 622 38.77 30.81 -1.58
C LEU C 622 39.52 32.04 -1.06
N GLU C 623 38.98 32.69 -0.04
CA GLU C 623 39.54 33.95 0.43
C GLU C 623 40.04 33.96 1.90
N TRP C 624 39.17 33.53 2.82
CA TRP C 624 39.46 33.51 4.26
C TRP C 624 38.53 32.57 5.03
N ALA C 625 39.14 31.61 5.71
CA ALA C 625 38.43 30.59 6.49
C ALA C 625 38.66 30.88 7.95
N PRO C 626 37.65 30.71 8.80
CA PRO C 626 37.71 30.93 10.25
C PRO C 626 38.26 29.70 11.02
N CYS C 627 39.45 29.28 10.65
CA CYS C 627 39.93 27.96 11.01
C CYS C 627 41.35 27.95 11.56
N SER C 628 41.95 29.13 11.79
CA SER C 628 43.32 29.20 12.29
C SER C 628 43.44 29.27 13.79
N SER C 629 42.35 29.47 14.54
CA SER C 629 42.46 29.49 15.98
C SER C 629 42.37 28.05 16.49
N ASP C 630 42.60 27.88 17.78
CA ASP C 630 42.40 26.59 18.46
C ASP C 630 40.95 26.31 18.91
N ASP C 631 39.99 27.16 18.57
CA ASP C 631 38.59 26.96 18.93
C ASP C 631 37.94 26.27 17.73
N PRO C 632 37.74 24.94 17.82
CA PRO C 632 37.23 24.17 16.69
C PRO C 632 35.81 24.62 16.28
N GLU C 633 35.07 25.13 17.26
CA GLU C 633 33.72 25.67 17.08
C GLU C 633 33.64 26.75 16.00
N LEU C 634 34.73 27.47 15.79
CA LEU C 634 34.76 28.53 14.78
C LEU C 634 34.92 27.94 13.37
N CYS C 635 35.71 26.87 13.21
CA CYS C 635 35.82 26.20 11.93
C CYS C 635 34.64 25.22 11.76
N ALA C 636 33.51 25.80 11.32
CA ALA C 636 32.23 25.13 11.32
C ALA C 636 31.15 25.88 10.45
N VAL C 637 30.18 25.13 9.99
CA VAL C 637 29.04 25.70 9.30
C VAL C 637 27.81 25.39 10.16
N THR C 638 26.72 26.07 9.89
CA THR C 638 25.52 25.90 10.66
C THR C 638 24.31 25.68 9.75
N PHE C 639 23.49 24.70 10.17
CA PHE C 639 22.18 24.41 9.59
C PHE C 639 21.01 25.03 10.39
N VAL C 640 20.25 25.90 9.71
CA VAL C 640 19.12 26.61 10.27
C VAL C 640 17.81 26.19 9.57
N ASP C 641 16.68 26.56 10.16
CA ASP C 641 15.37 26.14 9.62
C ASP C 641 14.59 27.18 8.77
N ARG C 642 15.25 28.33 8.52
CA ARG C 642 14.70 29.48 7.73
C ARG C 642 15.76 30.06 6.81
N PRO C 643 15.38 30.38 5.57
CA PRO C 643 16.35 31.01 4.68
C PRO C 643 16.68 32.46 5.05
N VAL C 644 17.89 32.93 4.68
CA VAL C 644 18.29 34.32 4.71
C VAL C 644 18.85 34.59 3.31
N ILE C 645 17.97 35.06 2.41
CA ILE C 645 18.36 35.48 1.05
C ILE C 645 18.25 36.98 0.78
N GLY C 646 18.04 37.75 1.84
CA GLY C 646 17.73 39.16 1.74
C GLY C 646 18.45 39.98 2.79
N SER C 647 19.71 39.63 3.07
CA SER C 647 20.45 40.43 4.01
C SER C 647 20.86 41.76 3.39
N SER C 648 21.09 42.74 4.24
CA SER C 648 21.44 44.09 3.82
C SER C 648 22.46 44.13 2.69
N GLN D 30 -17.38 25.07 -18.52
CA GLN D 30 -18.58 24.19 -18.54
C GLN D 30 -18.64 23.20 -19.74
N ARG D 31 -19.28 22.04 -19.49
CA ARG D 31 -19.41 20.97 -20.49
C ARG D 31 -20.75 20.99 -21.19
N MET D 32 -20.75 20.51 -22.42
CA MET D 32 -21.90 20.58 -23.30
C MET D 32 -22.07 19.22 -23.97
N PHE D 33 -23.28 18.70 -23.97
CA PHE D 33 -23.61 17.56 -24.81
C PHE D 33 -24.91 17.90 -25.50
N GLU D 34 -25.00 17.66 -26.80
CA GLU D 34 -26.18 18.07 -27.52
C GLU D 34 -26.27 17.33 -28.84
N ILE D 35 -27.46 17.35 -29.43
CA ILE D 35 -27.67 16.86 -30.79
C ILE D 35 -27.47 18.07 -31.70
N ASP D 36 -26.58 17.94 -32.67
CA ASP D 36 -26.56 18.95 -33.73
C ASP D 36 -27.31 18.39 -34.93
N TYR D 37 -28.51 18.91 -35.15
CA TYR D 37 -29.38 18.40 -36.20
C TYR D 37 -28.81 18.76 -37.58
N SER D 38 -28.24 19.96 -37.70
CA SER D 38 -27.52 20.39 -38.90
C SER D 38 -26.56 19.33 -39.41
N ARG D 39 -25.96 18.58 -38.49
CA ARG D 39 -24.79 17.77 -38.84
C ARG D 39 -24.99 16.28 -38.67
N ASP D 40 -26.20 15.91 -38.26
CA ASP D 40 -26.58 14.54 -38.02
C ASP D 40 -25.70 13.87 -36.98
N SER D 41 -25.44 14.61 -35.92
CA SER D 41 -24.50 14.10 -34.94
C SER D 41 -24.71 14.69 -33.55
N PHE D 42 -24.18 13.95 -32.59
CA PHE D 42 -24.00 14.44 -31.25
C PHE D 42 -22.80 15.34 -31.31
N LEU D 43 -22.77 16.33 -30.43
CA LEU D 43 -21.61 17.14 -30.22
C LEU D 43 -21.32 17.13 -28.75
N LYS D 44 -20.11 16.72 -28.40
CA LYS D 44 -19.68 16.76 -27.02
C LYS D 44 -18.59 17.80 -26.89
N ASP D 45 -18.83 18.78 -26.02
CA ASP D 45 -18.02 19.94 -25.93
C ASP D 45 -17.77 20.61 -27.30
N GLY D 46 -18.80 20.60 -28.15
CA GLY D 46 -18.75 21.20 -29.50
C GLY D 46 -18.06 20.36 -30.56
N GLN D 47 -17.66 19.14 -30.22
CA GLN D 47 -16.98 18.22 -31.16
C GLN D 47 -17.86 17.06 -31.53
N PRO D 48 -17.78 16.58 -32.80
CA PRO D 48 -18.55 15.41 -33.16
C PRO D 48 -18.28 14.26 -32.24
N PHE D 49 -19.31 13.46 -31.92
CA PHE D 49 -19.21 12.38 -30.95
C PHE D 49 -20.09 11.22 -31.41
N ARG D 50 -19.60 9.99 -31.31
CA ARG D 50 -20.54 8.91 -31.25
C ARG D 50 -20.14 7.95 -30.18
N TYR D 51 -21.12 7.18 -29.75
CA TYR D 51 -20.86 6.26 -28.67
C TYR D 51 -21.04 4.87 -29.14
N THR D 52 -20.29 4.00 -28.49
CA THR D 52 -20.32 2.62 -28.63
C THR D 52 -20.43 2.18 -27.17
N SER D 53 -21.62 1.65 -26.83
CA SER D 53 -22.02 1.38 -25.47
C SER D 53 -22.39 -0.09 -25.29
N GLY D 54 -22.35 -0.55 -24.05
CA GLY D 54 -22.80 -1.91 -23.68
C GLY D 54 -23.72 -1.67 -22.49
N SER D 55 -24.81 -2.42 -22.42
CA SER D 55 -25.71 -2.42 -21.33
C SER D 55 -25.12 -3.21 -20.17
N ILE D 56 -25.22 -2.66 -18.96
CA ILE D 56 -24.92 -3.34 -17.72
C ILE D 56 -25.95 -2.83 -16.71
N HIS D 57 -26.62 -3.78 -16.07
CA HIS D 57 -27.62 -3.51 -15.07
C HIS D 57 -27.02 -3.75 -13.69
N TYR D 58 -26.93 -2.65 -12.94
CA TYR D 58 -26.21 -2.64 -11.68
C TYR D 58 -26.96 -3.51 -10.72
N SER D 59 -28.26 -3.64 -10.95
CA SER D 59 -29.14 -4.47 -10.11
C SER D 59 -28.96 -5.95 -10.22
N ARG D 60 -28.19 -6.39 -11.20
CA ARG D 60 -28.00 -7.81 -11.60
C ARG D 60 -26.54 -8.26 -11.40
N VAL D 61 -25.68 -7.34 -10.91
CA VAL D 61 -24.26 -7.59 -10.67
C VAL D 61 -24.00 -7.14 -9.24
N PRO D 62 -23.46 -8.00 -8.35
CA PRO D 62 -23.12 -7.46 -7.03
C PRO D 62 -22.18 -6.27 -7.16
N ARG D 63 -22.35 -5.30 -6.28
CA ARG D 63 -21.49 -4.16 -6.25
C ARG D 63 -20.04 -4.54 -6.08
N PHE D 64 -19.76 -5.62 -5.36
CA PHE D 64 -18.40 -6.10 -5.21
C PHE D 64 -17.70 -6.26 -6.58
N TYR D 65 -18.45 -6.60 -7.62
CA TYR D 65 -17.94 -6.80 -8.96
C TYR D 65 -18.26 -5.64 -9.92
N TRP D 66 -18.82 -4.53 -9.46
CA TRP D 66 -19.16 -3.44 -10.41
C TRP D 66 -17.93 -2.91 -11.18
N LYS D 67 -16.83 -2.76 -10.46
CA LYS D 67 -15.67 -2.19 -11.09
C LYS D 67 -15.10 -3.22 -12.05
N ASP D 68 -15.02 -4.48 -11.62
CA ASP D 68 -14.55 -5.53 -12.55
C ASP D 68 -15.33 -5.43 -13.89
N ARG D 69 -16.64 -5.45 -13.85
CA ARG D 69 -17.39 -5.53 -15.10
C ARG D 69 -17.17 -4.27 -15.95
N LEU D 70 -17.18 -3.12 -15.30
CA LEU D 70 -17.03 -1.84 -15.98
C LEU D 70 -15.66 -1.61 -16.59
N LEU D 71 -14.59 -2.04 -15.92
CA LEU D 71 -13.26 -2.00 -16.51
C LEU D 71 -13.14 -3.07 -17.60
N LYS D 72 -13.71 -4.26 -17.47
CA LYS D 72 -13.70 -5.15 -18.68
C LYS D 72 -14.41 -4.43 -19.87
N MET D 73 -15.50 -3.72 -19.57
CA MET D 73 -16.28 -3.05 -20.65
C MET D 73 -15.42 -2.00 -21.34
N LYS D 74 -14.73 -1.18 -20.54
CA LYS D 74 -13.84 -0.16 -21.08
C LYS D 74 -12.71 -0.72 -21.94
N MET D 75 -12.12 -1.85 -21.49
CA MET D 75 -11.03 -2.48 -22.26
C MET D 75 -11.52 -3.15 -23.54
N ALA D 76 -12.81 -3.36 -23.63
CA ALA D 76 -13.42 -3.83 -24.86
C ALA D 76 -13.46 -2.70 -25.94
N GLY D 77 -13.27 -1.46 -25.51
CA GLY D 77 -13.35 -0.34 -26.44
C GLY D 77 -14.59 0.52 -26.33
N LEU D 78 -15.46 0.21 -25.36
CA LEU D 78 -16.67 1.03 -25.21
C LEU D 78 -16.32 2.39 -24.57
N ASN D 79 -16.94 3.49 -25.05
CA ASN D 79 -16.82 4.77 -24.45
C ASN D 79 -18.02 5.10 -23.61
N ALA D 80 -18.95 4.17 -23.54
CA ALA D 80 -20.10 4.41 -22.64
C ALA D 80 -20.75 3.13 -22.17
N ILE D 81 -21.53 3.25 -21.10
CA ILE D 81 -22.39 2.17 -20.71
C ILE D 81 -23.80 2.69 -20.67
N GLN D 82 -24.75 1.76 -20.73
CA GLN D 82 -26.17 2.05 -20.58
C GLN D 82 -26.79 1.21 -19.45
N THR D 83 -27.59 1.84 -18.59
CA THR D 83 -28.26 1.06 -17.55
C THR D 83 -29.75 1.41 -17.40
N TYR D 84 -30.50 0.49 -16.81
CA TYR D 84 -31.88 0.71 -16.37
C TYR D 84 -31.92 0.94 -14.91
N VAL D 85 -32.77 1.87 -14.49
CA VAL D 85 -33.02 2.07 -13.07
C VAL D 85 -34.33 1.43 -12.69
N PRO D 86 -34.31 0.26 -12.01
CA PRO D 86 -35.58 -0.41 -11.69
C PRO D 86 -36.23 0.16 -10.43
N TRP D 87 -37.39 0.77 -10.62
CA TRP D 87 -38.09 1.51 -9.56
C TRP D 87 -38.29 0.67 -8.32
N ASN D 88 -38.79 -0.53 -8.55
CA ASN D 88 -39.11 -1.44 -7.47
C ASN D 88 -37.91 -1.96 -6.73
N PHE D 89 -36.70 -1.86 -7.31
CA PHE D 89 -35.46 -2.22 -6.66
C PHE D 89 -35.12 -1.12 -5.63
N HIS D 90 -35.62 0.07 -5.88
CA HIS D 90 -35.32 1.22 -5.05
C HIS D 90 -36.44 1.73 -4.17
N GLU D 91 -37.69 1.34 -4.45
CA GLU D 91 -38.84 1.84 -3.69
C GLU D 91 -39.77 0.70 -3.42
N PRO D 92 -39.34 -0.17 -2.53
CA PRO D 92 -40.08 -1.41 -2.29
C PRO D 92 -41.47 -1.24 -1.64
N TRP D 93 -41.65 -0.20 -0.82
CA TRP D 93 -42.95 0.27 -0.31
C TRP D 93 -42.99 1.76 -0.45
N PRO D 94 -44.19 2.35 -0.45
CA PRO D 94 -44.19 3.78 -0.77
C PRO D 94 -43.44 4.64 0.29
N GLY D 95 -42.53 5.50 -0.17
CA GLY D 95 -41.67 6.28 0.71
C GLY D 95 -40.65 5.49 1.54
N GLN D 96 -40.33 4.26 1.18
CA GLN D 96 -39.21 3.55 1.78
C GLN D 96 -38.18 3.24 0.67
N TYR D 97 -37.01 3.87 0.75
CA TYR D 97 -36.05 3.86 -0.34
C TYR D 97 -34.82 3.05 0.01
N GLN D 98 -34.21 2.47 -1.03
CA GLN D 98 -32.94 1.76 -0.94
C GLN D 98 -31.97 2.31 -1.97
N PHE D 99 -30.97 3.06 -1.47
CA PHE D 99 -29.97 3.67 -2.35
C PHE D 99 -28.56 3.35 -1.85
N SER D 100 -28.43 2.36 -0.99
CA SER D 100 -27.14 1.99 -0.35
C SER D 100 -26.60 0.67 -0.84
N GLU D 101 -25.27 0.52 -0.81
CA GLU D 101 -24.67 -0.80 -1.01
C GLU D 101 -25.04 -1.27 -2.40
N ASP D 102 -25.71 -2.43 -2.56
CA ASP D 102 -25.92 -2.96 -3.88
C ASP D 102 -26.99 -2.14 -4.59
N HIS D 103 -27.63 -1.21 -3.88
CA HIS D 103 -28.74 -0.45 -4.43
C HIS D 103 -28.28 0.95 -4.76
N ASP D 104 -26.95 1.19 -4.67
CA ASP D 104 -26.41 2.55 -4.78
C ASP D 104 -26.14 3.01 -6.23
N VAL D 105 -27.22 3.34 -6.91
CA VAL D 105 -27.08 3.79 -8.29
C VAL D 105 -26.16 4.99 -8.46
N GLU D 106 -26.28 5.99 -7.60
CA GLU D 106 -25.41 7.15 -7.70
C GLU D 106 -23.93 6.72 -7.70
N TYR D 107 -23.57 5.82 -6.78
CA TYR D 107 -22.20 5.32 -6.72
C TYR D 107 -21.80 4.62 -8.02
N PHE D 108 -22.68 3.77 -8.53
CA PHE D 108 -22.39 3.06 -9.72
C PHE D 108 -22.08 4.03 -10.85
N LEU D 109 -22.87 5.11 -10.99
CA LEU D 109 -22.60 6.12 -12.02
C LEU D 109 -21.29 6.89 -11.78
N ARG D 110 -21.00 7.26 -10.54
CA ARG D 110 -19.68 7.89 -10.26
C ARG D 110 -18.56 6.95 -10.61
N LEU D 111 -18.77 5.65 -10.40
CA LEU D 111 -17.73 4.66 -10.76
C LEU D 111 -17.47 4.63 -12.26
N ALA D 112 -18.55 4.59 -13.04
CA ALA D 112 -18.41 4.60 -14.47
C ALA D 112 -17.64 5.83 -14.87
N HIS D 113 -17.91 6.94 -14.20
CA HIS D 113 -17.32 8.23 -14.55
C HIS D 113 -15.82 8.30 -14.23
N GLU D 114 -15.48 7.85 -13.03
CA GLU D 114 -14.12 7.60 -12.60
C GLU D 114 -13.31 6.80 -13.63
N LEU D 115 -13.92 5.79 -14.24
CA LEU D 115 -13.26 4.95 -15.23
C LEU D 115 -13.24 5.58 -16.64
N GLY D 116 -13.78 6.80 -16.75
CA GLY D 116 -13.80 7.50 -18.02
C GLY D 116 -14.92 7.07 -18.95
N LEU D 117 -15.99 6.50 -18.40
CA LEU D 117 -17.11 6.02 -19.20
C LEU D 117 -18.23 7.02 -19.09
N LEU D 118 -18.88 7.33 -20.22
CA LEU D 118 -20.09 8.15 -20.21
C LEU D 118 -21.27 7.21 -19.96
N VAL D 119 -22.41 7.74 -19.54
CA VAL D 119 -23.59 6.95 -19.25
C VAL D 119 -24.83 7.37 -20.06
N ILE D 120 -25.49 6.38 -20.66
CA ILE D 120 -26.86 6.49 -21.14
C ILE D 120 -27.83 5.96 -20.06
N LEU D 121 -28.54 6.85 -19.39
CA LEU D 121 -29.41 6.45 -18.27
C LEU D 121 -30.79 6.09 -18.71
N ARG D 122 -31.32 4.96 -18.26
CA ARG D 122 -32.73 4.64 -18.68
C ARG D 122 -33.60 4.42 -17.47
N PRO D 123 -34.20 5.50 -16.95
CA PRO D 123 -34.84 5.44 -15.60
C PRO D 123 -36.33 5.10 -15.65
N GLY D 124 -36.79 4.70 -16.82
CA GLY D 124 -38.10 4.19 -16.96
C GLY D 124 -39.18 5.25 -16.98
N PRO D 125 -40.19 5.12 -16.10
CA PRO D 125 -40.37 4.32 -14.89
C PRO D 125 -40.61 2.84 -15.14
N TYR D 126 -40.91 2.52 -16.37
CA TYR D 126 -41.08 1.13 -16.80
C TYR D 126 -39.91 0.85 -17.69
N ILE D 127 -39.19 -0.20 -17.35
CA ILE D 127 -37.97 -0.58 -18.05
C ILE D 127 -38.03 -1.93 -18.81
N CYS D 128 -39.09 -2.72 -18.65
CA CYS D 128 -39.23 -4.07 -19.28
C CYS D 128 -38.17 -5.08 -18.73
N ALA D 129 -37.11 -5.33 -19.48
CA ALA D 129 -35.84 -5.81 -18.95
C ALA D 129 -35.80 -7.23 -18.39
N GLU D 130 -36.79 -8.06 -18.75
CA GLU D 130 -36.93 -9.35 -18.15
C GLU D 130 -36.87 -9.25 -16.60
N TRP D 131 -37.51 -8.22 -16.05
CA TRP D 131 -37.44 -7.94 -14.61
C TRP D 131 -38.82 -7.76 -13.99
N GLU D 132 -38.97 -8.17 -12.73
CA GLU D 132 -40.26 -8.18 -12.03
C GLU D 132 -41.12 -7.01 -12.48
N MET D 133 -42.29 -7.30 -13.06
CA MET D 133 -43.24 -6.29 -13.55
C MET D 133 -42.59 -5.13 -14.28
N GLY D 134 -41.56 -5.40 -15.04
CA GLY D 134 -40.95 -4.35 -15.84
C GLY D 134 -40.44 -3.17 -15.03
N GLY D 135 -40.08 -3.45 -13.77
CA GLY D 135 -39.55 -2.46 -12.84
C GLY D 135 -40.60 -1.75 -11.98
N LEU D 136 -41.86 -1.91 -12.33
CA LEU D 136 -42.96 -1.20 -11.67
C LEU D 136 -43.25 -1.84 -10.31
N PRO D 137 -43.38 -1.02 -9.24
CA PRO D 137 -43.60 -1.64 -7.94
C PRO D 137 -44.98 -2.24 -7.86
N ALA D 138 -45.07 -3.33 -7.11
CA ALA D 138 -46.28 -4.15 -7.05
C ALA D 138 -47.31 -3.43 -6.24
N TRP D 139 -46.84 -2.62 -5.31
CA TRP D 139 -47.77 -1.86 -4.52
C TRP D 139 -48.62 -0.90 -5.36
N LEU D 140 -48.31 -0.65 -6.63
CA LEU D 140 -49.20 0.14 -7.48
C LEU D 140 -50.51 -0.59 -7.68
N LEU D 141 -50.44 -1.92 -7.60
CA LEU D 141 -51.61 -2.75 -7.77
C LEU D 141 -52.59 -2.77 -6.60
N GLU D 142 -52.34 -2.01 -5.54
CA GLU D 142 -53.30 -1.83 -4.47
C GLU D 142 -54.60 -1.22 -5.02
N LYS D 143 -54.44 -0.27 -5.96
CA LYS D 143 -55.53 0.11 -6.87
C LYS D 143 -55.70 -0.99 -7.96
N GLU D 144 -56.69 -1.86 -7.72
CA GLU D 144 -57.03 -2.99 -8.56
C GLU D 144 -57.16 -2.65 -10.06
N SER D 145 -57.78 -1.50 -10.33
CA SER D 145 -58.18 -1.09 -11.68
C SER D 145 -57.07 -0.27 -12.33
N ILE D 146 -55.89 -0.13 -11.69
CA ILE D 146 -54.90 0.85 -12.16
C ILE D 146 -54.58 0.50 -13.60
N LEU D 147 -54.40 1.50 -14.43
CA LEU D 147 -53.94 1.27 -15.79
C LEU D 147 -52.49 1.68 -15.79
N LEU D 148 -51.63 0.68 -15.78
CA LEU D 148 -50.21 0.88 -15.76
C LEU D 148 -49.78 1.51 -17.09
N ARG D 149 -48.78 2.39 -17.05
CA ARG D 149 -48.22 3.07 -18.24
C ARG D 149 -49.24 3.93 -19.06
N SER D 150 -49.97 4.78 -18.37
CA SER D 150 -50.99 5.63 -18.96
C SER D 150 -51.05 6.86 -18.07
N SER D 151 -51.96 7.76 -18.39
CA SER D 151 -52.22 8.94 -17.55
C SER D 151 -53.32 8.71 -16.47
N ASP D 152 -53.65 7.46 -16.18
CA ASP D 152 -54.31 7.10 -14.91
C ASP D 152 -53.73 8.01 -13.81
N PRO D 153 -54.54 8.89 -13.20
CA PRO D 153 -53.95 9.84 -12.26
C PRO D 153 -53.24 9.23 -11.05
N ASP D 154 -53.61 8.05 -10.61
CA ASP D 154 -52.95 7.45 -9.47
C ASP D 154 -51.56 6.89 -9.88
N TYR D 155 -51.47 6.30 -11.07
CA TYR D 155 -50.19 5.91 -11.65
C TYR D 155 -49.26 7.13 -11.79
N LEU D 156 -49.80 8.25 -12.26
CA LEU D 156 -49.00 9.42 -12.52
C LEU D 156 -48.48 10.04 -11.19
N ALA D 157 -49.37 10.16 -10.21
CA ALA D 157 -49.00 10.61 -8.88
C ALA D 157 -47.89 9.74 -8.26
N ALA D 158 -47.94 8.43 -8.43
CA ALA D 158 -46.86 7.57 -7.89
C ALA D 158 -45.56 7.82 -8.63
N VAL D 159 -45.66 7.83 -9.95
CA VAL D 159 -44.53 8.05 -10.81
C VAL D 159 -43.88 9.33 -10.45
N ASP D 160 -44.69 10.36 -10.36
CA ASP D 160 -44.20 11.72 -10.08
C ASP D 160 -43.49 11.82 -8.73
N LYS D 161 -43.95 11.12 -7.69
CA LYS D 161 -43.19 11.18 -6.43
C LYS D 161 -41.87 10.44 -6.61
N TRP D 162 -41.91 9.34 -7.34
CA TRP D 162 -40.69 8.61 -7.65
C TRP D 162 -39.69 9.50 -8.39
N LEU D 163 -40.15 10.24 -9.40
CA LEU D 163 -39.24 11.06 -10.17
C LEU D 163 -38.62 12.13 -9.35
N GLY D 164 -39.40 12.65 -8.37
CA GLY D 164 -38.98 13.72 -7.47
C GLY D 164 -37.97 13.26 -6.42
N VAL D 165 -37.76 11.97 -6.28
CA VAL D 165 -36.68 11.44 -5.44
C VAL D 165 -35.49 11.02 -6.29
N LEU D 166 -35.73 10.26 -7.36
CA LEU D 166 -34.70 9.85 -8.31
C LEU D 166 -33.95 10.95 -9.12
N LEU D 167 -34.67 11.79 -9.83
CA LEU D 167 -34.03 12.72 -10.78
C LEU D 167 -33.23 13.86 -10.12
N PRO D 168 -33.63 14.37 -8.95
CA PRO D 168 -32.72 15.26 -8.32
C PRO D 168 -31.40 14.55 -7.94
N LYS D 169 -31.43 13.23 -7.73
CA LYS D 169 -30.18 12.51 -7.55
C LYS D 169 -29.42 12.41 -8.88
N MET D 170 -30.12 12.25 -10.01
CA MET D 170 -29.44 12.13 -11.29
C MET D 170 -28.90 13.46 -11.80
N LYS D 171 -29.47 14.58 -11.34
CA LYS D 171 -29.09 15.91 -11.87
C LYS D 171 -27.59 16.23 -11.79
N PRO D 172 -27.00 16.12 -10.59
CA PRO D 172 -25.57 16.40 -10.54
C PRO D 172 -24.72 15.45 -11.40
N LEU D 173 -25.23 14.28 -11.75
CA LEU D 173 -24.52 13.31 -12.58
C LEU D 173 -24.67 13.49 -14.10
N LEU D 174 -25.45 14.47 -14.49
CA LEU D 174 -25.46 14.90 -15.87
C LEU D 174 -24.10 15.45 -16.31
N TYR D 175 -23.77 15.17 -17.58
CA TYR D 175 -22.55 15.66 -18.21
C TYR D 175 -22.36 17.17 -18.00
N GLN D 176 -23.44 17.94 -18.13
CA GLN D 176 -23.37 19.40 -18.12
C GLN D 176 -23.02 19.91 -16.74
N ASN D 177 -23.24 19.10 -15.71
CA ASN D 177 -22.87 19.45 -14.31
C ASN D 177 -21.68 18.64 -13.79
N GLY D 178 -20.93 18.02 -14.70
CA GLY D 178 -19.65 17.40 -14.36
C GLY D 178 -19.68 15.91 -14.12
N GLY D 179 -20.80 15.28 -14.46
CA GLY D 179 -21.01 13.85 -14.27
C GLY D 179 -20.98 13.15 -15.60
N PRO D 180 -21.34 11.84 -15.62
CA PRO D 180 -21.24 11.01 -16.82
C PRO D 180 -22.47 10.94 -17.72
N VAL D 181 -23.63 11.41 -17.28
CA VAL D 181 -24.87 11.06 -18.00
C VAL D 181 -25.06 12.00 -19.21
N ILE D 182 -25.05 11.42 -20.40
CA ILE D 182 -25.12 12.19 -21.62
C ILE D 182 -26.49 12.19 -22.27
N THR D 183 -27.20 11.06 -22.15
CA THR D 183 -28.57 10.96 -22.64
C THR D 183 -29.40 10.19 -21.65
N VAL D 184 -30.70 10.44 -21.71
CA VAL D 184 -31.67 9.87 -20.79
C VAL D 184 -32.88 9.41 -21.55
N GLN D 185 -33.21 8.13 -21.40
CA GLN D 185 -34.41 7.56 -22.03
C GLN D 185 -35.70 7.77 -21.20
N VAL D 186 -36.75 8.24 -21.90
CA VAL D 186 -38.11 8.35 -21.38
C VAL D 186 -38.90 7.07 -21.68
N GLU D 187 -39.36 6.40 -20.63
CA GLU D 187 -40.15 5.18 -20.80
C GLU D 187 -39.27 4.12 -21.48
N ASN D 188 -39.89 3.04 -21.95
CA ASN D 188 -39.21 2.00 -22.67
C ASN D 188 -40.15 1.31 -23.65
N GLU D 189 -39.91 1.54 -24.93
CA GLU D 189 -40.68 0.94 -26.04
C GLU D 189 -42.19 1.17 -25.86
N TYR D 190 -42.58 2.41 -25.56
CA TYR D 190 -44.01 2.60 -25.28
C TYR D 190 -44.90 2.22 -26.50
N GLY D 191 -44.30 2.29 -27.70
CA GLY D 191 -45.00 1.96 -28.93
C GLY D 191 -45.41 0.54 -28.99
N SER D 192 -44.85 -0.28 -28.10
CA SER D 192 -45.20 -1.65 -28.09
C SER D 192 -46.39 -1.86 -27.16
N TYR D 193 -46.76 -0.87 -26.35
CA TYR D 193 -47.83 -1.05 -25.40
C TYR D 193 -49.12 -0.59 -26.08
N PHE D 194 -50.20 -1.22 -25.66
CA PHE D 194 -51.52 -1.02 -26.22
C PHE D 194 -52.12 0.32 -25.88
N ALA D 195 -51.69 0.99 -24.80
CA ALA D 195 -52.47 2.16 -24.31
C ALA D 195 -52.40 3.36 -25.24
N CYS D 196 -51.24 3.59 -25.85
CA CYS D 196 -50.97 4.71 -26.76
C CYS D 196 -51.41 6.05 -26.15
N ASP D 197 -51.07 6.26 -24.90
CA ASP D 197 -51.47 7.48 -24.21
C ASP D 197 -50.36 8.56 -24.26
N PHE D 198 -50.55 9.52 -25.17
CA PHE D 198 -49.51 10.48 -25.49
C PHE D 198 -49.36 11.50 -24.37
N ASP D 199 -50.45 11.80 -23.68
CA ASP D 199 -50.43 12.64 -22.51
C ASP D 199 -49.52 12.05 -21.40
N TYR D 200 -49.47 10.73 -21.28
CA TYR D 200 -48.52 10.06 -20.34
C TYR D 200 -47.10 10.41 -20.76
N LEU D 201 -46.78 10.25 -22.04
CA LEU D 201 -45.44 10.57 -22.50
C LEU D 201 -45.09 12.02 -22.32
N ARG D 202 -46.03 12.92 -22.61
CA ARG D 202 -45.82 14.35 -22.45
C ARG D 202 -45.59 14.76 -20.95
N PHE D 203 -46.34 14.11 -20.06
CA PHE D 203 -46.15 14.36 -18.60
C PHE D 203 -44.70 14.01 -18.18
N LEU D 204 -44.19 12.91 -18.72
CA LEU D 204 -42.87 12.36 -18.41
C LEU D 204 -41.83 13.34 -18.91
N GLN D 205 -42.03 13.83 -20.14
CA GLN D 205 -41.10 14.81 -20.72
C GLN D 205 -41.05 16.05 -19.86
N LYS D 206 -42.21 16.49 -19.41
CA LYS D 206 -42.31 17.71 -18.63
C LYS D 206 -41.59 17.53 -17.29
N ARG D 207 -41.90 16.45 -16.58
CA ARG D 207 -41.35 16.23 -15.24
C ARG D 207 -39.83 15.93 -15.31
N PHE D 208 -39.39 15.35 -16.43
CA PHE D 208 -37.97 15.09 -16.66
C PHE D 208 -37.28 16.42 -16.90
N ARG D 209 -37.94 17.32 -17.62
CA ARG D 209 -37.41 18.68 -17.81
C ARG D 209 -37.39 19.53 -16.53
N HIS D 210 -38.44 19.49 -15.74
CA HIS D 210 -38.44 20.21 -14.48
C HIS D 210 -37.26 19.76 -13.62
N HIS D 211 -36.98 18.47 -13.54
CA HIS D 211 -35.92 18.00 -12.62
C HIS D 211 -34.56 18.02 -13.21
N LEU D 212 -34.44 17.83 -14.52
CA LEU D 212 -33.11 17.70 -15.14
C LEU D 212 -32.66 18.96 -15.91
N GLY D 213 -33.60 19.84 -16.27
CA GLY D 213 -33.24 21.08 -16.98
C GLY D 213 -33.49 20.95 -18.47
N ASP D 214 -33.23 22.01 -19.20
CA ASP D 214 -33.70 22.06 -20.57
C ASP D 214 -32.69 21.46 -21.53
N ASP D 215 -31.47 21.25 -21.04
CA ASP D 215 -30.40 20.84 -21.95
C ASP D 215 -30.25 19.34 -22.11
N VAL D 216 -30.72 18.55 -21.15
CA VAL D 216 -30.45 17.10 -21.22
C VAL D 216 -31.05 16.55 -22.48
N VAL D 217 -30.30 15.70 -23.13
CA VAL D 217 -30.79 15.07 -24.33
C VAL D 217 -31.73 13.99 -23.86
N LEU D 218 -33.01 14.16 -24.17
CA LEU D 218 -34.00 13.16 -23.86
C LEU D 218 -34.34 12.38 -25.10
N PHE D 219 -34.56 11.07 -24.96
CA PHE D 219 -34.84 10.20 -26.11
C PHE D 219 -35.80 9.05 -25.79
N THR D 220 -36.33 8.39 -26.83
CA THR D 220 -37.21 7.24 -26.71
C THR D 220 -36.57 6.07 -27.50
N THR D 221 -37.02 4.85 -27.22
CA THR D 221 -36.55 3.65 -27.92
C THR D 221 -37.72 2.74 -28.26
N ASP D 222 -37.79 2.31 -29.53
CA ASP D 222 -38.87 1.48 -30.02
C ASP D 222 -38.33 0.56 -31.10
N GLY D 223 -39.11 -0.44 -31.45
CA GLY D 223 -38.70 -1.33 -32.49
C GLY D 223 -38.68 -0.56 -33.81
N ALA D 224 -37.92 -1.06 -34.77
CA ALA D 224 -37.61 -0.33 -35.99
C ALA D 224 -38.63 -0.64 -37.08
N HIS D 225 -39.82 -0.12 -36.88
CA HIS D 225 -40.92 -0.31 -37.83
C HIS D 225 -41.99 0.73 -37.47
N LYS D 226 -42.57 1.37 -38.49
CA LYS D 226 -43.57 2.43 -38.29
C LYS D 226 -44.67 2.00 -37.31
N THR D 227 -45.05 0.74 -37.34
CA THR D 227 -46.11 0.24 -36.44
C THR D 227 -45.74 0.36 -34.94
N PHE D 228 -44.44 0.25 -34.60
CA PHE D 228 -43.97 0.41 -33.20
C PHE D 228 -43.71 1.86 -32.85
N LEU D 229 -43.28 2.65 -33.83
CA LEU D 229 -42.96 4.05 -33.63
C LEU D 229 -44.19 4.97 -33.52
N LYS D 230 -45.28 4.52 -34.11
CA LYS D 230 -46.56 5.24 -34.07
C LYS D 230 -46.89 5.78 -32.69
N CYS D 231 -46.89 4.88 -31.68
CA CYS D 231 -47.32 5.23 -30.33
C CYS D 231 -46.15 5.45 -29.40
N GLY D 232 -44.94 5.14 -29.88
CA GLY D 232 -43.72 5.37 -29.11
C GLY D 232 -43.08 6.74 -29.27
N ALA D 233 -43.27 7.40 -30.40
CA ALA D 233 -42.52 8.62 -30.70
C ALA D 233 -43.24 9.86 -30.20
N LEU D 234 -42.48 10.91 -29.92
CA LEU D 234 -43.07 12.11 -29.35
C LEU D 234 -42.24 13.28 -29.74
N GLN D 235 -42.87 14.39 -30.09
CA GLN D 235 -42.15 15.65 -30.33
C GLN D 235 -41.34 16.13 -29.12
N GLY D 236 -40.09 16.52 -29.33
CA GLY D 236 -39.21 16.96 -28.25
C GLY D 236 -38.48 15.82 -27.53
N LEU D 237 -38.79 14.57 -27.86
CA LEU D 237 -37.98 13.42 -27.45
C LEU D 237 -37.35 12.76 -28.71
N TYR D 238 -36.03 12.73 -28.78
CA TYR D 238 -35.33 12.15 -29.93
C TYR D 238 -35.66 10.68 -30.10
N THR D 239 -36.13 10.32 -31.28
CA THR D 239 -36.62 8.98 -31.53
C THR D 239 -35.47 8.06 -31.90
N THR D 240 -35.22 7.03 -31.09
CA THR D 240 -34.26 6.02 -31.51
C THR D 240 -34.95 4.70 -31.70
N VAL D 241 -34.31 3.79 -32.41
CA VAL D 241 -34.85 2.41 -32.58
C VAL D 241 -33.98 1.33 -31.92
N ASP D 242 -34.47 0.12 -31.85
CA ASP D 242 -33.63 -1.04 -31.56
C ASP D 242 -33.86 -2.13 -32.57
N PHE D 243 -32.90 -3.04 -32.64
CA PHE D 243 -32.90 -4.18 -33.52
C PHE D 243 -31.66 -5.04 -33.29
N GLY D 244 -31.79 -6.32 -33.65
CA GLY D 244 -30.76 -7.31 -33.46
C GLY D 244 -30.14 -7.78 -34.76
N THR D 245 -29.51 -8.95 -34.69
CA THR D 245 -28.69 -9.39 -35.83
C THR D 245 -29.53 -9.90 -36.99
N GLY D 246 -30.83 -10.09 -36.76
CA GLY D 246 -31.73 -10.65 -37.78
C GLY D 246 -32.28 -9.60 -38.75
N SER D 247 -32.04 -8.34 -38.43
CA SER D 247 -32.73 -7.23 -39.08
C SER D 247 -31.92 -6.63 -40.18
N ASN D 248 -32.61 -6.12 -41.18
CA ASN D 248 -31.96 -5.38 -42.24
C ASN D 248 -31.58 -4.05 -41.72
N ILE D 249 -30.28 -3.79 -41.64
CA ILE D 249 -29.80 -2.60 -40.93
C ILE D 249 -30.18 -1.34 -41.69
N THR D 250 -30.07 -1.34 -43.03
CA THR D 250 -30.56 -0.17 -43.79
C THR D 250 -32.04 0.10 -43.55
N ASP D 251 -32.89 -0.92 -43.55
CA ASP D 251 -34.32 -0.67 -43.30
C ASP D 251 -34.57 -0.18 -41.86
N ALA D 252 -33.78 -0.69 -40.91
CA ALA D 252 -34.00 -0.31 -39.54
C ALA D 252 -33.77 1.19 -39.37
N PHE D 253 -32.64 1.70 -39.87
CA PHE D 253 -32.35 3.12 -39.81
C PHE D 253 -33.23 4.00 -40.72
N LEU D 254 -33.76 3.43 -41.79
CA LEU D 254 -34.79 4.15 -42.55
C LEU D 254 -36.04 4.34 -41.70
N SER D 255 -36.41 3.36 -40.89
CA SER D 255 -37.63 3.51 -40.10
C SER D 255 -37.37 4.59 -39.06
N GLN D 256 -36.16 4.68 -38.52
CA GLN D 256 -35.86 5.80 -37.62
C GLN D 256 -35.85 7.18 -38.31
N ARG D 257 -35.26 7.25 -39.51
CA ARG D 257 -35.12 8.54 -40.26
C ARG D 257 -36.46 9.14 -40.68
N LYS D 258 -37.43 8.30 -40.94
CA LYS D 258 -38.81 8.75 -41.11
C LYS D 258 -39.24 9.65 -39.92
N CYS D 259 -38.87 9.26 -38.70
CA CYS D 259 -39.26 9.98 -37.49
C CYS D 259 -38.37 11.13 -37.16
N GLU D 260 -37.08 11.00 -37.43
CA GLU D 260 -36.11 12.04 -37.19
C GLU D 260 -35.33 12.13 -38.47
N PRO D 261 -35.72 13.07 -39.36
CA PRO D 261 -34.98 13.23 -40.63
C PRO D 261 -33.52 13.68 -40.43
N LYS D 262 -33.24 14.38 -39.34
CA LYS D 262 -31.89 14.83 -39.00
C LYS D 262 -31.45 14.42 -37.57
N GLY D 263 -30.13 14.32 -37.40
CA GLY D 263 -29.51 13.88 -36.14
C GLY D 263 -28.86 12.53 -36.26
N PRO D 264 -28.16 12.09 -35.19
CA PRO D 264 -27.48 10.79 -35.22
C PRO D 264 -28.37 9.57 -35.41
N LEU D 265 -27.90 8.57 -36.14
CA LEU D 265 -28.57 7.27 -36.14
C LEU D 265 -28.22 6.60 -34.80
N ILE D 266 -29.18 5.88 -34.24
CA ILE D 266 -28.99 5.22 -32.96
C ILE D 266 -29.75 3.94 -32.87
N ASN D 267 -29.01 2.84 -32.65
CA ASN D 267 -29.57 1.56 -32.24
C ASN D 267 -29.34 1.35 -30.73
N SER D 268 -30.33 1.73 -29.94
CA SER D 268 -30.25 1.75 -28.46
C SER D 268 -30.19 0.35 -27.87
N GLU D 269 -30.59 -0.67 -28.64
CA GLU D 269 -30.49 -2.02 -28.18
C GLU D 269 -30.14 -3.03 -29.30
N PHE D 270 -28.86 -3.15 -29.57
CA PHE D 270 -28.36 -4.09 -30.53
C PHE D 270 -28.08 -5.42 -29.81
N TYR D 271 -28.93 -6.41 -30.11
CA TYR D 271 -28.99 -7.66 -29.33
C TYR D 271 -27.77 -8.54 -29.59
N THR D 272 -27.02 -8.81 -28.50
CA THR D 272 -25.84 -9.64 -28.57
C THR D 272 -26.21 -11.07 -28.36
N GLY D 273 -27.46 -11.25 -27.91
CA GLY D 273 -27.98 -12.51 -27.45
C GLY D 273 -29.49 -12.43 -27.30
N TRP D 274 -30.07 -13.21 -26.42
CA TRP D 274 -31.54 -13.17 -26.22
C TRP D 274 -31.90 -13.80 -24.88
N LEU D 275 -33.11 -13.52 -24.44
CA LEU D 275 -33.60 -14.04 -23.16
C LEU D 275 -34.00 -15.47 -23.24
N ASP D 276 -34.10 -16.07 -22.06
CA ASP D 276 -34.50 -17.43 -21.87
C ASP D 276 -35.86 -17.52 -21.12
N HIS D 277 -36.51 -18.67 -21.20
CA HIS D 277 -37.63 -19.04 -20.30
C HIS D 277 -37.40 -20.41 -19.67
N TRP D 278 -37.73 -20.55 -18.41
CA TRP D 278 -37.74 -21.90 -17.85
C TRP D 278 -38.43 -22.86 -18.83
N GLY D 279 -37.80 -24.01 -19.07
CA GLY D 279 -38.36 -25.08 -19.86
C GLY D 279 -38.18 -24.98 -21.36
N GLN D 280 -37.47 -23.94 -21.84
CA GLN D 280 -37.19 -23.76 -23.27
C GLN D 280 -35.71 -23.80 -23.49
N PRO D 281 -35.26 -24.10 -24.72
CA PRO D 281 -33.81 -24.18 -24.88
C PRO D 281 -33.15 -22.83 -24.65
N HIS D 282 -31.93 -22.86 -24.13
CA HIS D 282 -31.17 -21.66 -23.85
C HIS D 282 -30.86 -20.90 -25.13
N SER D 283 -31.10 -19.60 -25.17
CA SER D 283 -30.86 -18.86 -26.41
C SER D 283 -29.39 -18.51 -26.62
N THR D 284 -28.95 -18.51 -27.87
CA THR D 284 -27.63 -18.08 -28.25
C THR D 284 -27.69 -17.39 -29.59
N ILE D 285 -26.75 -16.48 -29.81
CA ILE D 285 -26.57 -15.78 -31.08
C ILE D 285 -25.08 -15.88 -31.38
N LYS D 286 -24.79 -16.29 -32.61
CA LYS D 286 -23.43 -16.53 -33.05
C LYS D 286 -22.62 -15.24 -33.08
N THR D 287 -21.41 -15.35 -32.55
CA THR D 287 -20.42 -14.26 -32.53
C THR D 287 -20.24 -13.57 -33.88
N GLU D 288 -20.18 -14.34 -34.96
CA GLU D 288 -19.92 -13.73 -36.26
C GLU D 288 -21.06 -12.83 -36.71
N ALA D 289 -22.28 -13.19 -36.36
CA ALA D 289 -23.45 -12.35 -36.64
C ALA D 289 -23.37 -11.01 -35.88
N VAL D 290 -22.99 -11.05 -34.59
CA VAL D 290 -22.96 -9.82 -33.77
C VAL D 290 -21.85 -8.90 -34.29
N ALA D 291 -20.66 -9.49 -34.51
CA ALA D 291 -19.52 -8.76 -35.04
C ALA D 291 -19.87 -8.11 -36.38
N SER D 292 -20.50 -8.90 -37.23
CA SER D 292 -20.84 -8.50 -38.60
C SER D 292 -21.76 -7.26 -38.61
N SER D 293 -22.88 -7.39 -37.94
CA SER D 293 -23.77 -6.24 -37.75
C SER D 293 -23.12 -5.11 -37.00
N LEU D 294 -22.36 -5.41 -35.94
CA LEU D 294 -21.75 -4.32 -35.20
C LEU D 294 -20.85 -3.44 -36.09
N TYR D 295 -20.02 -4.11 -36.89
CA TYR D 295 -19.16 -3.43 -37.84
C TYR D 295 -20.05 -2.63 -38.83
N ASP D 296 -21.09 -3.25 -39.35
CA ASP D 296 -21.93 -2.53 -40.29
C ASP D 296 -22.60 -1.30 -39.65
N ILE D 297 -23.03 -1.41 -38.41
CA ILE D 297 -23.67 -0.25 -37.73
C ILE D 297 -22.68 0.87 -37.51
N LEU D 298 -21.53 0.51 -36.96
CA LEU D 298 -20.51 1.50 -36.64
C LEU D 298 -19.99 2.23 -37.89
N ALA D 299 -19.83 1.45 -38.95
CA ALA D 299 -19.36 2.02 -40.21
C ALA D 299 -20.29 3.13 -40.76
N ARG D 300 -21.56 3.05 -40.42
CA ARG D 300 -22.48 4.11 -40.85
C ARG D 300 -22.33 5.36 -39.98
N GLY D 301 -21.47 5.35 -38.96
CA GLY D 301 -21.31 6.55 -38.06
C GLY D 301 -22.41 6.67 -36.99
N ALA D 302 -23.18 5.61 -36.87
CA ALA D 302 -24.24 5.46 -35.89
C ALA D 302 -23.68 5.22 -34.51
N SER D 303 -24.40 5.73 -33.50
CA SER D 303 -24.16 5.41 -32.11
C SER D 303 -24.93 4.11 -31.81
N VAL D 304 -24.38 3.27 -30.94
CA VAL D 304 -24.96 1.97 -30.73
C VAL D 304 -24.70 1.43 -29.31
N ASN D 305 -25.70 0.75 -28.76
CA ASN D 305 -25.59 0.15 -27.44
C ASN D 305 -25.84 -1.32 -27.57
N LEU D 306 -24.86 -2.10 -27.14
CA LEU D 306 -24.95 -3.56 -27.13
C LEU D 306 -25.78 -4.08 -25.91
N TYR D 307 -26.92 -4.71 -26.18
CA TYR D 307 -27.82 -5.19 -25.12
C TYR D 307 -27.85 -6.71 -25.17
N MET D 308 -27.42 -7.47 -24.12
CA MET D 308 -26.61 -7.01 -22.98
C MET D 308 -25.09 -7.16 -23.31
N PHE D 309 -24.24 -6.37 -22.65
CA PHE D 309 -22.79 -6.62 -22.72
C PHE D 309 -22.41 -7.56 -21.61
N ILE D 310 -22.86 -7.26 -20.41
CA ILE D 310 -23.02 -8.28 -19.39
C ILE D 310 -24.46 -8.30 -18.89
N GLY D 311 -25.02 -9.50 -18.80
CA GLY D 311 -26.32 -9.72 -18.24
C GLY D 311 -26.38 -9.90 -16.73
N GLY D 312 -25.58 -10.79 -16.19
CA GLY D 312 -25.54 -10.99 -14.74
C GLY D 312 -26.64 -11.94 -14.31
N THR D 313 -27.31 -11.59 -13.23
CA THR D 313 -28.13 -12.51 -12.50
C THR D 313 -29.38 -11.83 -11.96
N ASN D 314 -30.51 -12.52 -12.04
CA ASN D 314 -31.73 -12.15 -11.37
C ASN D 314 -31.70 -12.87 -10.02
N PHE D 315 -31.15 -12.24 -9.01
CA PHE D 315 -31.08 -12.88 -7.69
C PHE D 315 -32.49 -12.82 -7.08
N ALA D 316 -32.63 -13.42 -5.91
CA ALA D 316 -33.95 -13.41 -5.17
C ALA D 316 -35.14 -13.62 -6.10
N TYR D 317 -36.13 -12.72 -6.14
CA TYR D 317 -37.42 -12.92 -6.93
C TYR D 317 -37.53 -11.89 -8.07
N TRP D 318 -36.39 -11.40 -8.54
CA TRP D 318 -36.35 -10.24 -9.45
C TRP D 318 -36.64 -10.55 -10.91
N ASN D 319 -36.68 -11.83 -11.30
CA ASN D 319 -36.92 -12.17 -12.70
C ASN D 319 -38.32 -11.76 -13.15
N GLY D 320 -38.49 -11.54 -14.46
CA GLY D 320 -39.80 -11.26 -15.01
C GLY D 320 -40.44 -12.52 -15.67
N ALA D 321 -41.31 -12.27 -16.63
CA ALA D 321 -42.12 -13.28 -17.30
C ALA D 321 -42.75 -12.71 -18.56
N ASN D 322 -43.07 -13.58 -19.54
CA ASN D 322 -43.82 -13.14 -20.71
C ASN D 322 -45.18 -13.79 -20.72
N SER D 323 -46.03 -13.23 -21.58
CA SER D 323 -47.38 -13.69 -21.79
C SER D 323 -47.46 -14.43 -23.18
N PRO D 324 -48.05 -15.64 -23.25
CA PRO D 324 -48.71 -16.40 -22.20
C PRO D 324 -47.70 -16.87 -21.12
N TYR D 325 -48.18 -17.05 -19.89
CA TYR D 325 -47.29 -17.05 -18.77
C TYR D 325 -46.10 -17.98 -18.93
N ALA D 326 -44.89 -17.40 -18.98
CA ALA D 326 -43.63 -18.13 -19.13
C ALA D 326 -42.59 -17.36 -18.40
N ALA D 327 -42.11 -17.89 -17.29
CA ALA D 327 -41.10 -17.22 -16.49
C ALA D 327 -39.68 -17.30 -17.08
N GLN D 328 -38.92 -16.20 -16.91
CA GLN D 328 -37.51 -16.24 -17.25
C GLN D 328 -36.74 -16.82 -16.06
N PRO D 329 -35.58 -17.43 -16.33
CA PRO D 329 -34.85 -18.11 -15.26
C PRO D 329 -34.05 -17.14 -14.39
N THR D 330 -33.43 -17.68 -13.36
CA THR D 330 -32.54 -16.96 -12.48
C THR D 330 -31.36 -16.35 -13.22
N SER D 331 -30.70 -17.13 -14.06
CA SER D 331 -29.57 -16.61 -14.83
C SER D 331 -30.05 -15.62 -15.89
N TYR D 332 -29.31 -14.53 -16.08
CA TYR D 332 -29.52 -13.58 -17.17
C TYR D 332 -28.22 -13.46 -17.99
N ASP D 333 -27.48 -14.56 -18.10
CA ASP D 333 -26.25 -14.65 -18.89
C ASP D 333 -26.41 -13.99 -20.25
N TYR D 334 -27.57 -14.21 -20.90
CA TYR D 334 -27.95 -13.58 -22.19
C TYR D 334 -27.16 -14.08 -23.43
N ASP D 335 -26.20 -14.98 -23.18
CA ASP D 335 -25.14 -15.29 -24.14
C ASP D 335 -24.40 -14.01 -24.51
N ALA D 336 -24.27 -13.11 -23.51
CA ALA D 336 -23.59 -11.84 -23.65
C ALA D 336 -22.09 -12.02 -23.86
N PRO D 337 -21.41 -10.95 -24.32
CA PRO D 337 -19.95 -10.99 -24.42
C PRO D 337 -19.21 -11.26 -23.10
N LEU D 338 -19.73 -10.78 -22.00
CA LEU D 338 -19.33 -11.22 -20.67
C LEU D 338 -20.35 -12.16 -20.11
N SER D 339 -19.88 -13.32 -19.66
CA SER D 339 -20.78 -14.32 -19.13
C SER D 339 -21.39 -13.84 -17.81
N GLU D 340 -22.41 -14.55 -17.34
CA GLU D 340 -23.03 -14.22 -16.07
C GLU D 340 -21.98 -13.81 -14.98
N ALA D 341 -20.87 -14.54 -14.93
CA ALA D 341 -19.88 -14.35 -13.88
C ALA D 341 -18.75 -13.39 -14.27
N GLY D 342 -18.95 -12.62 -15.33
CA GLY D 342 -17.93 -11.70 -15.81
C GLY D 342 -16.86 -12.24 -16.71
N ASP D 343 -16.94 -13.50 -17.11
CA ASP D 343 -15.88 -14.10 -17.88
C ASP D 343 -15.69 -13.49 -19.25
N LEU D 344 -14.43 -13.41 -19.68
CA LEU D 344 -14.12 -12.94 -21.03
C LEU D 344 -14.43 -14.10 -22.01
N THR D 345 -15.28 -13.88 -23.00
CA THR D 345 -15.71 -14.96 -23.88
C THR D 345 -15.13 -14.69 -25.23
N GLU D 346 -15.30 -15.64 -26.13
CA GLU D 346 -14.83 -15.49 -27.46
C GLU D 346 -15.59 -14.36 -28.13
N LYS D 347 -16.90 -14.27 -27.84
CA LYS D 347 -17.70 -13.13 -28.31
C LYS D 347 -17.06 -11.80 -27.91
N TYR D 348 -16.57 -11.75 -26.67
CA TYR D 348 -15.98 -10.52 -26.08
C TYR D 348 -14.78 -10.07 -26.94
N PHE D 349 -13.92 -11.02 -27.26
CA PHE D 349 -12.70 -10.68 -27.99
C PHE D 349 -13.04 -10.31 -29.42
N ALA D 350 -14.04 -10.97 -30.01
CA ALA D 350 -14.44 -10.64 -31.37
C ALA D 350 -14.95 -9.24 -31.49
N LEU D 351 -15.71 -8.75 -30.50
CA LEU D 351 -16.32 -7.39 -30.59
C LEU D 351 -15.29 -6.35 -30.28
N ARG D 352 -14.44 -6.62 -29.28
CA ARG D 352 -13.26 -5.77 -29.04
C ARG D 352 -12.50 -5.53 -30.35
N ASN D 353 -12.25 -6.62 -31.07
CA ASN D 353 -11.59 -6.54 -32.35
C ASN D 353 -12.33 -5.72 -33.44
N ILE D 354 -13.66 -5.71 -33.47
CA ILE D 354 -14.44 -4.80 -34.39
C ILE D 354 -14.23 -3.36 -33.95
N ILE D 355 -14.39 -3.11 -32.65
CA ILE D 355 -14.27 -1.77 -32.16
C ILE D 355 -12.87 -1.21 -32.48
N GLN D 356 -11.83 -2.03 -32.32
CA GLN D 356 -10.45 -1.59 -32.64
C GLN D 356 -10.25 -1.04 -34.05
N LYS D 357 -11.11 -1.38 -34.98
CA LYS D 357 -10.94 -0.91 -36.34
C LYS D 357 -11.50 0.49 -36.48
N PHE D 358 -12.22 0.97 -35.47
CA PHE D 358 -12.82 2.31 -35.50
C PHE D 358 -12.26 3.28 -34.50
N GLU D 359 -11.66 2.76 -33.42
CA GLU D 359 -11.14 3.58 -32.30
C GLU D 359 -9.96 2.83 -31.65
N LYS D 360 -8.85 3.52 -31.36
CA LYS D 360 -7.82 2.92 -30.51
C LYS D 360 -8.48 2.56 -29.17
N VAL D 361 -8.16 1.35 -28.73
CA VAL D 361 -8.75 0.74 -27.55
C VAL D 361 -7.67 0.83 -26.45
N PRO D 362 -8.07 0.87 -25.17
CA PRO D 362 -7.09 1.05 -24.14
C PRO D 362 -5.97 -0.01 -24.11
N GLU D 363 -4.78 0.41 -23.75
CA GLU D 363 -3.64 -0.48 -23.62
C GLU D 363 -3.63 -1.15 -22.26
N GLY D 364 -2.86 -2.23 -22.17
CA GLY D 364 -2.74 -2.97 -20.95
C GLY D 364 -3.49 -4.30 -21.02
N PRO D 365 -3.19 -5.21 -20.09
CA PRO D 365 -3.92 -6.45 -19.89
C PRO D 365 -5.36 -6.22 -19.39
N ILE D 366 -6.29 -7.04 -19.86
CA ILE D 366 -7.65 -6.96 -19.40
C ILE D 366 -7.76 -7.70 -18.07
N PRO D 367 -8.58 -7.20 -17.14
CA PRO D 367 -8.83 -8.02 -15.95
C PRO D 367 -9.34 -9.38 -16.33
N PRO D 368 -8.91 -10.41 -15.59
CA PRO D 368 -9.24 -11.75 -15.98
C PRO D 368 -10.64 -12.16 -15.57
N SER D 369 -11.13 -13.23 -16.22
CA SER D 369 -12.19 -14.09 -15.73
C SER D 369 -11.81 -14.56 -14.36
N THR D 370 -12.75 -14.55 -13.44
CA THR D 370 -12.44 -14.83 -12.06
C THR D 370 -12.18 -16.30 -11.95
N PRO D 371 -11.25 -16.70 -11.06
CA PRO D 371 -11.13 -18.14 -10.82
C PRO D 371 -12.39 -18.69 -10.16
N LYS D 372 -12.75 -19.92 -10.51
CA LYS D 372 -13.94 -20.63 -10.00
C LYS D 372 -13.44 -21.82 -9.19
N PHE D 373 -14.09 -22.12 -8.07
CA PHE D 373 -13.68 -23.27 -7.23
C PHE D 373 -14.81 -24.26 -7.04
N ALA D 374 -14.51 -25.56 -7.18
CA ALA D 374 -15.50 -26.57 -6.88
C ALA D 374 -15.40 -26.96 -5.42
N TYR D 375 -16.26 -26.37 -4.59
CA TYR D 375 -16.31 -26.75 -3.17
C TYR D 375 -16.77 -28.20 -2.95
N GLY D 376 -17.42 -28.78 -3.96
CA GLY D 376 -17.90 -30.16 -3.92
C GLY D 376 -19.27 -30.34 -3.29
N LYS D 377 -19.43 -31.48 -2.63
CA LYS D 377 -20.69 -31.93 -2.10
C LYS D 377 -20.84 -31.42 -0.68
N VAL D 378 -22.03 -30.92 -0.36
CA VAL D 378 -22.38 -30.45 0.97
C VAL D 378 -23.73 -31.01 1.32
N THR D 379 -23.78 -31.77 2.41
CA THR D 379 -24.96 -32.60 2.74
C THR D 379 -25.90 -31.67 3.47
N LEU D 380 -27.19 -31.80 3.24
CA LEU D 380 -28.17 -31.00 3.94
C LEU D 380 -29.02 -31.95 4.75
N GLU D 381 -29.73 -31.47 5.75
CA GLU D 381 -30.81 -32.24 6.34
C GLU D 381 -32.02 -31.36 6.60
N LYS D 382 -33.16 -32.03 6.68
CA LYS D 382 -34.44 -31.36 6.82
C LYS D 382 -34.46 -30.53 8.08
N LEU D 383 -35.03 -29.35 8.00
CA LEU D 383 -35.04 -28.49 9.13
C LEU D 383 -36.48 -28.42 9.62
N LYS D 384 -37.34 -27.83 8.82
CA LYS D 384 -38.75 -27.69 9.15
C LYS D 384 -39.48 -27.74 7.82
N THR D 385 -40.64 -28.38 7.78
CA THR D 385 -41.64 -28.15 6.72
C THR D 385 -42.11 -26.69 6.78
N VAL D 386 -42.64 -26.19 5.67
CA VAL D 386 -43.38 -24.92 5.71
C VAL D 386 -44.56 -24.97 6.69
N GLY D 387 -45.37 -26.04 6.62
CA GLY D 387 -46.50 -26.22 7.54
C GLY D 387 -46.14 -25.98 9.00
N ALA D 388 -45.00 -26.53 9.41
CA ALA D 388 -44.55 -26.50 10.81
C ALA D 388 -43.74 -25.26 11.15
N ALA D 389 -43.39 -24.47 10.15
CA ALA D 389 -42.68 -23.24 10.42
C ALA D 389 -43.56 -21.97 10.42
N LEU D 390 -44.88 -22.07 10.55
CA LEU D 390 -45.76 -20.89 10.28
C LEU D 390 -45.70 -19.78 11.33
N ASP D 391 -45.27 -20.12 12.55
CA ASP D 391 -45.05 -19.15 13.62
C ASP D 391 -43.92 -18.20 13.33
N ILE D 392 -42.87 -18.70 12.70
CA ILE D 392 -41.71 -17.88 12.36
C ILE D 392 -41.86 -17.20 10.99
N LEU D 393 -42.60 -17.83 10.09
CA LEU D 393 -42.83 -17.32 8.76
C LEU D 393 -43.92 -16.27 8.79
N CYS D 394 -44.96 -16.51 9.58
CA CYS D 394 -46.05 -15.58 9.75
C CYS D 394 -46.26 -15.17 11.22
N PRO D 395 -45.39 -14.28 11.76
CA PRO D 395 -45.50 -13.96 13.19
C PRO D 395 -46.65 -12.99 13.52
N SER D 396 -47.37 -12.48 12.52
CA SER D 396 -48.52 -11.62 12.78
C SER D 396 -49.79 -12.39 12.98
N GLY D 397 -49.82 -13.63 12.52
CA GLY D 397 -51.04 -14.44 12.43
C GLY D 397 -51.65 -14.37 11.04
N PRO D 398 -52.47 -15.36 10.68
CA PRO D 398 -53.08 -15.43 9.34
C PRO D 398 -54.16 -14.36 9.12
N ILE D 399 -54.70 -14.32 7.91
CA ILE D 399 -55.81 -13.44 7.55
C ILE D 399 -56.99 -14.32 7.22
N LYS D 400 -58.13 -14.09 7.90
CA LYS D 400 -59.37 -14.84 7.59
C LYS D 400 -60.10 -14.09 6.49
N SER D 401 -60.52 -14.77 5.46
CA SER D 401 -61.26 -14.09 4.42
C SER D 401 -62.25 -15.12 3.90
N LEU D 402 -63.43 -14.70 3.48
CA LEU D 402 -64.47 -15.64 3.05
C LEU D 402 -64.04 -16.32 1.74
N TYR D 403 -63.52 -15.50 0.84
CA TYR D 403 -62.97 -15.98 -0.42
C TYR D 403 -61.49 -15.64 -0.44
N PRO D 404 -60.72 -16.27 -1.36
CA PRO D 404 -59.28 -16.04 -1.46
C PRO D 404 -58.92 -14.55 -1.76
N LEU D 405 -57.93 -14.01 -1.05
CA LEU D 405 -57.25 -12.74 -1.38
C LEU D 405 -55.96 -12.94 -2.17
N THR D 406 -55.58 -11.90 -2.94
CA THR D 406 -54.34 -11.90 -3.74
C THR D 406 -53.08 -11.57 -2.88
N PHE D 407 -51.88 -11.79 -3.43
CA PHE D 407 -50.63 -11.34 -2.78
C PHE D 407 -50.70 -9.85 -2.38
N ILE D 408 -51.16 -9.00 -3.32
CA ILE D 408 -51.28 -7.56 -3.06
C ILE D 408 -52.19 -7.23 -1.86
N GLN D 409 -53.35 -7.86 -1.77
CA GLN D 409 -54.31 -7.55 -0.70
C GLN D 409 -53.78 -7.99 0.62
N VAL D 410 -52.86 -8.95 0.59
CA VAL D 410 -52.29 -9.52 1.79
C VAL D 410 -50.97 -8.79 2.11
N LYS D 411 -50.64 -7.75 1.33
CA LYS D 411 -49.47 -6.93 1.59
C LYS D 411 -48.15 -7.71 1.42
N GLN D 412 -48.13 -8.76 0.60
CA GLN D 412 -46.87 -9.39 0.21
C GLN D 412 -46.67 -9.38 -1.29
N HIS D 413 -45.44 -9.14 -1.73
CA HIS D 413 -45.15 -8.88 -3.16
C HIS D 413 -44.47 -10.02 -3.91
N TYR D 414 -43.49 -10.65 -3.24
CA TYR D 414 -42.65 -11.69 -3.80
C TYR D 414 -42.69 -12.90 -2.93
N GLY D 415 -42.33 -14.03 -3.54
CA GLY D 415 -42.17 -15.27 -2.81
C GLY D 415 -43.43 -16.12 -2.75
N PHE D 416 -43.79 -16.46 -1.52
CA PHE D 416 -44.80 -17.47 -1.24
C PHE D 416 -45.84 -17.04 -0.22
N VAL D 417 -47.07 -17.52 -0.43
CA VAL D 417 -48.19 -17.32 0.50
C VAL D 417 -48.88 -18.65 0.65
N LEU D 418 -49.21 -19.03 1.88
CA LEU D 418 -49.93 -20.27 2.12
C LEU D 418 -51.41 -19.98 2.24
N TYR D 419 -52.21 -20.60 1.39
CA TYR D 419 -53.68 -20.56 1.54
C TYR D 419 -54.23 -21.82 2.22
N ARG D 420 -55.06 -21.67 3.25
CA ARG D 420 -55.53 -22.79 4.03
C ARG D 420 -57.06 -22.74 4.17
N THR D 421 -57.69 -23.88 3.96
CA THR D 421 -59.11 -24.08 4.27
C THR D 421 -59.32 -25.49 4.80
N THR D 422 -60.55 -25.77 5.24
CA THR D 422 -60.89 -27.11 5.72
C THR D 422 -61.67 -27.79 4.59
N LEU D 423 -61.59 -29.12 4.48
CA LEU D 423 -62.43 -29.82 3.50
C LEU D 423 -63.89 -29.79 4.01
N PRO D 424 -64.87 -29.38 3.16
CA PRO D 424 -66.28 -29.39 3.60
C PRO D 424 -66.90 -30.78 3.52
N GLN D 425 -66.72 -31.47 2.39
CA GLN D 425 -67.18 -32.85 2.20
C GLN D 425 -66.07 -33.89 2.46
N ASP D 426 -66.43 -35.16 2.42
CA ASP D 426 -65.47 -36.25 2.51
C ASP D 426 -64.96 -36.61 1.12
N CYS D 427 -63.66 -36.90 1.04
CA CYS D 427 -62.99 -37.22 -0.21
C CYS D 427 -62.25 -38.55 -0.08
N SER D 428 -62.98 -39.56 0.41
CA SER D 428 -62.45 -40.92 0.47
C SER D 428 -62.09 -41.36 -0.93
N ASN D 429 -62.85 -40.85 -1.89
CA ASN D 429 -62.56 -41.07 -3.29
C ASN D 429 -62.10 -39.76 -3.90
N PRO D 430 -61.22 -39.83 -4.91
CA PRO D 430 -60.60 -38.63 -5.52
C PRO D 430 -61.57 -37.53 -6.02
N ALA D 431 -61.60 -36.38 -5.34
CA ALA D 431 -62.43 -35.24 -5.73
C ALA D 431 -61.63 -34.20 -6.51
N PRO D 432 -62.23 -33.58 -7.55
CA PRO D 432 -61.53 -32.52 -8.31
C PRO D 432 -61.48 -31.19 -7.56
N LEU D 433 -60.25 -30.75 -7.29
CA LEU D 433 -59.96 -29.41 -6.81
C LEU D 433 -59.57 -28.55 -8.01
N SER D 434 -60.27 -27.44 -8.23
CA SER D 434 -60.03 -26.70 -9.46
C SER D 434 -60.05 -25.19 -9.31
N SER D 435 -59.30 -24.49 -10.19
CA SER D 435 -59.38 -23.03 -10.31
C SER D 435 -59.93 -22.74 -11.67
N PRO D 436 -61.25 -22.87 -11.84
CA PRO D 436 -61.87 -22.90 -13.18
C PRO D 436 -61.56 -21.70 -14.09
N LEU D 437 -61.22 -20.55 -13.51
CA LEU D 437 -60.83 -19.39 -14.31
C LEU D 437 -59.29 -19.31 -14.43
N ASN D 438 -58.63 -20.42 -14.15
CA ASN D 438 -57.17 -20.51 -14.26
C ASN D 438 -56.54 -19.41 -13.40
N GLY D 439 -56.91 -19.43 -12.13
CA GLY D 439 -56.61 -18.37 -11.19
C GLY D 439 -55.60 -18.74 -10.14
N VAL D 440 -54.74 -19.72 -10.41
CA VAL D 440 -53.56 -19.96 -9.57
C VAL D 440 -52.37 -19.22 -10.20
N HIS D 441 -51.95 -18.11 -9.60
CA HIS D 441 -50.88 -17.29 -10.17
C HIS D 441 -49.63 -17.39 -9.25
N ASP D 442 -48.69 -18.32 -9.47
CA ASP D 442 -48.49 -19.01 -10.71
C ASP D 442 -48.37 -20.49 -10.59
N ARG D 443 -48.30 -21.01 -9.36
CA ARG D 443 -48.04 -22.40 -9.11
C ARG D 443 -48.37 -22.67 -7.66
N ALA D 444 -48.99 -23.81 -7.41
CA ALA D 444 -49.46 -24.14 -6.05
C ALA D 444 -49.06 -25.56 -5.66
N TYR D 445 -48.49 -25.67 -4.47
CA TYR D 445 -47.99 -26.90 -3.90
C TYR D 445 -49.06 -27.33 -2.91
N VAL D 446 -49.79 -28.37 -3.28
CA VAL D 446 -51.07 -28.73 -2.63
C VAL D 446 -50.88 -29.87 -1.66
N ALA D 447 -51.39 -29.70 -0.43
CA ALA D 447 -51.35 -30.75 0.58
C ALA D 447 -52.69 -30.85 1.33
N VAL D 448 -53.10 -32.07 1.66
CA VAL D 448 -54.33 -32.33 2.46
C VAL D 448 -53.95 -33.12 3.69
N ASP D 449 -54.13 -32.53 4.87
CA ASP D 449 -53.60 -33.10 6.12
C ASP D 449 -52.06 -33.40 6.10
N GLY D 450 -51.28 -32.60 5.38
CA GLY D 450 -49.84 -32.80 5.29
C GLY D 450 -49.43 -33.97 4.40
N ILE D 451 -50.32 -34.37 3.49
CA ILE D 451 -49.97 -35.36 2.48
C ILE D 451 -49.95 -34.61 1.16
N PRO D 452 -48.78 -34.51 0.52
CA PRO D 452 -48.75 -33.78 -0.74
C PRO D 452 -49.67 -34.40 -1.76
N GLN D 453 -50.46 -33.57 -2.47
CA GLN D 453 -51.39 -34.03 -3.48
C GLN D 453 -50.84 -33.81 -4.87
N GLY D 454 -49.92 -32.86 -5.03
CA GLY D 454 -49.37 -32.54 -6.35
C GLY D 454 -49.41 -31.07 -6.61
N VAL D 455 -49.68 -30.68 -7.85
CA VAL D 455 -49.44 -29.30 -8.23
C VAL D 455 -50.44 -28.70 -9.21
N LEU D 456 -50.90 -27.48 -8.95
CA LEU D 456 -51.64 -26.70 -9.96
C LEU D 456 -50.73 -25.69 -10.66
N GLU D 457 -50.88 -25.58 -11.99
CA GLU D 457 -50.01 -24.70 -12.82
C GLU D 457 -50.85 -23.71 -13.60
N ARG D 458 -50.53 -22.43 -13.49
CA ARG D 458 -51.10 -21.38 -14.37
C ARG D 458 -51.03 -21.82 -15.84
N ASN D 459 -52.16 -21.78 -16.53
CA ASN D 459 -52.26 -22.06 -17.96
C ASN D 459 -52.04 -23.52 -18.36
N ASN D 460 -51.81 -24.42 -17.39
CA ASN D 460 -51.44 -25.83 -17.72
C ASN D 460 -52.17 -26.94 -16.97
N VAL D 461 -52.39 -26.77 -15.68
CA VAL D 461 -53.03 -27.76 -14.84
C VAL D 461 -53.88 -26.93 -13.87
N ILE D 462 -55.16 -26.87 -14.21
CA ILE D 462 -56.14 -26.10 -13.44
C ILE D 462 -57.03 -27.03 -12.62
N THR D 463 -56.78 -28.33 -12.73
CA THR D 463 -57.47 -29.32 -11.92
C THR D 463 -56.53 -30.36 -11.40
N LEU D 464 -56.74 -30.76 -10.16
CA LEU D 464 -55.98 -31.82 -9.53
C LEU D 464 -56.92 -32.65 -8.66
N ASN D 465 -56.90 -33.97 -8.83
CA ASN D 465 -57.78 -34.81 -8.02
C ASN D 465 -57.14 -34.99 -6.66
N ILE D 466 -57.89 -34.74 -5.60
CA ILE D 466 -57.37 -34.84 -4.23
C ILE D 466 -58.22 -35.79 -3.40
N THR D 467 -57.66 -36.21 -2.27
CA THR D 467 -58.38 -37.03 -1.33
C THR D 467 -58.05 -36.59 0.06
N GLY D 468 -58.91 -36.97 1.00
CA GLY D 468 -58.75 -36.63 2.42
C GLY D 468 -60.10 -36.80 3.11
N LYS D 469 -60.12 -36.67 4.42
CA LYS D 469 -61.37 -36.80 5.20
C LYS D 469 -62.11 -35.47 5.16
N ALA D 470 -63.38 -35.43 5.60
CA ALA D 470 -64.04 -34.15 5.87
C ALA D 470 -63.32 -33.54 7.07
N GLY D 471 -63.29 -32.21 7.15
CA GLY D 471 -62.54 -31.51 8.20
C GLY D 471 -61.02 -31.49 8.00
N ALA D 472 -60.53 -32.20 6.99
CA ALA D 472 -59.09 -32.26 6.72
C ALA D 472 -58.59 -30.89 6.27
N THR D 473 -57.37 -30.56 6.65
CA THR D 473 -56.79 -29.27 6.29
C THR D 473 -56.34 -29.30 4.83
N LEU D 474 -56.93 -28.46 3.97
CA LEU D 474 -56.43 -28.32 2.59
C LEU D 474 -55.50 -27.12 2.55
N ASP D 475 -54.24 -27.37 2.17
CA ASP D 475 -53.23 -26.32 2.00
C ASP D 475 -52.75 -26.17 0.56
N LEU D 476 -52.63 -24.90 0.14
CA LEU D 476 -52.07 -24.56 -1.17
C LEU D 476 -50.96 -23.51 -0.94
N LEU D 477 -49.71 -23.93 -1.06
CA LEU D 477 -48.58 -23.00 -1.04
C LEU D 477 -48.43 -22.40 -2.41
N VAL D 478 -48.79 -21.15 -2.58
CA VAL D 478 -48.76 -20.53 -3.88
C VAL D 478 -47.47 -19.67 -4.10
N GLU D 479 -46.82 -19.89 -5.26
CA GLU D 479 -45.57 -19.18 -5.62
C GLU D 479 -45.85 -18.04 -6.65
N ASN D 480 -45.43 -16.81 -6.32
CA ASN D 480 -45.25 -15.77 -7.34
C ASN D 480 -43.96 -16.09 -8.14
N MET D 481 -44.13 -16.61 -9.35
CA MET D 481 -42.99 -16.98 -10.18
C MET D 481 -42.40 -15.82 -10.96
N GLY D 482 -42.99 -14.63 -10.83
CA GLY D 482 -42.42 -13.44 -11.45
C GLY D 482 -43.49 -12.70 -12.23
N ARG D 483 -43.63 -11.41 -12.00
CA ARG D 483 -44.67 -10.63 -12.65
C ARG D 483 -44.30 -10.35 -14.11
N VAL D 484 -45.27 -10.59 -14.99
CA VAL D 484 -45.09 -10.42 -16.42
C VAL D 484 -44.53 -9.03 -16.69
N ASN D 485 -43.50 -8.91 -17.54
CA ASN D 485 -42.81 -7.60 -17.70
C ASN D 485 -43.06 -6.86 -19.04
N TYR D 486 -43.88 -7.45 -19.87
CA TYR D 486 -44.09 -7.03 -21.25
C TYR D 486 -45.46 -7.53 -21.71
N GLY D 487 -46.07 -6.73 -22.57
CA GLY D 487 -47.41 -6.95 -23.02
C GLY D 487 -48.46 -6.18 -22.22
N ALA D 488 -49.71 -6.51 -22.52
CA ALA D 488 -50.89 -5.97 -21.87
C ALA D 488 -50.99 -6.38 -20.41
N TYR D 489 -50.60 -7.62 -20.09
CA TYR D 489 -50.95 -8.24 -18.78
C TYR D 489 -49.88 -8.07 -17.67
N ILE D 490 -49.28 -6.89 -17.64
CA ILE D 490 -48.30 -6.51 -16.61
C ILE D 490 -48.94 -6.16 -15.25
N ASN D 491 -50.27 -5.93 -15.23
CA ASN D 491 -51.05 -5.84 -13.96
C ASN D 491 -51.30 -7.23 -13.32
N ASP D 492 -50.22 -7.84 -12.88
CA ASP D 492 -50.16 -9.26 -12.59
C ASP D 492 -50.18 -9.43 -11.07
N PHE D 493 -51.37 -9.50 -10.48
CA PHE D 493 -51.57 -9.45 -9.01
C PHE D 493 -50.87 -10.59 -8.20
N LYS D 494 -51.07 -11.81 -8.66
CA LYS D 494 -50.51 -13.01 -8.02
C LYS D 494 -51.29 -13.53 -6.82
N GLY D 495 -51.25 -14.85 -6.67
CA GLY D 495 -51.94 -15.57 -5.63
C GLY D 495 -53.06 -16.42 -6.19
N LEU D 496 -54.07 -16.67 -5.38
CA LEU D 496 -55.31 -17.22 -5.90
C LEU D 496 -56.13 -16.00 -6.30
N VAL D 497 -56.14 -15.71 -7.57
CA VAL D 497 -56.74 -14.49 -8.10
C VAL D 497 -58.22 -14.65 -8.41
N SER D 498 -58.67 -15.91 -8.48
CA SER D 498 -60.08 -16.27 -8.58
C SER D 498 -60.33 -17.48 -7.68
N ASN D 499 -61.58 -17.97 -7.65
CA ASN D 499 -62.01 -18.99 -6.68
C ASN D 499 -61.52 -20.38 -7.04
N LEU D 500 -61.51 -21.25 -6.03
CA LEU D 500 -61.21 -22.67 -6.19
C LEU D 500 -62.46 -23.46 -5.91
N THR D 501 -62.74 -24.45 -6.75
CA THR D 501 -63.88 -25.32 -6.54
C THR D 501 -63.42 -26.73 -6.15
N LEU D 502 -64.19 -27.35 -5.24
CA LEU D 502 -64.06 -28.79 -4.91
C LEU D 502 -65.34 -29.55 -5.27
N SER D 503 -65.24 -30.54 -6.16
CA SER D 503 -66.41 -31.20 -6.71
C SER D 503 -67.41 -30.14 -7.14
N SER D 504 -66.89 -29.20 -7.94
CA SER D 504 -67.59 -28.04 -8.49
C SER D 504 -68.14 -27.02 -7.49
N ASN D 505 -68.04 -27.26 -6.19
CA ASN D 505 -68.49 -26.29 -5.21
C ASN D 505 -67.35 -25.35 -4.85
N ILE D 506 -67.70 -24.06 -4.80
CA ILE D 506 -66.77 -23.03 -4.46
C ILE D 506 -66.33 -23.23 -3.02
N LEU D 507 -65.00 -23.26 -2.85
CA LEU D 507 -64.36 -23.41 -1.57
C LEU D 507 -64.35 -22.06 -0.85
N THR D 508 -64.87 -22.02 0.36
CA THR D 508 -64.87 -20.78 1.10
C THR D 508 -64.23 -20.94 2.46
N ASP D 509 -64.12 -19.83 3.17
CA ASP D 509 -63.51 -19.74 4.48
C ASP D 509 -62.00 -20.09 4.46
N TRP D 510 -61.21 -19.05 4.21
CA TRP D 510 -59.77 -19.17 4.03
C TRP D 510 -58.99 -18.58 5.19
N THR D 511 -57.87 -19.22 5.50
CA THR D 511 -56.92 -18.75 6.48
C THR D 511 -55.61 -18.61 5.67
N ILE D 512 -55.16 -17.37 5.48
CA ILE D 512 -54.14 -17.07 4.47
C ILE D 512 -52.91 -16.57 5.21
N PHE D 513 -51.78 -17.26 5.01
CA PHE D 513 -50.54 -16.91 5.71
C PHE D 513 -49.52 -16.30 4.75
N PRO D 514 -49.31 -14.98 4.82
CA PRO D 514 -48.17 -14.39 4.12
C PRO D 514 -46.91 -14.93 4.77
N LEU D 515 -45.86 -15.24 3.99
CA LEU D 515 -44.64 -15.87 4.54
C LEU D 515 -43.41 -14.98 4.43
N ASP D 516 -42.82 -14.70 5.58
CA ASP D 516 -41.58 -13.95 5.71
C ASP D 516 -40.38 -14.91 5.48
N THR D 517 -40.22 -15.38 4.26
CA THR D 517 -39.21 -16.41 3.96
C THR D 517 -37.82 -15.91 4.24
N GLU D 518 -37.61 -14.64 3.96
CA GLU D 518 -36.26 -14.08 4.02
C GLU D 518 -35.77 -13.96 5.47
N ASP D 519 -36.61 -13.42 6.35
CA ASP D 519 -36.31 -13.38 7.81
C ASP D 519 -36.18 -14.76 8.40
N ALA D 520 -37.13 -15.64 8.09
CA ALA D 520 -37.10 -17.02 8.61
C ALA D 520 -35.80 -17.71 8.22
N VAL D 521 -35.38 -17.51 6.99
CA VAL D 521 -34.17 -18.20 6.57
C VAL D 521 -32.99 -17.57 7.27
N ARG D 522 -32.94 -16.25 7.31
CA ARG D 522 -31.84 -15.59 8.02
C ARG D 522 -31.73 -16.08 9.47
N SER D 523 -32.87 -16.38 10.09
CA SER D 523 -32.90 -16.84 11.48
C SER D 523 -32.83 -18.34 11.63
N HIS D 524 -32.49 -19.08 10.57
CA HIS D 524 -32.44 -20.54 10.56
C HIS D 524 -33.77 -21.12 11.02
N LEU D 525 -34.84 -20.51 10.53
CA LEU D 525 -36.19 -20.94 10.81
C LEU D 525 -36.47 -20.88 12.32
N GLY D 526 -36.02 -19.79 12.94
CA GLY D 526 -36.25 -19.54 14.35
C GLY D 526 -35.30 -20.26 15.30
N GLY D 527 -34.81 -21.44 14.91
CA GLY D 527 -33.85 -22.20 15.69
C GLY D 527 -32.48 -21.52 15.71
N TRP D 528 -32.40 -20.43 16.48
CA TRP D 528 -31.17 -19.66 16.67
C TRP D 528 -30.44 -20.13 17.94
N GLY D 529 -29.14 -19.83 18.03
CA GLY D 529 -28.36 -20.15 19.24
C GLY D 529 -28.34 -21.63 19.55
N ASN D 546 -45.13 -37.98 -7.73
CA ASN D 546 -44.52 -38.22 -6.44
C ASN D 546 -43.83 -36.97 -5.84
N TYR D 547 -44.18 -36.67 -4.60
CA TYR D 547 -43.98 -35.36 -4.01
C TYR D 547 -43.59 -35.48 -2.56
N THR D 548 -42.88 -34.48 -2.04
CA THR D 548 -42.71 -34.23 -0.60
C THR D 548 -43.29 -32.85 -0.20
N LEU D 549 -43.60 -32.68 1.06
CA LEU D 549 -44.04 -31.40 1.58
C LEU D 549 -42.95 -30.35 1.40
N PRO D 550 -43.33 -29.17 0.85
CA PRO D 550 -42.44 -28.03 0.87
C PRO D 550 -41.78 -27.86 2.24
N ALA D 551 -40.47 -27.74 2.22
CA ALA D 551 -39.66 -27.83 3.42
C ALA D 551 -38.28 -27.23 3.16
N PHE D 552 -37.72 -26.72 4.24
CA PHE D 552 -36.41 -26.12 4.28
C PHE D 552 -35.40 -27.17 4.74
N TYR D 553 -34.29 -27.21 4.01
CA TYR D 553 -33.15 -28.05 4.27
C TYR D 553 -31.92 -27.17 4.42
N MET D 554 -31.07 -27.52 5.39
CA MET D 554 -29.95 -26.73 5.74
C MET D 554 -28.67 -27.56 5.94
N GLY D 555 -27.56 -26.96 5.57
CA GLY D 555 -26.24 -27.56 5.86
C GLY D 555 -25.15 -26.50 5.81
N ASN D 556 -23.94 -26.93 6.14
CA ASN D 556 -22.79 -26.10 6.40
C ASN D 556 -21.56 -26.53 5.62
N PHE D 557 -20.66 -25.61 5.34
CA PHE D 557 -19.35 -25.91 4.82
C PHE D 557 -18.40 -24.76 5.19
N SER D 558 -17.15 -25.14 5.46
CA SER D 558 -16.15 -24.22 5.90
C SER D 558 -15.16 -24.03 4.78
N ILE D 559 -14.49 -22.90 4.78
CA ILE D 559 -13.46 -22.56 3.79
C ILE D 559 -12.33 -22.04 4.63
N PRO D 560 -11.08 -22.48 4.34
CA PRO D 560 -9.95 -22.07 5.16
C PRO D 560 -9.65 -20.61 5.01
N SER D 561 -9.36 -20.00 6.14
CA SER D 561 -8.85 -18.66 6.14
C SER D 561 -7.34 -18.65 5.85
N GLY D 562 -6.83 -17.46 5.55
CA GLY D 562 -5.41 -17.26 5.30
C GLY D 562 -4.90 -17.94 4.03
N ILE D 563 -5.79 -18.10 3.07
CA ILE D 563 -5.45 -18.65 1.75
C ILE D 563 -5.70 -17.49 0.78
N PRO D 564 -4.67 -16.94 0.17
CA PRO D 564 -4.91 -15.69 -0.55
C PRO D 564 -5.93 -15.73 -1.68
N ASP D 565 -6.19 -16.91 -2.22
CA ASP D 565 -7.02 -17.11 -3.37
C ASP D 565 -8.35 -17.84 -2.99
N LEU D 566 -8.71 -17.83 -1.70
CA LEU D 566 -10.00 -18.37 -1.25
C LEU D 566 -10.61 -17.37 -0.30
N PRO D 567 -11.94 -17.21 -0.37
CA PRO D 567 -12.84 -17.94 -1.24
C PRO D 567 -12.81 -17.52 -2.71
N GLN D 568 -13.33 -18.42 -3.55
CA GLN D 568 -13.58 -18.16 -4.95
C GLN D 568 -15.07 -18.30 -5.31
N ASP D 569 -15.46 -17.60 -6.40
CA ASP D 569 -16.73 -17.82 -7.08
C ASP D 569 -16.94 -19.30 -7.37
N THR D 570 -18.21 -19.75 -7.38
CA THR D 570 -18.53 -21.13 -7.64
C THR D 570 -19.94 -21.21 -8.25
N PHE D 571 -20.34 -22.41 -8.64
CA PHE D 571 -21.68 -22.66 -9.17
C PHE D 571 -22.36 -23.74 -8.35
N ILE D 572 -23.53 -23.44 -7.83
CA ILE D 572 -24.24 -24.43 -7.04
C ILE D 572 -25.24 -25.20 -7.90
N GLN D 573 -25.32 -26.49 -7.64
CA GLN D 573 -26.06 -27.48 -8.43
C GLN D 573 -26.86 -28.40 -7.50
N PHE D 574 -28.01 -28.87 -7.97
CA PHE D 574 -28.96 -29.62 -7.16
C PHE D 574 -29.37 -30.99 -7.76
N PRO D 575 -28.41 -31.92 -7.96
CA PRO D 575 -28.77 -33.24 -8.53
C PRO D 575 -29.76 -33.97 -7.60
N GLY D 576 -30.83 -34.51 -8.14
CA GLY D 576 -31.87 -35.13 -7.27
C GLY D 576 -33.01 -34.25 -6.78
N TRP D 577 -32.82 -32.93 -6.72
CA TRP D 577 -33.87 -31.98 -6.23
C TRP D 577 -34.80 -31.65 -7.39
N THR D 578 -35.85 -30.84 -7.21
CA THR D 578 -36.84 -30.64 -8.28
C THR D 578 -37.10 -29.15 -8.56
N LYS D 579 -37.55 -28.41 -7.56
CA LYS D 579 -37.83 -27.01 -7.74
C LYS D 579 -37.79 -26.26 -6.44
N GLY D 580 -37.14 -25.10 -6.45
CA GLY D 580 -37.06 -24.32 -5.25
C GLY D 580 -36.20 -23.07 -5.28
N GLN D 581 -35.95 -22.61 -4.05
CA GLN D 581 -35.26 -21.38 -3.74
C GLN D 581 -34.04 -21.72 -2.94
N VAL D 582 -32.98 -20.90 -3.05
CA VAL D 582 -31.71 -21.19 -2.37
C VAL D 582 -31.04 -19.91 -1.81
N TRP D 583 -30.62 -19.99 -0.56
CA TRP D 583 -29.88 -18.92 0.10
C TRP D 583 -28.58 -19.49 0.59
N ILE D 584 -27.51 -18.69 0.52
CA ILE D 584 -26.27 -19.07 1.14
C ILE D 584 -25.97 -17.92 2.06
N ASN D 585 -25.62 -18.20 3.31
CA ASN D 585 -25.50 -17.15 4.36
C ASN D 585 -26.64 -16.09 4.42
N GLY D 586 -27.86 -16.55 4.23
CA GLY D 586 -29.03 -15.69 4.19
C GLY D 586 -29.28 -14.94 2.88
N PHE D 587 -28.32 -14.94 1.95
CA PHE D 587 -28.45 -14.24 0.65
C PHE D 587 -29.19 -15.11 -0.36
N ASN D 588 -30.32 -14.61 -0.85
CA ASN D 588 -31.16 -15.35 -1.74
C ASN D 588 -30.60 -15.28 -3.15
N LEU D 589 -29.95 -16.37 -3.54
CA LEU D 589 -29.34 -16.49 -4.86
C LEU D 589 -30.33 -16.71 -6.00
N GLY D 590 -31.60 -16.92 -5.70
CA GLY D 590 -32.62 -17.15 -6.73
C GLY D 590 -33.29 -18.51 -6.68
N ARG D 591 -33.86 -18.88 -7.82
CA ARG D 591 -34.60 -20.13 -7.98
C ARG D 591 -33.86 -21.22 -8.77
N TYR D 592 -34.03 -22.47 -8.33
CA TYR D 592 -33.59 -23.63 -9.07
C TYR D 592 -34.76 -24.47 -9.58
N TRP D 593 -34.55 -25.08 -10.74
CA TRP D 593 -35.55 -25.91 -11.40
C TRP D 593 -34.90 -26.90 -12.36
N PRO D 594 -34.09 -27.81 -11.81
CA PRO D 594 -33.43 -28.81 -12.64
C PRO D 594 -34.42 -29.77 -13.29
N ALA D 595 -35.62 -29.88 -12.74
CA ALA D 595 -36.67 -30.62 -13.44
C ALA D 595 -36.97 -29.99 -14.80
N ARG D 596 -36.89 -28.66 -14.99
CA ARG D 596 -37.25 -28.07 -16.32
C ARG D 596 -36.07 -27.64 -17.21
N GLY D 597 -35.00 -27.14 -16.62
CA GLY D 597 -33.91 -26.56 -17.42
C GLY D 597 -34.32 -25.28 -18.15
N PRO D 598 -33.44 -24.73 -18.99
CA PRO D 598 -32.08 -25.13 -19.35
C PRO D 598 -31.03 -24.92 -18.26
N GLN D 599 -31.32 -24.00 -17.33
CA GLN D 599 -30.44 -23.70 -16.21
C GLN D 599 -30.41 -24.79 -15.17
N LEU D 600 -29.26 -25.38 -14.96
CA LEU D 600 -29.06 -26.33 -13.89
C LEU D 600 -28.26 -25.67 -12.74
N THR D 601 -27.19 -24.94 -13.04
CA THR D 601 -26.45 -24.24 -11.97
C THR D 601 -26.86 -22.78 -11.75
N LEU D 602 -26.69 -22.37 -10.49
CA LEU D 602 -26.85 -21.02 -10.07
C LEU D 602 -25.49 -20.47 -9.69
N PHE D 603 -25.23 -19.24 -10.14
CA PHE D 603 -23.99 -18.46 -9.81
C PHE D 603 -23.94 -18.01 -8.34
N VAL D 604 -22.81 -18.31 -7.69
CA VAL D 604 -22.58 -17.87 -6.33
C VAL D 604 -21.34 -16.96 -6.31
N PRO D 605 -21.50 -15.69 -5.94
CA PRO D 605 -20.33 -14.82 -5.95
C PRO D 605 -19.58 -14.93 -4.61
N GLN D 606 -18.25 -14.88 -4.69
CA GLN D 606 -17.42 -15.25 -3.55
C GLN D 606 -17.56 -14.31 -2.39
N HIS D 607 -17.94 -13.06 -2.62
CA HIS D 607 -17.93 -12.09 -1.50
C HIS D 607 -18.93 -12.39 -0.40
N ILE D 608 -19.93 -13.22 -0.68
CA ILE D 608 -20.89 -13.63 0.36
C ILE D 608 -20.43 -14.88 1.14
N LEU D 609 -19.27 -15.43 0.78
CA LEU D 609 -18.74 -16.64 1.42
C LEU D 609 -17.68 -16.24 2.40
N MET D 610 -17.64 -16.92 3.54
CA MET D 610 -16.73 -16.51 4.61
C MET D 610 -15.81 -17.62 5.02
N THR D 611 -14.81 -17.24 5.80
CA THR D 611 -13.79 -18.17 6.28
C THR D 611 -13.65 -18.13 7.83
N SER D 612 -14.26 -17.15 8.47
CA SER D 612 -14.14 -16.94 9.90
C SER D 612 -15.17 -17.80 10.66
N ALA D 613 -16.25 -18.22 10.03
CA ALA D 613 -17.25 -19.14 10.59
C ALA D 613 -17.85 -19.95 9.44
N PRO D 614 -18.63 -21.01 9.74
CA PRO D 614 -19.11 -21.82 8.63
C PRO D 614 -20.16 -21.12 7.77
N ASN D 615 -20.23 -21.48 6.49
CA ASN D 615 -21.22 -20.97 5.53
C ASN D 615 -22.45 -21.88 5.53
N THR D 616 -23.62 -21.31 5.40
CA THR D 616 -24.86 -22.05 5.56
C THR D 616 -25.52 -21.98 4.23
N ILE D 617 -26.00 -23.13 3.77
CA ILE D 617 -26.86 -23.23 2.60
C ILE D 617 -28.23 -23.63 3.11
N THR D 618 -29.26 -22.92 2.65
CA THR D 618 -30.64 -23.30 2.90
C THR D 618 -31.36 -23.49 1.60
N VAL D 619 -32.09 -24.60 1.51
CA VAL D 619 -32.92 -24.88 0.35
C VAL D 619 -34.35 -24.97 0.82
N LEU D 620 -35.21 -24.28 0.08
CA LEU D 620 -36.65 -24.49 0.08
C LEU D 620 -37.07 -25.31 -1.18
N GLU D 621 -37.24 -26.61 -0.98
CA GLU D 621 -37.68 -27.52 -2.02
C GLU D 621 -39.20 -27.57 -1.99
N LEU D 622 -39.79 -27.36 -3.16
CA LEU D 622 -41.24 -27.19 -3.24
C LEU D 622 -41.96 -28.45 -3.69
N GLU D 623 -41.28 -29.32 -4.44
CA GLU D 623 -41.88 -30.46 -5.07
C GLU D 623 -41.40 -31.78 -4.50
N TRP D 624 -40.10 -32.05 -4.59
CA TRP D 624 -39.55 -33.38 -4.23
C TRP D 624 -38.07 -33.28 -3.81
N ALA D 625 -37.77 -33.72 -2.59
CA ALA D 625 -36.44 -33.60 -2.01
C ALA D 625 -35.81 -34.98 -1.91
N PRO D 626 -34.52 -35.11 -2.26
CA PRO D 626 -33.94 -36.43 -2.28
C PRO D 626 -33.41 -36.79 -0.90
N CYS D 627 -34.28 -36.73 0.11
CA CYS D 627 -33.87 -36.82 1.50
C CYS D 627 -34.77 -37.76 2.34
N SER D 628 -35.38 -38.74 1.70
CA SER D 628 -36.22 -39.69 2.46
C SER D 628 -35.40 -40.95 2.64
N SER D 629 -34.64 -41.32 1.61
CA SER D 629 -33.75 -42.47 1.61
C SER D 629 -32.95 -42.61 2.90
N ASP D 630 -32.62 -43.85 3.27
CA ASP D 630 -31.75 -44.11 4.40
C ASP D 630 -30.34 -43.53 4.17
N ASP D 631 -30.11 -42.87 3.02
CA ASP D 631 -28.79 -42.34 2.67
C ASP D 631 -28.75 -40.81 2.75
N PRO D 632 -28.40 -40.28 3.93
CA PRO D 632 -28.18 -38.82 4.11
C PRO D 632 -27.29 -38.18 3.05
N GLU D 633 -26.42 -38.99 2.46
CA GLU D 633 -25.47 -38.52 1.45
C GLU D 633 -26.15 -38.09 0.12
N LEU D 634 -27.40 -38.51 -0.10
CA LEU D 634 -28.21 -38.04 -1.24
C LEU D 634 -28.88 -36.67 -0.99
N CYS D 635 -29.12 -36.35 0.28
CA CYS D 635 -29.64 -35.05 0.68
C CYS D 635 -28.50 -34.03 0.71
N ALA D 636 -28.21 -33.47 -0.45
CA ALA D 636 -26.96 -32.77 -0.70
C ALA D 636 -26.97 -31.90 -1.98
N VAL D 637 -26.29 -30.77 -1.98
CA VAL D 637 -26.11 -30.02 -3.22
C VAL D 637 -24.65 -30.16 -3.55
N THR D 638 -24.27 -29.74 -4.75
CA THR D 638 -22.86 -29.78 -5.15
C THR D 638 -22.42 -28.43 -5.72
N PHE D 639 -21.21 -28.02 -5.36
CA PHE D 639 -20.59 -26.88 -5.96
C PHE D 639 -19.59 -27.35 -7.01
N VAL D 640 -19.73 -26.83 -8.23
CA VAL D 640 -18.87 -27.16 -9.35
C VAL D 640 -18.15 -25.88 -9.85
N ASP D 641 -17.15 -26.06 -10.68
CA ASP D 641 -16.39 -24.88 -11.16
C ASP D 641 -16.78 -24.37 -12.57
N ARG D 642 -17.79 -24.99 -13.20
CA ARG D 642 -18.34 -24.50 -14.47
C ARG D 642 -19.88 -24.38 -14.46
N PRO D 643 -20.42 -23.40 -15.21
CA PRO D 643 -21.86 -23.27 -15.29
C PRO D 643 -22.49 -24.29 -16.21
N VAL D 644 -23.74 -24.67 -15.89
CA VAL D 644 -24.58 -25.41 -16.82
C VAL D 644 -25.89 -24.64 -16.94
N ILE D 645 -25.95 -23.75 -17.92
CA ILE D 645 -27.12 -22.90 -18.21
C ILE D 645 -27.79 -23.20 -19.55
N GLY D 646 -27.26 -24.23 -20.22
CA GLY D 646 -27.71 -24.65 -21.53
C GLY D 646 -27.92 -26.14 -21.70
N SER D 647 -28.43 -26.79 -20.64
CA SER D 647 -28.88 -28.19 -20.71
C SER D 647 -30.12 -28.27 -21.60
N SER D 648 -30.34 -29.43 -22.25
CA SER D 648 -31.43 -29.57 -23.24
C SER D 648 -32.78 -29.74 -22.56
C1 NAG E . 45.25 -12.85 -25.96
C2 NAG E . 44.65 -14.21 -26.37
C3 NAG E . 45.69 -15.15 -26.96
C4 NAG E . 46.55 -14.41 -28.00
C5 NAG E . 47.01 -13.06 -27.49
C6 NAG E . 47.71 -12.30 -28.61
C7 NAG E . 42.80 -14.70 -24.90
C8 NAG E . 42.39 -15.26 -23.58
N2 NAG E . 44.10 -14.76 -25.15
O3 NAG E . 44.99 -16.18 -27.61
O4 NAG E . 47.69 -15.17 -28.32
O5 NAG E . 45.95 -12.26 -27.03
O6 NAG E . 48.55 -11.33 -28.03
O7 NAG E . 41.99 -14.23 -25.70
C1 NAG F . 49.81 -11.42 -4.09
C2 NAG F . 49.45 -12.39 -2.98
C3 NAG F . 50.37 -12.14 -1.79
C4 NAG F . 51.79 -12.40 -2.17
C5 NAG F . 52.21 -11.63 -3.40
C6 NAG F . 53.32 -12.53 -3.97
C7 NAG F . 47.00 -12.71 -2.89
C8 NAG F . 45.71 -12.16 -2.38
N2 NAG F . 48.10 -12.01 -2.58
O3 NAG F . 50.04 -13.04 -0.77
O4 NAG F . 52.72 -11.93 -1.21
O5 NAG F . 51.19 -11.35 -4.38
O6 NAG F . 54.26 -11.64 -4.45
O7 NAG F . 47.02 -13.73 -3.55
C1 NAG G . 8.30 4.98 -11.70
C2 NAG G . 8.62 6.39 -12.21
C3 NAG G . 9.65 6.96 -11.22
C4 NAG G . 8.90 7.25 -9.92
C5 NAG G . 8.11 6.00 -9.45
C6 NAG G . 6.91 6.38 -8.57
C7 NAG G . 7.74 6.50 -14.51
C8 NAG G . 7.91 6.54 -16.00
N2 NAG G . 8.81 6.45 -13.67
O3 NAG G . 10.26 8.17 -11.59
O4 NAG G . 9.74 7.71 -8.90
O5 NAG G . 7.61 5.15 -10.49
O6 NAG G . 6.27 5.20 -8.15
O7 NAG G . 6.59 6.50 -14.10
C1 NAG H . 17.37 -55.58 -3.16
C2 NAG H . 17.00 -56.49 -4.31
C3 NAG H . 16.67 -57.88 -3.76
C4 NAG H . 17.87 -58.39 -2.95
C5 NAG H . 18.06 -57.42 -1.78
C6 NAG H . 19.14 -57.92 -0.83
C7 NAG H . 15.88 -55.28 -6.14
C8 NAG H . 14.59 -54.67 -6.62
N2 NAG H . 15.85 -55.85 -4.93
O3 NAG H . 16.34 -58.73 -4.82
O4 NAG H . 17.72 -59.69 -2.44
O5 NAG H . 18.36 -56.12 -2.31
O6 NAG H . 19.35 -56.97 0.20
O7 NAG H . 16.88 -55.25 -6.85
C1 GAL I . 21.22 -34.29 0.47
C2 GAL I . 21.28 -33.14 1.48
C3 GAL I . 20.16 -32.11 1.24
C4 GAL I . 20.22 -31.73 -0.21
C5 GAL I . 19.94 -32.98 -1.06
C6 GAL I . 19.80 -32.66 -2.56
O1 GAL I . 22.43 -35.05 0.65
O2 GAL I . 21.17 -33.75 2.76
O3 GAL I . 20.29 -30.95 2.07
O4 GAL I . 21.51 -31.19 -0.54
O5 GAL I . 21.05 -33.85 -0.87
O6 GAL I . 18.59 -31.93 -2.91
CL CL J . 14.05 -30.55 5.26
S SO4 K . -10.62 -39.21 -3.32
O1 SO4 K . -10.50 -38.07 -2.38
O2 SO4 K . -9.34 -39.48 -4.04
O3 SO4 K . -11.00 -40.41 -2.54
O4 SO4 K . -11.66 -38.83 -4.31
S SO4 L . 36.05 -25.77 -7.44
O1 SO4 L . 35.00 -25.60 -6.40
O2 SO4 L . 36.74 -27.05 -7.12
O3 SO4 L . 35.55 -25.87 -8.82
O4 SO4 L . 36.94 -24.59 -7.44
C1 EDO M . 18.94 -40.69 -5.24
O1 EDO M . 18.37 -39.48 -5.76
C2 EDO M . 18.64 -41.85 -6.19
O2 EDO M . 18.92 -43.06 -5.53
C1 EDO N . 21.31 -13.15 0.60
O1 EDO N . 20.49 -13.98 -0.24
C2 EDO N . 20.70 -11.74 0.70
O2 EDO N . 20.68 -11.43 2.09
C1 NAG O . -41.51 7.97 33.00
C2 NAG O . -40.79 9.05 33.76
C3 NAG O . -41.50 9.46 35.03
C4 NAG O . -42.96 9.74 34.79
C5 NAG O . -43.58 8.59 34.05
C6 NAG O . -44.96 9.01 33.60
C7 NAG O . -38.40 8.74 33.38
C8 NAG O . -37.19 8.06 33.86
N2 NAG O . -39.49 8.49 34.12
O3 NAG O . -40.93 10.67 35.46
O4 NAG O . -43.56 9.87 36.05
O5 NAG O . -42.86 8.34 32.89
O6 NAG O . -45.71 7.84 33.76
O7 NAG O . -38.42 9.45 32.35
C1 NAG P . -33.23 -12.46 37.01
C2 NAG P . -31.99 -12.83 37.78
C3 NAG P . -32.07 -14.27 38.22
C4 NAG P . -33.26 -14.45 39.11
C5 NAG P . -34.54 -13.96 38.47
C6 NAG P . -35.35 -13.44 39.64
C7 NAG P . -30.10 -11.78 36.69
C8 NAG P . -29.10 -11.81 35.56
N2 NAG P . -30.95 -12.78 36.77
O3 NAG P . -30.96 -14.53 39.00
O4 NAG P . -33.47 -15.82 39.41
O5 NAG P . -34.48 -12.90 37.57
O6 NAG P . -36.51 -14.16 39.53
O7 NAG P . -30.13 -10.85 37.48
C1 NAG Q . -14.56 3.97 -0.71
C2 NAG Q . -15.95 3.39 -1.03
C3 NAG Q . -15.99 1.87 -1.30
C4 NAG Q . -14.82 1.37 -2.13
C5 NAG Q . -13.48 2.01 -1.69
C6 NAG Q . -12.38 1.68 -2.70
C7 NAG Q . -17.40 4.84 0.22
C8 NAG Q . -18.22 5.04 1.46
N2 NAG Q . -16.78 3.68 0.10
O3 NAG Q . -17.18 1.50 -1.97
O4 NAG Q . -14.80 -0.03 -2.00
O5 NAG Q . -13.58 3.43 -1.58
O6 NAG Q . -11.15 2.13 -2.18
O7 NAG Q . -17.30 5.70 -0.67
C1 NAG R . 9.19 17.81 54.96
C2 NAG R . 9.19 19.31 55.21
C3 NAG R . 10.14 19.74 56.34
C4 NAG R . 10.12 18.77 57.51
C5 NAG R . 10.19 17.33 57.04
C6 NAG R . 10.10 16.39 58.23
C7 NAG R . 8.68 20.41 53.11
C8 NAG R . 9.21 21.13 51.91
N2 NAG R . 9.58 20.01 54.00
O3 NAG R . 9.76 21.03 56.76
O4 NAG R . 11.23 19.01 58.33
O5 NAG R . 9.11 17.06 56.17
O6 NAG R . 10.35 15.10 57.72
O7 NAG R . 7.47 20.21 53.21
CL CL S . 5.62 2.20 33.41
S SO4 T . 21.86 23.09 25.49
O1 SO4 T . 20.77 24.09 25.62
O2 SO4 T . 21.42 21.93 24.66
O3 SO4 T . 23.03 23.70 24.81
O4 SO4 T . 22.25 22.59 26.82
S SO4 U . -19.40 1.64 40.70
O1 SO4 U . -19.56 1.29 42.13
O2 SO4 U . -17.93 1.53 40.50
O3 SO4 U . -20.16 0.73 39.79
O4 SO4 U . -19.95 2.97 40.41
C1 EDO V . 1.05 11.99 45.31
O1 EDO V . 1.24 10.91 44.37
C2 EDO V . 1.65 13.32 44.80
O2 EDO V . 0.78 14.41 45.04
C1 EDO W . -9.15 -4.73 21.55
O1 EDO W . -10.08 -4.27 20.57
C2 EDO W . -9.51 -4.04 22.85
O2 EDO W . -9.01 -2.71 22.92
C1 GAL X . -0.29 4.57 40.07
C2 GAL X . -0.36 3.23 39.29
C3 GAL X . -0.29 3.51 37.76
C4 GAL X . -1.32 4.58 37.34
C5 GAL X . -1.06 5.83 38.21
C6 GAL X . -1.95 7.06 37.95
O1 GAL X . -0.64 4.42 41.42
O2 GAL X . 0.66 2.32 39.72
O3 GAL X . -0.35 2.31 37.04
O4 GAL X . -2.69 4.17 37.54
O5 GAL X . -1.25 5.45 39.56
O6 GAL X . -1.81 7.57 36.61
C1 NAG Y . 51.18 49.06 -4.18
C2 NAG Y . 50.11 50.02 -3.62
C3 NAG Y . 50.53 51.50 -3.54
C4 NAG Y . 52.01 51.64 -3.24
C5 NAG Y . 52.78 50.86 -4.29
C6 NAG Y . 54.30 51.10 -4.26
C7 NAG Y . 48.16 48.80 -4.51
C8 NAG Y . 46.93 48.82 -5.39
N2 NAG Y . 48.90 49.90 -4.44
O3 NAG Y . 49.78 52.16 -2.54
O4 NAG Y . 52.38 53.00 -3.27
O5 NAG Y . 52.52 49.50 -4.06
O6 NAG Y . 54.75 51.47 -2.97
O7 NAG Y . 48.43 47.76 -3.90
C1 NAG Z . 50.34 38.41 -24.76
C2 NAG Z . 49.30 38.10 -25.87
C3 NAG Z . 49.93 37.69 -27.19
C4 NAG Z . 51.02 38.69 -27.58
C5 NAG Z . 52.04 38.69 -26.47
C6 NAG Z . 53.30 39.50 -26.81
C7 NAG Z . 47.24 37.34 -24.78
C8 NAG Z . 46.33 36.19 -24.39
N2 NAG Z . 48.36 37.06 -25.45
O3 NAG Z . 48.91 37.58 -28.16
O4 NAG Z . 51.64 38.31 -28.79
O5 NAG Z . 51.44 39.15 -25.27
O6 NAG Z . 53.03 40.88 -26.75
O7 NAG Z . 46.95 38.51 -24.49
C1 NAG AA . 33.55 13.02 11.20
C2 NAG AA . 35.00 12.47 11.19
C3 NAG AA . 35.55 12.30 12.60
C4 NAG AA . 35.38 13.58 13.47
C5 NAG AA . 33.96 14.13 13.32
C6 NAG AA . 33.85 15.48 14.03
C7 NAG AA . 35.62 11.18 9.24
C8 NAG AA . 35.73 9.86 8.53
N2 NAG AA . 35.13 11.22 10.44
O3 NAG AA . 36.89 11.94 12.43
O4 NAG AA . 35.59 13.38 14.86
O5 NAG AA . 33.61 14.24 11.94
O6 NAG AA . 32.50 15.77 14.21
O7 NAG AA . 35.96 12.18 8.67
C1 NAG BA . -2.14 53.37 -19.82
C2 NAG BA . -2.73 54.20 -18.68
C3 NAG BA . -4.01 54.91 -19.06
C4 NAG BA . -3.82 55.65 -20.36
C5 NAG BA . -3.14 54.78 -21.44
C6 NAG BA . -2.95 55.55 -22.72
C7 NAG BA . -2.40 53.38 -16.39
C8 NAG BA . -2.80 52.41 -15.32
N2 NAG BA . -3.05 53.34 -17.55
O3 NAG BA . -4.28 55.81 -18.02
O4 NAG BA . -5.14 55.82 -20.80
O5 NAG BA . -1.93 54.15 -21.03
O6 NAG BA . -2.54 54.61 -23.69
O7 NAG BA . -1.48 54.18 -16.19
CL CL CA . 9.86 29.70 -18.64
C1 GAL DA . 13.46 37.99 -19.44
C2 GAL DA . 14.23 36.86 -20.06
C3 GAL DA . 14.18 35.70 -19.05
C4 GAL DA . 14.76 36.21 -17.75
C5 GAL DA . 14.04 37.48 -17.26
C6 GAL DA . 14.58 38.10 -16.00
O1 GAL DA . 13.35 39.06 -20.32
O2 GAL DA . 13.56 36.49 -21.23
O3 GAL DA . 14.94 34.62 -19.52
O4 GAL DA . 16.11 36.53 -18.00
O5 GAL DA . 14.11 38.44 -18.28
O6 GAL DA . 14.54 37.20 -14.93
S SO4 EA . -10.53 28.53 -0.64
O1 SO4 EA . -10.81 27.17 -1.18
O2 SO4 EA . -10.44 29.56 -1.74
O3 SO4 EA . -11.66 28.94 0.21
O4 SO4 EA . -9.30 28.50 0.21
S SO4 FA . 31.69 43.15 -19.28
O1 SO4 FA . 31.62 43.69 -17.90
O2 SO4 FA . 33.05 42.55 -19.44
O3 SO4 FA . 30.65 42.11 -19.54
O4 SO4 FA . 31.42 44.23 -20.28
C1 EDO GA . 7.54 46.39 -15.63
O1 EDO GA . 8.35 45.94 -16.70
C2 EDO GA . 8.04 45.67 -14.41
O2 EDO GA . 8.97 46.55 -13.79
C1 EDO HA . 27.63 23.23 -14.21
O1 EDO HA . 26.97 23.71 -13.03
C2 EDO HA . 27.52 21.70 -14.35
O2 EDO HA . 28.62 21.05 -13.75
C1 NAG IA . -59.30 -38.16 -10.89
C2 NAG IA . -60.25 -38.12 -12.12
C3 NAG IA . -59.62 -38.29 -13.50
C4 NAG IA . -58.16 -37.88 -13.49
C5 NAG IA . -57.51 -38.55 -12.29
C6 NAG IA . -55.98 -38.62 -12.35
C7 NAG IA . -62.57 -38.89 -11.93
C8 NAG IA . -63.50 -40.05 -11.81
N2 NAG IA . -61.26 -39.15 -12.00
O3 NAG IA . -60.31 -37.56 -14.50
O4 NAG IA . -57.59 -38.28 -14.71
O5 NAG IA . -57.95 -37.83 -11.17
O6 NAG IA . -55.50 -37.78 -13.37
O7 NAG IA . -63.03 -37.75 -11.95
C1 NAG JA . -65.69 -15.97 -5.67
C2 NAG JA . -65.36 -14.51 -6.00
C3 NAG JA . -66.40 -13.44 -5.58
C4 NAG JA . -67.87 -13.85 -5.56
C5 NAG JA . -68.17 -15.37 -5.52
C6 NAG JA . -69.23 -15.60 -6.60
C7 NAG JA . -62.93 -14.26 -6.30
C8 NAG JA . -61.63 -13.79 -5.73
N2 NAG JA . -64.02 -14.10 -5.55
O3 NAG JA . -66.34 -12.40 -6.53
O4 NAG JA . -68.55 -13.16 -4.52
O5 NAG JA . -67.10 -16.29 -5.70
O6 NAG JA . -69.92 -16.83 -6.48
O7 NAG JA . -62.94 -14.78 -7.41
C1 NAG KA . -22.51 -26.63 10.71
C2 NAG KA . -23.57 -27.18 11.66
C3 NAG KA . -23.29 -28.63 12.02
C4 NAG KA . -23.04 -29.46 10.76
C5 NAG KA . -22.01 -28.78 9.86
C6 NAG KA . -21.81 -29.57 8.58
C7 NAG KA . -24.58 -25.49 13.09
C8 NAG KA . -24.39 -24.59 14.28
N2 NAG KA . -23.61 -26.37 12.88
O3 NAG KA . -24.41 -29.18 12.73
O4 NAG KA . -22.55 -30.76 11.14
O5 NAG KA . -22.46 -27.46 9.55
O6 NAG KA . -20.54 -30.21 8.60
O7 NAG KA . -25.56 -25.41 12.37
C1 NAG LA . -31.62 -4.37 -46.92
C2 NAG LA . -30.84 -5.31 -47.83
C3 NAG LA . -30.42 -4.64 -49.13
C4 NAG LA . -31.59 -3.91 -49.83
C5 NAG LA . -32.28 -3.02 -48.78
C6 NAG LA . -33.51 -2.29 -49.29
C7 NAG LA . -29.48 -7.02 -46.82
C8 NAG LA . -28.18 -7.40 -46.18
N2 NAG LA . -29.63 -5.76 -47.19
O3 NAG LA . -29.88 -5.66 -49.91
O4 NAG LA . -31.00 -3.04 -50.79
O5 NAG LA . -32.67 -3.74 -47.64
O6 NAG LA . -33.92 -1.46 -48.20
O7 NAG LA . -30.34 -7.88 -47.02
CL CL MA . -29.81 -1.03 -20.60
C1 GAL NA . -36.35 -4.94 -25.50
C2 GAL NA . -36.69 -4.31 -24.17
C3 GAL NA . -35.67 -4.78 -23.11
C4 GAL NA . -35.50 -6.30 -23.13
C5 GAL NA . -35.34 -6.82 -24.58
C6 GAL NA . -35.23 -8.34 -24.73
O1 GAL NA . -37.18 -4.43 -26.50
O2 GAL NA . -36.65 -2.89 -24.32
O3 GAL NA . -36.05 -4.27 -21.83
O4 GAL NA . -36.64 -6.92 -22.62
O5 GAL NA . -36.43 -6.35 -25.34
O6 GAL NA . -34.14 -8.89 -24.03
S SO4 OA . -4.06 -6.13 -29.23
O1 SO4 OA . -3.82 -7.26 -28.30
O2 SO4 OA . -2.97 -6.03 -30.22
O3 SO4 OA . -5.32 -6.33 -29.98
O4 SO4 OA . -4.10 -4.86 -28.45
S SO4 PA . -51.04 -14.73 -19.40
O1 SO4 PA . -51.78 -15.58 -18.43
O2 SO4 PA . -49.88 -15.50 -19.84
O3 SO4 PA . -51.86 -14.33 -20.57
O4 SO4 PA . -50.45 -13.47 -18.83
C1 EDO QA . -34.06 -8.27 -35.09
O1 EDO QA . -34.59 -7.46 -34.04
C2 EDO QA . -33.48 -9.51 -34.50
O2 EDO QA . -33.93 -10.61 -35.29
C1 EDO RA . -37.51 -9.36 -4.85
O1 EDO RA . -36.53 -10.06 -5.62
C2 EDO RA . -37.19 -9.58 -3.35
O2 EDO RA . -36.49 -8.43 -2.88
#